data_9DT6
#
_entry.id   9DT6
#
_cell.length_a   92.941
_cell.length_b   80.064
_cell.length_c   115.788
_cell.angle_alpha   90.00
_cell.angle_beta   90.18
_cell.angle_gamma   90.00
#
_symmetry.space_group_name_H-M   'P 1 21 1'
#
loop_
_entity.id
_entity.type
_entity.pdbx_description
1 polymer 'ADP-ribose pyrophosphatase'
2 non-polymer "CYTIDINE-5'-MONOPHOSPHATE"
3 water water
#
_entity_poly.entity_id   1
_entity_poly.type   'polypeptide(L)'
_entity_poly.pdbx_seq_one_letter_code
;MAHHHHHHMSKPTQQGITFSKNDVEIIARETLYRGFFSLDLYRFRHRLFNGGMSGEITREIFERGHAAVLLPFDPVRDEV
VLVEQIRIAAYDTSESPWLLEMVAGMIEAGETVEDVARREALEEAGLEVGRTKPILSYLASPGGTSERLSILVGEVDAST
AKGIHGLAEENEDIRVHVVSREQAYQWVEEGKIDNAASVIALQWLQLHYHNLRNEWTK
;
_entity_poly.pdbx_strand_id   A,B,C,D,E,F,G,H
#
# COMPACT_ATOMS: atom_id res chain seq x y z
N GLY A 16 -8.93 -10.05 -28.35
CA GLY A 16 -8.04 -10.78 -29.24
C GLY A 16 -6.63 -10.89 -28.70
N ILE A 17 -5.68 -11.30 -29.55
CA ILE A 17 -4.29 -11.38 -29.12
C ILE A 17 -3.77 -9.98 -28.79
N THR A 18 -2.56 -9.90 -28.26
CA THR A 18 -2.05 -8.71 -27.62
C THR A 18 -0.85 -8.10 -28.33
N PHE A 19 0.02 -8.90 -28.92
CA PHE A 19 1.31 -8.47 -29.44
C PHE A 19 1.41 -8.78 -30.93
N SER A 20 2.42 -8.16 -31.56
CA SER A 20 2.74 -8.30 -32.98
C SER A 20 4.21 -8.72 -33.18
N LYS A 21 4.68 -8.73 -34.43
CA LYS A 21 6.04 -9.15 -34.72
C LYS A 21 7.07 -8.16 -34.21
N ASN A 22 6.69 -6.89 -34.09
CA ASN A 22 7.59 -5.91 -33.52
C ASN A 22 8.00 -6.29 -32.10
N ASP A 23 7.24 -7.16 -31.45
CA ASP A 23 7.47 -7.59 -30.09
C ASP A 23 8.27 -8.88 -30.00
N VAL A 24 8.85 -9.35 -31.11
CA VAL A 24 9.71 -10.51 -31.12
CA VAL A 24 9.71 -10.52 -31.14
C VAL A 24 10.98 -10.18 -31.88
N GLU A 25 12.12 -10.66 -31.36
CA GLU A 25 13.44 -10.56 -31.98
C GLU A 25 13.87 -12.00 -32.27
N ILE A 26 13.89 -12.40 -33.54
CA ILE A 26 14.53 -13.65 -33.93
C ILE A 26 16.02 -13.35 -34.11
N ILE A 27 16.85 -13.86 -33.19
CA ILE A 27 18.29 -13.62 -33.20
C ILE A 27 18.98 -14.51 -34.22
N ALA A 28 18.57 -15.76 -34.31
CA ALA A 28 19.23 -16.72 -35.19
C ALA A 28 18.25 -17.82 -35.56
N ARG A 29 18.55 -18.48 -36.69
CA ARG A 29 17.95 -19.75 -37.03
C ARG A 29 19.07 -20.71 -37.35
N GLU A 30 19.25 -21.73 -36.55
CA GLU A 30 20.42 -22.59 -36.63
C GLU A 30 20.01 -23.94 -37.18
N THR A 31 20.60 -24.33 -38.30
CA THR A 31 20.31 -25.63 -38.86
C THR A 31 20.68 -26.74 -37.89
N LEU A 32 19.71 -27.61 -37.63
CA LEU A 32 19.92 -28.81 -36.83
C LEU A 32 20.00 -30.05 -37.70
N TYR A 33 19.16 -30.10 -38.73
CA TYR A 33 19.09 -31.21 -39.66
C TYR A 33 18.67 -30.68 -41.02
N ARG A 34 19.34 -31.17 -42.07
CA ARG A 34 18.97 -30.90 -43.45
C ARG A 34 18.90 -32.23 -44.19
N GLY A 35 17.70 -32.63 -44.57
CA GLY A 35 17.52 -33.80 -45.41
C GLY A 35 16.39 -33.51 -46.38
N PHE A 36 15.45 -34.45 -46.49
CA PHE A 36 14.25 -34.16 -47.28
C PHE A 36 13.47 -33.03 -46.61
N PHE A 37 13.31 -33.11 -45.30
CA PHE A 37 12.77 -32.03 -44.49
C PHE A 37 13.93 -31.33 -43.77
N SER A 38 13.63 -30.25 -43.02
CA SER A 38 14.60 -29.53 -42.24
C SER A 38 14.11 -29.40 -40.81
N LEU A 39 15.08 -29.30 -39.89
CA LEU A 39 14.81 -28.94 -38.51
C LEU A 39 15.74 -27.79 -38.16
N ASP A 40 15.16 -26.67 -37.73
CA ASP A 40 15.89 -25.47 -37.38
C ASP A 40 15.72 -25.16 -35.90
N LEU A 41 16.77 -24.60 -35.29
CA LEU A 41 16.69 -24.05 -33.92
C LEU A 41 16.46 -22.55 -34.06
N TYR A 42 15.25 -22.09 -33.68
CA TYR A 42 15.00 -20.65 -33.63
C TYR A 42 15.48 -20.14 -32.29
N ARG A 43 16.25 -19.07 -32.33
CA ARG A 43 16.77 -18.38 -31.14
C ARG A 43 16.12 -17.01 -31.14
N PHE A 44 15.43 -16.65 -30.06
CA PHE A 44 14.60 -15.45 -30.12
C PHE A 44 14.31 -14.92 -28.73
N ARG A 45 13.80 -13.70 -28.71
CA ARG A 45 13.35 -13.03 -27.49
C ARG A 45 12.00 -12.42 -27.83
N HIS A 46 11.12 -12.29 -26.84
CA HIS A 46 9.78 -11.79 -27.12
C HIS A 46 9.24 -11.03 -25.92
N ARG A 47 8.30 -10.14 -26.19
CA ARG A 47 7.69 -9.36 -25.12
C ARG A 47 6.87 -10.26 -24.20
N LEU A 48 6.81 -9.87 -22.92
CA LEU A 48 6.06 -10.57 -21.90
C LEU A 48 4.76 -9.84 -21.58
N PHE A 49 3.72 -10.60 -21.22
CA PHE A 49 2.43 -9.96 -20.95
C PHE A 49 2.51 -8.96 -19.81
N ASN A 50 3.26 -9.29 -18.75
CA ASN A 50 3.40 -8.40 -17.59
C ASN A 50 4.51 -7.37 -17.74
N GLY A 51 5.13 -7.26 -18.91
CA GLY A 51 6.07 -6.20 -19.16
C GLY A 51 7.46 -6.75 -19.32
N GLY A 52 8.30 -6.04 -20.08
CA GLY A 52 9.63 -6.52 -20.34
C GLY A 52 9.71 -7.52 -21.46
N MET A 53 10.90 -8.05 -21.63
CA MET A 53 11.19 -9.08 -22.63
C MET A 53 11.70 -10.34 -21.97
N SER A 54 11.41 -11.48 -22.60
CA SER A 54 12.08 -12.72 -22.28
C SER A 54 13.58 -12.58 -22.46
N GLY A 55 14.32 -13.47 -21.81
CA GLY A 55 15.67 -13.74 -22.23
C GLY A 55 15.66 -14.54 -23.54
N GLU A 56 16.85 -14.97 -23.93
N GLU A 56 16.84 -15.02 -23.93
CA GLU A 56 16.99 -15.80 -25.12
CA GLU A 56 16.97 -15.74 -25.19
C GLU A 56 16.26 -17.12 -24.92
C GLU A 56 16.40 -17.15 -25.05
N ILE A 57 15.42 -17.47 -25.90
CA ILE A 57 14.68 -18.72 -25.89
C ILE A 57 15.10 -19.45 -27.16
N THR A 58 15.23 -20.77 -27.08
CA THR A 58 15.43 -21.56 -28.29
C THR A 58 14.32 -22.58 -28.44
N ARG A 59 13.91 -22.82 -29.68
CA ARG A 59 12.89 -23.80 -29.98
C ARG A 59 13.28 -24.55 -31.23
N GLU A 60 13.11 -25.86 -31.20
CA GLU A 60 13.27 -26.70 -32.39
C GLU A 60 12.00 -26.63 -33.22
N ILE A 61 12.17 -26.38 -34.52
CA ILE A 61 11.05 -26.19 -35.44
C ILE A 61 11.26 -27.05 -36.68
N PHE A 62 10.30 -27.93 -36.95
CA PHE A 62 10.26 -28.74 -38.16
C PHE A 62 9.78 -27.89 -39.34
N GLU A 63 10.59 -27.82 -40.40
CA GLU A 63 10.34 -27.01 -41.57
C GLU A 63 10.14 -27.93 -42.77
N ARG A 64 8.94 -27.91 -43.36
CA ARG A 64 8.64 -28.76 -44.51
C ARG A 64 7.84 -28.01 -45.56
N GLY A 65 7.89 -26.69 -45.55
CA GLY A 65 7.07 -25.95 -46.49
C GLY A 65 5.61 -25.98 -46.06
N HIS A 66 4.75 -25.54 -46.98
CA HIS A 66 3.34 -25.34 -46.74
C HIS A 66 2.54 -25.96 -47.86
N ALA A 67 1.27 -26.23 -47.58
CA ALA A 67 0.48 -27.07 -48.48
C ALA A 67 -0.83 -26.39 -48.87
N ALA A 68 -1.35 -26.81 -50.01
CA ALA A 68 -2.69 -26.51 -50.45
C ALA A 68 -3.52 -27.79 -50.39
N VAL A 69 -4.75 -27.66 -49.95
CA VAL A 69 -5.64 -28.79 -49.71
C VAL A 69 -6.95 -28.50 -50.41
N LEU A 70 -7.54 -29.53 -51.04
CA LEU A 70 -8.83 -29.35 -51.69
C LEU A 70 -9.80 -30.45 -51.25
N LEU A 71 -10.94 -30.01 -50.73
CA LEU A 71 -12.08 -30.88 -50.48
C LEU A 71 -12.89 -30.95 -51.77
N PRO A 72 -12.92 -32.10 -52.47
CA PRO A 72 -13.69 -32.18 -53.71
C PRO A 72 -15.13 -32.55 -53.41
N PHE A 73 -16.06 -31.63 -53.64
CA PHE A 73 -17.46 -31.77 -53.26
C PHE A 73 -18.31 -31.66 -54.51
N ASP A 74 -19.18 -32.64 -54.71
CA ASP A 74 -20.14 -32.67 -55.79
C ASP A 74 -21.46 -32.20 -55.19
N PRO A 75 -21.86 -30.95 -55.43
CA PRO A 75 -23.07 -30.43 -54.78
C PRO A 75 -24.33 -30.97 -55.38
N VAL A 76 -24.28 -31.46 -56.62
CA VAL A 76 -25.46 -32.04 -57.24
C VAL A 76 -25.78 -33.36 -56.55
N ARG A 77 -24.77 -34.17 -56.29
CA ARG A 77 -24.97 -35.50 -55.74
C ARG A 77 -24.74 -35.57 -54.24
N ASP A 78 -24.23 -34.51 -53.62
CA ASP A 78 -23.93 -34.53 -52.19
C ASP A 78 -22.89 -35.60 -51.89
N GLU A 79 -21.80 -35.58 -52.67
CA GLU A 79 -20.76 -36.59 -52.58
C GLU A 79 -19.42 -35.89 -52.40
N VAL A 80 -18.49 -36.62 -51.79
CA VAL A 80 -17.12 -36.18 -51.55
CA VAL A 80 -17.12 -36.16 -51.60
C VAL A 80 -16.18 -37.21 -52.15
N VAL A 81 -15.06 -36.75 -52.72
CA VAL A 81 -14.04 -37.63 -53.28
C VAL A 81 -12.87 -37.66 -52.32
N LEU A 82 -12.49 -38.86 -51.88
CA LEU A 82 -11.39 -39.07 -50.98
C LEU A 82 -10.26 -39.81 -51.69
N VAL A 83 -9.03 -39.61 -51.22
CA VAL A 83 -7.85 -40.27 -51.76
CA VAL A 83 -7.87 -40.31 -51.76
C VAL A 83 -7.22 -41.11 -50.66
N GLU A 84 -6.89 -42.37 -50.96
CA GLU A 84 -6.31 -43.28 -50.00
C GLU A 84 -4.87 -43.58 -50.37
N GLN A 85 -3.97 -43.48 -49.39
CA GLN A 85 -2.58 -43.89 -49.58
C GLN A 85 -1.94 -44.09 -48.23
N ILE A 86 -0.80 -44.78 -48.23
CA ILE A 86 -0.09 -45.04 -46.99
C ILE A 86 0.63 -43.79 -46.51
N ARG A 87 0.58 -43.56 -45.19
CA ARG A 87 1.27 -42.45 -44.52
C ARG A 87 1.97 -43.09 -43.33
N ILE A 88 3.24 -43.48 -43.49
CA ILE A 88 3.84 -44.38 -42.52
C ILE A 88 3.99 -43.72 -41.15
N ALA A 89 4.01 -42.39 -41.09
CA ALA A 89 4.12 -41.76 -39.77
C ALA A 89 2.91 -42.04 -38.89
N ALA A 90 1.78 -42.43 -39.49
CA ALA A 90 0.59 -42.83 -38.75
C ALA A 90 0.74 -44.17 -38.03
N TYR A 91 1.79 -44.94 -38.35
CA TYR A 91 1.84 -46.35 -37.96
C TYR A 91 1.70 -46.54 -36.46
N ASP A 92 2.46 -45.78 -35.67
CA ASP A 92 2.58 -46.08 -34.25
C ASP A 92 1.28 -45.90 -33.50
N THR A 93 0.38 -45.05 -33.98
CA THR A 93 -0.80 -44.67 -33.20
C THR A 93 -2.12 -44.99 -33.86
N SER A 94 -2.12 -45.67 -35.01
CA SER A 94 -3.32 -45.86 -35.83
C SER A 94 -3.58 -47.34 -36.05
N GLU A 95 -4.84 -47.66 -36.37
CA GLU A 95 -5.15 -49.05 -36.69
C GLU A 95 -4.51 -49.46 -38.01
N SER A 96 -4.36 -48.51 -38.95
CA SER A 96 -3.71 -48.76 -40.21
C SER A 96 -3.00 -47.49 -40.66
N PRO A 97 -1.84 -47.59 -41.30
CA PRO A 97 -1.22 -46.38 -41.86
C PRO A 97 -1.79 -45.92 -43.18
N TRP A 98 -2.71 -46.68 -43.79
CA TRP A 98 -3.42 -46.20 -44.97
C TRP A 98 -4.52 -45.26 -44.51
N LEU A 99 -4.50 -44.02 -45.03
CA LEU A 99 -5.41 -42.99 -44.59
C LEU A 99 -6.28 -42.53 -45.75
N LEU A 100 -7.50 -42.11 -45.41
CA LEU A 100 -8.40 -41.44 -46.33
C LEU A 100 -8.23 -39.94 -46.18
N GLU A 101 -7.92 -39.25 -47.28
CA GLU A 101 -7.46 -37.89 -47.17
C GLU A 101 -8.07 -37.00 -48.26
N MET A 102 -7.99 -35.70 -48.02
CA MET A 102 -8.20 -34.69 -49.04
C MET A 102 -7.06 -34.67 -50.05
N VAL A 103 -7.36 -34.20 -51.25
CA VAL A 103 -6.32 -33.85 -52.22
C VAL A 103 -5.44 -32.77 -51.62
N ALA A 104 -4.12 -32.86 -51.82
CA ALA A 104 -3.22 -31.88 -51.21
C ALA A 104 -1.87 -31.94 -51.88
N GLY A 105 -1.16 -30.82 -51.85
CA GLY A 105 0.18 -30.78 -52.41
C GLY A 105 0.97 -29.61 -51.87
N MET A 106 2.29 -29.72 -51.96
CA MET A 106 3.12 -28.63 -51.49
C MET A 106 3.02 -27.42 -52.40
N ILE A 107 3.11 -26.24 -51.80
CA ILE A 107 3.12 -24.97 -52.52
C ILE A 107 4.58 -24.61 -52.77
N GLU A 108 4.99 -24.58 -54.04
CA GLU A 108 6.36 -24.19 -54.35
C GLU A 108 6.45 -22.67 -54.44
N ALA A 109 7.68 -22.18 -54.52
CA ALA A 109 7.92 -20.74 -54.58
C ALA A 109 7.08 -20.09 -55.67
N GLY A 110 6.33 -19.07 -55.29
CA GLY A 110 5.57 -18.28 -56.24
C GLY A 110 4.25 -18.88 -56.69
N GLU A 111 3.90 -20.09 -56.22
CA GLU A 111 2.63 -20.69 -56.59
C GLU A 111 1.52 -20.19 -55.66
N THR A 112 0.29 -20.24 -56.16
CA THR A 112 -0.89 -19.89 -55.38
C THR A 112 -1.58 -21.14 -54.87
N VAL A 113 -2.29 -20.97 -53.76
CA VAL A 113 -3.09 -22.06 -53.20
C VAL A 113 -4.05 -22.60 -54.25
N GLU A 114 -4.70 -21.70 -54.97
CA GLU A 114 -5.66 -22.13 -55.98
C GLU A 114 -4.98 -22.97 -57.06
N ASP A 115 -3.85 -22.50 -57.59
CA ASP A 115 -3.20 -23.26 -58.66
C ASP A 115 -2.78 -24.65 -58.20
N VAL A 116 -2.18 -24.75 -57.01
CA VAL A 116 -1.71 -26.04 -56.52
C VAL A 116 -2.89 -26.97 -56.26
N ALA A 117 -3.92 -26.47 -55.59
CA ALA A 117 -5.08 -27.30 -55.27
C ALA A 117 -5.71 -27.86 -56.54
N ARG A 118 -5.80 -27.05 -57.58
CA ARG A 118 -6.46 -27.50 -58.81
C ARG A 118 -5.58 -28.50 -59.56
N ARG A 119 -4.26 -28.27 -59.54
CA ARG A 119 -3.35 -29.19 -60.20
C ARG A 119 -3.38 -30.55 -59.55
N GLU A 120 -3.37 -30.59 -58.22
CA GLU A 120 -3.35 -31.85 -57.51
C GLU A 120 -4.67 -32.59 -57.64
N ALA A 121 -5.79 -31.86 -57.69
CA ALA A 121 -7.08 -32.50 -57.91
C ALA A 121 -7.12 -33.24 -59.24
N LEU A 122 -6.51 -32.65 -60.27
CA LEU A 122 -6.45 -33.32 -61.57
C LEU A 122 -5.43 -34.45 -61.52
N GLU A 123 -4.26 -34.22 -60.92
CA GLU A 123 -3.21 -35.23 -60.90
C GLU A 123 -3.57 -36.41 -60.00
N GLU A 124 -3.94 -36.15 -58.75
CA GLU A 124 -4.17 -37.23 -57.80
C GLU A 124 -5.50 -37.95 -58.00
N ALA A 125 -6.49 -37.30 -58.63
CA ALA A 125 -7.82 -37.90 -58.68
C ALA A 125 -8.56 -37.69 -60.00
N GLY A 126 -7.91 -37.13 -61.02
CA GLY A 126 -8.54 -37.00 -62.32
C GLY A 126 -9.70 -36.03 -62.36
N LEU A 127 -9.72 -35.04 -61.48
CA LEU A 127 -10.88 -34.18 -61.30
C LEU A 127 -10.58 -32.79 -61.84
N GLU A 128 -11.37 -32.39 -62.83
CA GLU A 128 -11.52 -30.97 -63.14
C GLU A 128 -12.32 -30.30 -62.04
N VAL A 129 -11.95 -29.08 -61.68
CA VAL A 129 -12.61 -28.36 -60.61
C VAL A 129 -13.33 -27.16 -61.22
N GLY A 130 -14.57 -26.96 -60.83
CA GLY A 130 -15.34 -25.81 -61.26
C GLY A 130 -15.07 -24.64 -60.34
N ARG A 131 -16.09 -24.20 -59.60
CA ARG A 131 -15.89 -23.13 -58.62
C ARG A 131 -15.10 -23.64 -57.42
N THR A 132 -14.48 -22.70 -56.71
CA THR A 132 -13.90 -22.94 -55.39
C THR A 132 -14.35 -21.87 -54.41
N LYS A 133 -14.29 -22.23 -53.13
CA LYS A 133 -14.40 -21.27 -52.02
C LYS A 133 -13.37 -21.62 -50.97
N PRO A 134 -12.85 -20.63 -50.26
CA PRO A 134 -11.94 -20.94 -49.15
C PRO A 134 -12.70 -21.60 -48.00
N ILE A 135 -12.08 -22.60 -47.39
CA ILE A 135 -12.56 -23.15 -46.14
C ILE A 135 -11.82 -22.38 -45.03
N LEU A 136 -10.56 -22.73 -44.80
CA LEU A 136 -9.75 -22.17 -43.73
CA LEU A 136 -9.73 -21.99 -43.88
C LEU A 136 -8.29 -22.45 -44.05
N SER A 137 -7.40 -21.66 -43.46
CA SER A 137 -5.98 -21.94 -43.50
C SER A 137 -5.48 -22.12 -42.07
N TYR A 138 -4.75 -23.19 -41.81
CA TYR A 138 -4.44 -23.54 -40.42
C TYR A 138 -2.99 -24.00 -40.26
N LEU A 139 -2.49 -23.78 -39.05
CA LEU A 139 -1.19 -24.29 -38.64
C LEU A 139 -1.35 -25.70 -38.07
N ALA A 140 -0.65 -26.66 -38.65
CA ALA A 140 -0.89 -28.07 -38.31
C ALA A 140 -0.57 -28.37 -36.84
N SER A 141 0.55 -27.82 -36.33
CA SER A 141 0.98 -28.10 -34.98
C SER A 141 2.04 -27.08 -34.58
N PRO A 142 1.63 -25.85 -34.27
CA PRO A 142 2.60 -24.73 -34.24
C PRO A 142 3.52 -24.72 -33.02
N GLY A 143 3.34 -25.65 -32.07
CA GLY A 143 4.34 -25.88 -31.05
C GLY A 143 5.64 -26.48 -31.56
N GLY A 144 5.63 -27.06 -32.76
CA GLY A 144 6.82 -27.73 -33.23
C GLY A 144 7.10 -27.71 -34.72
N THR A 145 6.16 -27.22 -35.53
CA THR A 145 6.33 -27.18 -36.97
C THR A 145 5.70 -25.90 -37.49
N SER A 146 6.36 -25.31 -38.49
CA SER A 146 5.88 -24.10 -39.13
C SER A 146 4.75 -24.36 -40.14
N GLU A 147 4.41 -25.63 -40.38
CA GLU A 147 3.58 -25.97 -41.54
C GLU A 147 2.18 -25.34 -41.46
N ARG A 148 1.81 -24.67 -42.54
CA ARG A 148 0.48 -24.11 -42.75
C ARG A 148 -0.13 -24.84 -43.93
N LEU A 149 -1.41 -25.17 -43.80
CA LEU A 149 -2.17 -25.80 -44.87
C LEU A 149 -3.40 -24.96 -45.15
N SER A 150 -3.63 -24.66 -46.41
CA SER A 150 -4.73 -23.78 -46.80
C SER A 150 -5.73 -24.61 -47.60
N ILE A 151 -6.96 -24.72 -47.06
CA ILE A 151 -8.01 -25.60 -47.57
C ILE A 151 -9.00 -24.80 -48.42
N LEU A 152 -9.32 -25.34 -49.60
CA LEU A 152 -10.43 -24.88 -50.42
C LEU A 152 -11.44 -26.00 -50.55
N VAL A 153 -12.69 -25.64 -50.74
CA VAL A 153 -13.69 -26.59 -51.24
C VAL A 153 -13.76 -26.39 -52.75
N GLY A 154 -13.73 -27.49 -53.51
CA GLY A 154 -13.79 -27.42 -54.96
C GLY A 154 -14.97 -28.18 -55.55
N GLU A 155 -15.69 -27.52 -56.45
CA GLU A 155 -16.86 -28.09 -57.10
C GLU A 155 -16.41 -29.13 -58.13
N VAL A 156 -16.82 -30.37 -57.96
CA VAL A 156 -16.40 -31.44 -58.86
C VAL A 156 -17.63 -32.22 -59.31
N ASP A 157 -17.49 -32.88 -60.45
CA ASP A 157 -18.48 -33.85 -60.91
C ASP A 157 -17.99 -35.21 -60.48
N ALA A 158 -18.64 -35.77 -59.45
CA ALA A 158 -18.13 -36.98 -58.83
C ALA A 158 -18.19 -38.18 -59.77
N SER A 159 -18.98 -38.10 -60.84
CA SER A 159 -19.03 -39.19 -61.81
C SER A 159 -17.80 -39.22 -62.73
N THR A 160 -16.83 -38.31 -62.53
CA THR A 160 -15.67 -38.22 -63.40
C THR A 160 -14.36 -38.58 -62.69
N ALA A 161 -14.43 -39.16 -61.49
CA ALA A 161 -13.23 -39.40 -60.69
C ALA A 161 -12.61 -40.74 -61.04
N LYS A 162 -11.31 -40.71 -61.39
CA LYS A 162 -10.55 -41.93 -61.67
C LYS A 162 -9.16 -41.82 -61.03
N GLU A 172 3.88 -42.45 -55.73
CA GLU A 172 2.84 -42.65 -54.72
C GLU A 172 1.75 -43.58 -55.27
N ASP A 173 1.38 -44.58 -54.48
CA ASP A 173 0.32 -45.52 -54.81
C ASP A 173 -0.98 -45.02 -54.17
N ILE A 174 -1.97 -44.73 -55.00
CA ILE A 174 -3.16 -44.00 -54.57
C ILE A 174 -4.43 -44.67 -55.09
N ARG A 175 -5.47 -44.61 -54.27
CA ARG A 175 -6.79 -45.16 -54.60
C ARG A 175 -7.82 -44.07 -54.36
N VAL A 176 -8.75 -43.90 -55.28
CA VAL A 176 -9.78 -42.87 -55.18
C VAL A 176 -11.08 -43.51 -54.74
N HIS A 177 -11.77 -42.83 -53.81
CA HIS A 177 -13.05 -43.26 -53.26
C HIS A 177 -14.06 -42.13 -53.44
N VAL A 178 -15.25 -42.46 -53.93
CA VAL A 178 -16.37 -41.53 -54.00
C VAL A 178 -17.40 -42.01 -52.99
N VAL A 179 -17.68 -41.19 -51.99
CA VAL A 179 -18.63 -41.53 -50.93
C VAL A 179 -19.60 -40.38 -50.74
N SER A 180 -20.76 -40.69 -50.16
CA SER A 180 -21.71 -39.64 -49.81
C SER A 180 -21.08 -38.72 -48.76
N ARG A 181 -21.49 -37.45 -48.76
CA ARG A 181 -21.06 -36.55 -47.69
C ARG A 181 -21.37 -37.14 -46.33
N GLU A 182 -22.59 -37.68 -46.15
CA GLU A 182 -22.97 -38.21 -44.85
C GLU A 182 -22.06 -39.36 -44.45
N GLN A 183 -21.65 -40.20 -45.40
CA GLN A 183 -20.72 -41.28 -45.07
C GLN A 183 -19.36 -40.75 -44.65
N ALA A 184 -18.86 -39.74 -45.35
CA ALA A 184 -17.54 -39.20 -45.02
C ALA A 184 -17.56 -38.58 -43.63
N TYR A 185 -18.62 -37.83 -43.31
CA TYR A 185 -18.70 -37.23 -41.99
C TYR A 185 -18.88 -38.29 -40.90
N GLN A 186 -19.65 -39.34 -41.17
CA GLN A 186 -19.79 -40.42 -40.20
C GLN A 186 -18.43 -41.05 -39.90
N TRP A 187 -17.56 -41.17 -40.92
CA TRP A 187 -16.23 -41.73 -40.71
C TRP A 187 -15.35 -40.79 -39.86
N VAL A 188 -15.53 -39.46 -39.98
CA VAL A 188 -14.89 -38.55 -39.04
C VAL A 188 -15.39 -38.82 -37.63
N GLU A 189 -16.71 -38.91 -37.43
CA GLU A 189 -17.26 -39.19 -36.12
C GLU A 189 -16.69 -40.49 -35.54
N GLU A 190 -16.57 -41.52 -36.38
CA GLU A 190 -16.15 -42.84 -35.91
C GLU A 190 -14.65 -42.95 -35.73
N GLY A 191 -13.88 -41.98 -36.21
CA GLY A 191 -12.43 -42.08 -36.17
C GLY A 191 -11.80 -42.74 -37.37
N LYS A 192 -12.57 -43.07 -38.39
CA LYS A 192 -12.02 -43.72 -39.58
C LYS A 192 -11.37 -42.72 -40.50
N ILE A 193 -11.73 -41.44 -40.36
CA ILE A 193 -11.00 -40.33 -40.96
C ILE A 193 -10.52 -39.48 -39.79
N ASP A 194 -9.22 -39.33 -39.66
CA ASP A 194 -8.68 -38.75 -38.43
C ASP A 194 -7.36 -38.04 -38.71
N ASN A 195 -7.22 -37.45 -39.89
CA ASN A 195 -6.11 -36.55 -40.17
C ASN A 195 -6.65 -35.13 -40.21
N ALA A 196 -5.86 -34.18 -39.69
CA ALA A 196 -6.35 -32.83 -39.44
C ALA A 196 -7.02 -32.24 -40.68
N ALA A 197 -6.39 -32.36 -41.84
CA ALA A 197 -6.91 -31.67 -43.01
C ALA A 197 -8.32 -32.17 -43.34
N SER A 198 -8.50 -33.50 -43.32
CA SER A 198 -9.82 -34.05 -43.67
C SER A 198 -10.84 -33.78 -42.59
N VAL A 199 -10.45 -33.85 -41.33
CA VAL A 199 -11.38 -33.53 -40.24
C VAL A 199 -11.87 -32.09 -40.38
N ILE A 200 -10.95 -31.15 -40.54
CA ILE A 200 -11.31 -29.75 -40.61
C ILE A 200 -12.22 -29.50 -41.80
N ALA A 201 -11.86 -30.06 -42.96
CA ALA A 201 -12.63 -29.80 -44.16
C ALA A 201 -14.03 -30.40 -44.06
N LEU A 202 -14.14 -31.61 -43.51
CA LEU A 202 -15.45 -32.25 -43.45
C LEU A 202 -16.33 -31.71 -42.33
N GLN A 203 -15.74 -31.27 -41.20
CA GLN A 203 -16.53 -30.56 -40.21
C GLN A 203 -17.06 -29.26 -40.81
N TRP A 204 -16.22 -28.57 -41.57
CA TRP A 204 -16.67 -27.35 -42.23
C TRP A 204 -17.81 -27.67 -43.18
N LEU A 205 -17.66 -28.74 -43.93
CA LEU A 205 -18.70 -29.08 -44.90
C LEU A 205 -19.99 -29.40 -44.19
N GLN A 206 -19.90 -30.05 -43.04
CA GLN A 206 -21.12 -30.37 -42.28
C GLN A 206 -21.82 -29.10 -41.81
N LEU A 207 -21.05 -28.08 -41.45
CA LEU A 207 -21.60 -26.79 -41.06
C LEU A 207 -22.12 -25.95 -42.23
N HIS A 208 -21.67 -26.20 -43.45
CA HIS A 208 -21.96 -25.28 -44.54
C HIS A 208 -22.64 -25.91 -45.75
N TYR A 209 -22.86 -27.22 -45.78
CA TYR A 209 -23.26 -27.84 -47.03
C TYR A 209 -24.63 -27.38 -47.51
N HIS A 210 -25.55 -27.05 -46.59
CA HIS A 210 -26.89 -26.65 -47.03
C HIS A 210 -26.81 -25.37 -47.86
N ASN A 211 -26.10 -24.35 -47.36
CA ASN A 211 -25.96 -23.11 -48.12
C ASN A 211 -25.06 -23.31 -49.34
N LEU A 212 -24.02 -24.15 -49.22
CA LEU A 212 -23.15 -24.40 -50.36
C LEU A 212 -23.89 -25.09 -51.50
N ARG A 213 -24.70 -26.11 -51.19
CA ARG A 213 -25.42 -26.80 -52.26
C ARG A 213 -26.38 -25.84 -52.97
N ASN A 214 -27.05 -24.99 -52.21
CA ASN A 214 -27.92 -24.00 -52.84
C ASN A 214 -27.12 -23.04 -53.70
N GLU A 215 -25.98 -22.56 -53.19
CA GLU A 215 -25.18 -21.60 -53.96
C GLU A 215 -24.69 -22.21 -55.27
N TRP A 216 -24.33 -23.49 -55.28
CA TRP A 216 -23.76 -24.10 -56.48
C TRP A 216 -24.77 -24.86 -57.34
N THR A 217 -26.03 -24.95 -56.91
CA THR A 217 -27.08 -25.50 -57.75
C THR A 217 -28.17 -24.48 -58.05
N LYS A 218 -28.15 -23.32 -57.39
CA LYS A 218 -29.13 -22.27 -57.63
C LYS A 218 -28.42 -21.01 -58.10
N GLN B 14 -19.54 -47.29 -48.84
CA GLN B 14 -18.30 -47.76 -49.47
C GLN B 14 -17.40 -48.49 -48.46
N GLN B 15 -16.43 -49.24 -48.96
CA GLN B 15 -15.71 -50.21 -48.14
C GLN B 15 -14.69 -49.57 -47.20
N GLY B 16 -14.26 -48.35 -47.46
CA GLY B 16 -13.24 -47.75 -46.60
C GLY B 16 -11.85 -48.25 -46.98
N ILE B 17 -10.92 -48.10 -46.02
CA ILE B 17 -9.53 -48.40 -46.35
C ILE B 17 -9.39 -49.87 -46.75
N THR B 18 -8.28 -50.17 -47.40
CA THR B 18 -8.07 -51.47 -48.02
C THR B 18 -7.13 -52.37 -47.23
N PHE B 19 -6.08 -51.79 -46.65
CA PHE B 19 -5.00 -52.53 -46.03
C PHE B 19 -4.86 -52.12 -44.55
N SER B 20 -4.23 -53.00 -43.77
CA SER B 20 -4.03 -52.80 -42.34
C SER B 20 -2.54 -52.82 -41.99
N LYS B 21 -2.24 -52.67 -40.69
CA LYS B 21 -0.86 -52.76 -40.21
C LYS B 21 -0.14 -53.96 -40.80
N ASN B 22 -0.76 -55.15 -40.72
CA ASN B 22 -0.12 -56.38 -41.15
C ASN B 22 0.35 -56.31 -42.60
N ASP B 23 -0.11 -55.32 -43.37
CA ASP B 23 0.22 -55.21 -44.79
C ASP B 23 1.43 -54.33 -45.06
N VAL B 24 2.14 -53.91 -44.01
CA VAL B 24 3.37 -53.14 -44.17
C VAL B 24 4.43 -53.76 -43.27
N GLU B 25 5.65 -53.84 -43.79
CA GLU B 25 6.80 -54.35 -43.05
C GLU B 25 7.71 -53.17 -42.75
N ILE B 26 7.82 -52.82 -41.47
CA ILE B 26 8.76 -51.78 -41.05
C ILE B 26 10.09 -52.49 -40.83
N ILE B 27 11.00 -52.30 -41.77
CA ILE B 27 12.26 -53.02 -41.76
C ILE B 27 13.13 -52.54 -40.60
N ALA B 28 13.23 -51.22 -40.43
CA ALA B 28 14.11 -50.65 -39.43
C ALA B 28 13.84 -49.16 -39.30
N ARG B 29 14.27 -48.62 -38.17
CA ARG B 29 14.13 -47.21 -37.87
C ARG B 29 15.48 -46.68 -37.43
N GLU B 30 15.73 -45.41 -37.75
CA GLU B 30 16.98 -44.74 -37.40
C GLU B 30 16.63 -43.36 -36.88
N THR B 31 17.37 -42.89 -35.87
CA THR B 31 17.20 -41.53 -35.37
C THR B 31 18.37 -40.73 -35.91
N LEU B 32 18.05 -39.78 -36.79
CA LEU B 32 19.05 -38.96 -37.48
C LEU B 32 19.38 -37.68 -36.72
N TYR B 33 18.49 -37.25 -35.85
CA TYR B 33 18.65 -36.08 -35.01
C TYR B 33 17.89 -36.35 -33.72
N ARG B 34 18.54 -36.12 -32.59
CA ARG B 34 17.91 -36.29 -31.29
CA ARG B 34 17.92 -36.28 -31.28
C ARG B 34 18.26 -35.08 -30.43
N GLY B 35 17.24 -34.31 -30.08
CA GLY B 35 17.39 -33.15 -29.23
C GLY B 35 16.15 -33.11 -28.36
N PHE B 36 15.46 -31.97 -28.34
CA PHE B 36 14.19 -31.92 -27.62
C PHE B 36 13.17 -32.81 -28.31
N PHE B 37 13.14 -32.75 -29.63
CA PHE B 37 12.39 -33.64 -30.49
C PHE B 37 13.36 -34.56 -31.22
N SER B 38 12.84 -35.39 -32.14
CA SER B 38 13.64 -36.30 -32.94
C SER B 38 13.24 -36.23 -34.41
N LEU B 39 14.20 -36.46 -35.29
CA LEU B 39 13.91 -36.73 -36.69
C LEU B 39 14.34 -38.16 -36.95
N ASP B 40 13.37 -39.01 -37.27
CA ASP B 40 13.57 -40.42 -37.47
C ASP B 40 13.45 -40.72 -38.95
N LEU B 41 14.09 -41.81 -39.34
CA LEU B 41 13.98 -42.35 -40.68
C LEU B 41 13.38 -43.74 -40.57
N TYR B 42 12.25 -43.95 -41.25
CA TYR B 42 11.66 -45.28 -41.34
C TYR B 42 12.05 -45.89 -42.68
N ARG B 43 12.46 -47.15 -42.65
CA ARG B 43 12.65 -47.98 -43.84
C ARG B 43 11.59 -49.07 -43.85
N PHE B 44 10.85 -49.19 -44.95
CA PHE B 44 9.69 -50.08 -44.93
C PHE B 44 9.29 -50.52 -46.32
N ARG B 45 8.51 -51.61 -46.35
CA ARG B 45 7.89 -52.15 -47.55
C ARG B 45 6.41 -52.30 -47.29
N HIS B 46 5.59 -52.12 -48.34
CA HIS B 46 4.15 -52.13 -48.11
C HIS B 46 3.42 -52.64 -49.33
N ARG B 47 2.27 -53.23 -49.08
CA ARG B 47 1.45 -53.79 -50.14
C ARG B 47 0.89 -52.68 -51.02
N LEU B 48 0.71 -53.01 -52.29
CA LEU B 48 0.21 -52.10 -53.31
C LEU B 48 -1.23 -52.46 -53.68
N PHE B 49 -2.00 -51.45 -54.07
CA PHE B 49 -3.42 -51.67 -54.33
C PHE B 49 -3.65 -52.73 -55.38
N ASN B 50 -2.70 -52.92 -56.29
CA ASN B 50 -2.86 -53.89 -57.36
C ASN B 50 -2.57 -55.32 -56.91
N GLY B 51 -2.01 -55.50 -55.72
CA GLY B 51 -1.68 -56.83 -55.23
C GLY B 51 -0.21 -56.99 -54.93
N GLY B 52 0.63 -56.41 -55.79
CA GLY B 52 2.07 -56.53 -55.61
C GLY B 52 2.57 -55.87 -54.33
N MET B 53 3.88 -55.92 -54.12
CA MET B 53 4.51 -55.37 -52.93
C MET B 53 5.46 -54.26 -53.36
N SER B 54 5.45 -53.15 -52.62
CA SER B 54 6.38 -52.08 -52.94
C SER B 54 7.82 -52.54 -52.75
N GLY B 55 8.73 -51.80 -53.37
CA GLY B 55 10.11 -51.91 -52.99
C GLY B 55 10.33 -51.35 -51.60
N GLU B 56 11.59 -51.34 -51.18
CA GLU B 56 11.95 -50.72 -49.92
C GLU B 56 11.82 -49.20 -50.04
N ILE B 57 11.23 -48.57 -49.02
CA ILE B 57 10.96 -47.14 -49.03
C ILE B 57 11.49 -46.55 -47.74
N THR B 58 12.03 -45.34 -47.81
CA THR B 58 12.43 -44.61 -46.61
C THR B 58 11.74 -43.26 -46.56
N ARG B 59 11.30 -42.88 -45.36
CA ARG B 59 10.63 -41.62 -45.13
C ARG B 59 11.20 -41.00 -43.85
N GLU B 60 11.37 -39.69 -43.88
CA GLU B 60 11.71 -38.94 -42.68
C GLU B 60 10.44 -38.66 -41.89
N ILE B 61 10.57 -38.74 -40.57
CA ILE B 61 9.43 -38.59 -39.68
C ILE B 61 9.84 -37.68 -38.53
N PHE B 62 9.13 -36.56 -38.37
CA PHE B 62 9.29 -35.70 -37.20
C PHE B 62 8.57 -36.32 -35.99
N GLU B 63 9.34 -36.66 -34.97
CA GLU B 63 8.85 -37.42 -33.82
C GLU B 63 8.93 -36.54 -32.58
N ARG B 64 7.78 -36.25 -31.98
CA ARG B 64 7.70 -35.36 -30.84
C ARG B 64 6.71 -35.85 -29.79
N GLY B 65 6.40 -37.14 -29.78
CA GLY B 65 5.39 -37.66 -28.87
C GLY B 65 4.00 -37.23 -29.29
N HIS B 66 3.05 -37.45 -28.38
CA HIS B 66 1.64 -37.27 -28.66
C HIS B 66 0.99 -36.50 -27.52
N ALA B 67 -0.09 -35.83 -27.83
CA ALA B 67 -0.62 -34.81 -26.95
C ALA B 67 -2.07 -35.06 -26.55
N ALA B 68 -2.41 -34.51 -25.39
CA ALA B 68 -3.79 -34.39 -24.92
C ALA B 68 -4.19 -32.93 -25.02
N VAL B 69 -5.44 -32.68 -25.41
CA VAL B 69 -5.94 -31.34 -25.68
C VAL B 69 -7.28 -31.21 -24.97
N LEU B 70 -7.54 -30.06 -24.37
CA LEU B 70 -8.82 -29.84 -23.72
C LEU B 70 -9.45 -28.54 -24.21
N LEU B 71 -10.70 -28.66 -24.68
CA LEU B 71 -11.55 -27.50 -24.96
C LEU B 71 -12.31 -27.18 -23.69
N PRO B 72 -12.03 -26.06 -23.01
CA PRO B 72 -12.78 -25.73 -21.81
C PRO B 72 -14.07 -25.02 -22.20
N PHE B 73 -15.20 -25.65 -21.90
CA PHE B 73 -16.51 -25.15 -22.27
C PHE B 73 -17.35 -24.98 -21.03
N ASP B 74 -17.95 -23.81 -20.90
CA ASP B 74 -18.89 -23.55 -19.83
C ASP B 74 -20.30 -23.65 -20.39
N PRO B 75 -21.05 -24.72 -20.08
CA PRO B 75 -22.38 -24.88 -20.69
C PRO B 75 -23.44 -23.95 -20.13
N VAL B 76 -23.24 -23.39 -18.94
CA VAL B 76 -24.17 -22.42 -18.40
C VAL B 76 -24.03 -21.10 -19.12
N ARG B 77 -22.78 -20.67 -19.36
CA ARG B 77 -22.53 -19.35 -19.93
C ARG B 77 -22.34 -19.37 -21.43
N ASP B 78 -22.30 -20.56 -22.03
CA ASP B 78 -22.02 -20.73 -23.45
C ASP B 78 -20.72 -20.02 -23.80
N GLU B 79 -19.69 -20.26 -22.99
CA GLU B 79 -18.37 -19.64 -23.13
C GLU B 79 -17.26 -20.69 -23.20
N VAL B 80 -16.15 -20.32 -23.85
CA VAL B 80 -14.96 -21.15 -23.90
C VAL B 80 -13.82 -20.34 -23.30
N VAL B 81 -12.82 -21.06 -22.81
CA VAL B 81 -11.59 -20.46 -22.28
C VAL B 81 -10.47 -20.80 -23.25
N LEU B 82 -9.77 -19.75 -23.71
CA LEU B 82 -8.64 -19.85 -24.60
C LEU B 82 -7.39 -19.39 -23.85
N VAL B 83 -6.26 -19.93 -24.25
CA VAL B 83 -4.97 -19.48 -23.75
C VAL B 83 -4.17 -18.89 -24.89
N GLU B 84 -3.47 -17.80 -24.61
CA GLU B 84 -2.71 -17.07 -25.60
C GLU B 84 -1.24 -17.14 -25.20
N GLN B 85 -0.41 -17.58 -26.14
CA GLN B 85 1.03 -17.55 -25.91
C GLN B 85 1.74 -17.53 -27.26
N ILE B 86 3.02 -17.18 -27.23
CA ILE B 86 3.78 -17.16 -28.46
C ILE B 86 4.11 -18.58 -28.93
N ARG B 87 3.99 -18.80 -30.22
CA ARG B 87 4.40 -20.04 -30.88
C ARG B 87 5.26 -19.57 -32.05
N ILE B 88 6.59 -19.54 -31.84
CA ILE B 88 7.45 -18.89 -32.81
C ILE B 88 7.35 -19.57 -34.18
N ALA B 89 7.00 -20.86 -34.23
CA ALA B 89 6.88 -21.50 -35.54
C ALA B 89 5.81 -20.86 -36.43
N ALA B 90 4.87 -20.14 -35.85
CA ALA B 90 3.83 -19.43 -36.59
C ALA B 90 4.36 -18.18 -37.27
N TYR B 91 5.57 -17.74 -36.89
CA TYR B 91 6.04 -16.41 -37.26
C TYR B 91 5.99 -16.20 -38.75
N ASP B 92 6.49 -17.16 -39.55
CA ASP B 92 6.72 -16.87 -40.96
C ASP B 92 5.45 -16.78 -41.79
N THR B 93 4.32 -17.34 -41.32
CA THR B 93 3.10 -17.35 -42.11
C THR B 93 1.92 -16.70 -41.40
N SER B 94 2.16 -15.96 -40.33
CA SER B 94 1.08 -15.39 -39.55
C SER B 94 1.36 -13.91 -39.31
N GLU B 95 0.30 -13.15 -39.09
CA GLU B 95 0.48 -11.73 -38.77
C GLU B 95 1.10 -11.57 -37.37
N SER B 96 0.82 -12.50 -36.46
CA SER B 96 1.46 -12.50 -35.14
C SER B 96 1.73 -13.95 -34.73
N PRO B 97 2.85 -14.21 -34.06
CA PRO B 97 3.09 -15.57 -33.54
C PRO B 97 2.40 -15.85 -32.21
N TRP B 98 1.73 -14.87 -31.60
CA TRP B 98 0.91 -15.16 -30.43
C TRP B 98 -0.41 -15.74 -30.87
N LEU B 99 -0.69 -16.96 -30.43
CA LEU B 99 -1.85 -17.71 -30.89
C LEU B 99 -2.84 -17.91 -29.74
N LEU B 100 -4.12 -17.99 -30.12
CA LEU B 100 -5.20 -18.41 -29.21
C LEU B 100 -5.41 -19.90 -29.35
N GLU B 101 -5.28 -20.63 -28.26
CA GLU B 101 -5.20 -22.09 -28.34
C GLU B 101 -6.00 -22.75 -27.24
N MET B 102 -6.22 -24.05 -27.45
CA MET B 102 -6.66 -24.97 -26.43
C MET B 102 -5.55 -25.35 -25.48
N VAL B 103 -5.94 -25.62 -24.25
CA VAL B 103 -5.06 -26.25 -23.27
C VAL B 103 -4.53 -27.56 -23.85
N ALA B 104 -3.21 -27.81 -23.71
CA ALA B 104 -2.69 -29.07 -24.23
C ALA B 104 -1.39 -29.43 -23.50
N GLY B 105 -1.04 -30.71 -23.58
CA GLY B 105 0.24 -31.15 -23.05
C GLY B 105 0.63 -32.52 -23.56
N MET B 106 1.92 -32.85 -23.42
CA MET B 106 2.40 -34.15 -23.88
C MET B 106 1.94 -35.26 -22.96
N ILE B 107 1.66 -36.42 -23.55
CA ILE B 107 1.31 -37.62 -22.81
C ILE B 107 2.58 -38.42 -22.58
N GLU B 108 2.96 -38.57 -21.31
CA GLU B 108 4.10 -39.43 -20.96
C GLU B 108 3.65 -40.88 -20.91
N ALA B 109 4.63 -41.78 -20.86
CA ALA B 109 4.32 -43.21 -20.80
C ALA B 109 3.49 -43.49 -19.56
N GLY B 110 2.38 -44.20 -19.75
CA GLY B 110 1.53 -44.60 -18.65
C GLY B 110 0.45 -43.60 -18.27
N GLU B 111 0.51 -42.38 -18.80
CA GLU B 111 -0.52 -41.39 -18.54
C GLU B 111 -1.66 -41.54 -19.52
N THR B 112 -2.86 -41.18 -19.08
CA THR B 112 -4.04 -41.15 -19.93
C THR B 112 -4.26 -39.74 -20.47
N VAL B 113 -4.95 -39.68 -21.62
CA VAL B 113 -5.40 -38.41 -22.17
C VAL B 113 -6.13 -37.59 -21.11
N GLU B 114 -7.08 -38.21 -20.42
CA GLU B 114 -7.91 -37.44 -19.50
C GLU B 114 -7.09 -36.86 -18.35
N ASP B 115 -6.15 -37.64 -17.81
CA ASP B 115 -5.36 -37.12 -16.70
C ASP B 115 -4.52 -35.91 -17.11
N VAL B 116 -3.90 -35.99 -18.30
CA VAL B 116 -3.09 -34.89 -18.80
C VAL B 116 -3.97 -33.68 -19.08
N ALA B 117 -5.12 -33.91 -19.71
CA ALA B 117 -6.00 -32.79 -20.05
C ALA B 117 -6.45 -32.07 -18.79
N ARG B 118 -6.81 -32.81 -17.74
CA ARG B 118 -7.24 -32.20 -16.49
C ARG B 118 -6.09 -31.45 -15.83
N ARG B 119 -4.91 -32.06 -15.78
CA ARG B 119 -3.72 -31.39 -15.24
C ARG B 119 -3.47 -30.07 -15.96
N GLU B 120 -3.37 -30.11 -17.29
CA GLU B 120 -3.01 -28.91 -18.04
C GLU B 120 -4.06 -27.81 -17.88
N ALA B 121 -5.34 -28.19 -17.80
CA ALA B 121 -6.36 -27.18 -17.58
C ALA B 121 -6.13 -26.44 -16.26
N LEU B 122 -5.56 -27.15 -15.28
CA LEU B 122 -5.31 -26.53 -13.98
C LEU B 122 -4.06 -25.67 -14.02
N GLU B 123 -2.95 -26.20 -14.51
CA GLU B 123 -1.67 -25.52 -14.42
C GLU B 123 -1.37 -24.64 -15.63
N GLU B 124 -2.25 -24.61 -16.64
CA GLU B 124 -2.10 -23.71 -17.78
C GLU B 124 -3.16 -22.62 -17.82
N ALA B 125 -4.30 -22.82 -17.14
CA ALA B 125 -5.40 -21.86 -17.16
C ALA B 125 -6.09 -21.69 -15.82
N GLY B 126 -5.61 -22.34 -14.76
CA GLY B 126 -6.24 -22.26 -13.44
C GLY B 126 -7.63 -22.87 -13.36
N LEU B 127 -7.94 -23.84 -14.20
CA LEU B 127 -9.30 -24.32 -14.34
C LEU B 127 -9.48 -25.68 -13.68
N GLU B 128 -10.46 -25.75 -12.77
CA GLU B 128 -11.01 -27.00 -12.28
C GLU B 128 -12.01 -27.54 -13.29
N VAL B 129 -11.81 -28.78 -13.73
CA VAL B 129 -12.65 -29.38 -14.77
C VAL B 129 -13.59 -30.38 -14.11
N GLY B 130 -14.86 -30.33 -14.50
CA GLY B 130 -15.82 -31.29 -14.04
C GLY B 130 -15.89 -32.49 -14.94
N ARG B 131 -16.99 -32.64 -15.66
CA ARG B 131 -17.12 -33.74 -16.60
C ARG B 131 -16.25 -33.52 -17.84
N THR B 132 -15.86 -34.62 -18.48
CA THR B 132 -15.22 -34.57 -19.78
C THR B 132 -15.93 -35.53 -20.71
N LYS B 133 -15.74 -35.28 -22.01
CA LYS B 133 -16.21 -36.15 -23.07
C LYS B 133 -15.19 -36.08 -24.21
N PRO B 134 -14.90 -37.19 -24.87
CA PRO B 134 -14.04 -37.15 -26.05
C PRO B 134 -14.64 -36.36 -27.19
N ILE B 135 -13.78 -35.63 -27.87
CA ILE B 135 -14.13 -34.95 -29.11
C ILE B 135 -13.69 -35.87 -30.24
N LEU B 136 -12.40 -35.85 -30.55
CA LEU B 136 -11.79 -36.54 -31.68
C LEU B 136 -10.31 -36.67 -31.36
N SER B 137 -9.68 -37.65 -31.99
CA SER B 137 -8.23 -37.83 -31.94
C SER B 137 -7.71 -37.80 -33.36
N TYR B 138 -6.74 -36.93 -33.63
CA TYR B 138 -6.33 -36.71 -35.00
C TYR B 138 -4.82 -36.68 -35.14
N LEU B 139 -4.38 -37.00 -36.36
CA LEU B 139 -3.00 -36.90 -36.78
C LEU B 139 -2.77 -35.49 -37.31
N ALA B 140 -1.80 -34.76 -36.74
CA ALA B 140 -1.66 -33.36 -37.09
C ALA B 140 -1.24 -33.17 -38.55
N SER B 141 -0.34 -34.00 -39.03
CA SER B 141 0.15 -33.86 -40.39
C SER B 141 0.94 -35.13 -40.75
N PRO B 142 0.24 -36.20 -41.09
CA PRO B 142 0.88 -37.52 -41.16
C PRO B 142 1.77 -37.76 -42.37
N GLY B 143 1.89 -36.80 -43.30
CA GLY B 143 2.91 -36.90 -44.32
C GLY B 143 4.31 -36.65 -43.83
N GLY B 144 4.46 -36.08 -42.62
CA GLY B 144 5.80 -35.76 -42.18
C GLY B 144 5.99 -35.87 -40.69
N THR B 145 4.93 -35.99 -39.89
CA THR B 145 5.08 -36.15 -38.44
C THR B 145 4.17 -37.25 -37.92
N SER B 146 4.66 -37.99 -36.92
CA SER B 146 3.82 -39.00 -36.27
C SER B 146 2.78 -38.41 -35.32
N GLU B 147 2.83 -37.12 -35.03
CA GLU B 147 2.10 -36.59 -33.88
C GLU B 147 0.61 -36.83 -33.98
N ARG B 148 0.06 -37.41 -32.91
CA ARG B 148 -1.37 -37.54 -32.68
C ARG B 148 -1.78 -36.67 -31.49
N LEU B 149 -2.92 -36.01 -31.62
CA LEU B 149 -3.47 -35.18 -30.56
C LEU B 149 -4.88 -35.67 -30.28
N SER B 150 -5.19 -35.93 -29.01
CA SER B 150 -6.50 -36.45 -28.60
C SER B 150 -7.22 -35.37 -27.82
N ILE B 151 -8.38 -34.92 -28.33
CA ILE B 151 -9.09 -33.78 -27.78
C ILE B 151 -10.26 -34.26 -26.94
N LEU B 152 -10.42 -33.65 -25.77
CA LEU B 152 -11.58 -33.78 -24.91
C LEU B 152 -12.24 -32.42 -24.76
N VAL B 153 -13.56 -32.40 -24.55
CA VAL B 153 -14.22 -31.20 -24.05
C VAL B 153 -14.36 -31.35 -22.55
N GLY B 154 -14.07 -30.28 -21.82
CA GLY B 154 -14.11 -30.29 -20.37
C GLY B 154 -15.03 -29.22 -19.83
N GLU B 155 -15.87 -29.61 -18.86
CA GLU B 155 -16.84 -28.74 -18.23
C GLU B 155 -16.16 -27.82 -17.22
N VAL B 156 -16.33 -26.51 -17.41
CA VAL B 156 -15.69 -25.52 -16.56
C VAL B 156 -16.67 -24.39 -16.24
N ASP B 157 -16.35 -23.65 -15.18
CA ASP B 157 -16.98 -22.36 -14.87
C ASP B 157 -16.06 -21.26 -15.39
N ALA B 158 -16.42 -20.68 -16.54
CA ALA B 158 -15.53 -19.71 -17.17
C ALA B 158 -15.33 -18.47 -16.32
N SER B 159 -16.24 -18.19 -15.38
CA SER B 159 -16.07 -16.99 -14.58
C SER B 159 -14.91 -17.12 -13.60
N THR B 160 -14.41 -18.33 -13.35
CA THR B 160 -13.27 -18.58 -12.48
C THR B 160 -11.94 -18.52 -13.21
N ALA B 161 -11.94 -18.45 -14.54
CA ALA B 161 -10.70 -18.66 -15.29
C ALA B 161 -9.65 -17.63 -14.91
N LYS B 162 -8.45 -18.10 -14.52
CA LYS B 162 -7.42 -17.22 -13.98
C LYS B 162 -6.07 -17.42 -14.64
N GLY B 163 -5.49 -18.61 -14.49
CA GLY B 163 -4.19 -18.89 -15.08
C GLY B 163 -3.03 -18.49 -14.21
N GLU B 172 7.38 -20.06 -20.22
CA GLU B 172 6.00 -20.05 -20.71
C GLU B 172 5.19 -18.89 -20.10
N ASP B 173 4.84 -17.94 -20.96
CA ASP B 173 4.14 -16.70 -20.59
C ASP B 173 2.77 -16.75 -21.24
N ILE B 174 1.71 -16.95 -20.44
CA ILE B 174 0.39 -17.28 -20.99
C ILE B 174 -0.67 -16.33 -20.45
N ARG B 175 -1.58 -15.92 -21.33
CA ARG B 175 -2.75 -15.11 -20.99
C ARG B 175 -4.04 -15.89 -21.28
N VAL B 176 -4.97 -15.83 -20.31
CA VAL B 176 -6.23 -16.58 -20.35
C VAL B 176 -7.31 -15.64 -20.86
N HIS B 177 -8.09 -16.12 -21.81
CA HIS B 177 -9.17 -15.37 -22.42
C HIS B 177 -10.47 -16.15 -22.23
N VAL B 178 -11.52 -15.42 -21.93
CA VAL B 178 -12.87 -15.99 -21.90
C VAL B 178 -13.66 -15.29 -22.99
N VAL B 179 -14.28 -16.06 -23.87
CA VAL B 179 -15.08 -15.48 -24.93
C VAL B 179 -16.29 -16.39 -25.14
N SER B 180 -17.33 -15.80 -25.69
CA SER B 180 -18.50 -16.60 -26.03
C SER B 180 -18.14 -17.67 -27.07
N ARG B 181 -18.81 -18.80 -26.98
CA ARG B 181 -18.71 -19.78 -28.06
C ARG B 181 -18.90 -19.12 -29.43
N GLU B 182 -19.94 -18.29 -29.60
CA GLU B 182 -20.18 -17.74 -30.92
C GLU B 182 -19.02 -16.87 -31.38
N GLN B 183 -18.45 -16.06 -30.48
CA GLN B 183 -17.30 -15.24 -30.87
C GLN B 183 -16.11 -16.13 -31.23
N ALA B 184 -15.85 -17.17 -30.43
CA ALA B 184 -14.72 -18.03 -30.72
C ALA B 184 -14.88 -18.68 -32.08
N TYR B 185 -16.09 -19.14 -32.39
CA TYR B 185 -16.29 -19.78 -33.67
C TYR B 185 -16.17 -18.76 -34.81
N GLN B 186 -16.64 -17.53 -34.62
CA GLN B 186 -16.52 -16.53 -35.68
C GLN B 186 -15.04 -16.20 -35.89
N TRP B 187 -14.25 -16.27 -34.83
CA TRP B 187 -12.79 -16.10 -34.98
C TRP B 187 -12.17 -17.25 -35.78
N VAL B 188 -12.68 -18.47 -35.66
CA VAL B 188 -12.26 -19.53 -36.59
C VAL B 188 -12.61 -19.13 -38.01
N GLU B 189 -13.86 -18.70 -38.24
CA GLU B 189 -14.27 -18.35 -39.59
C GLU B 189 -13.41 -17.23 -40.15
N GLU B 190 -13.03 -16.27 -39.31
CA GLU B 190 -12.27 -15.10 -39.73
C GLU B 190 -10.78 -15.36 -39.84
N GLY B 191 -10.29 -16.48 -39.33
CA GLY B 191 -8.88 -16.77 -39.34
C GLY B 191 -8.11 -16.27 -38.13
N LYS B 192 -8.80 -15.72 -37.13
CA LYS B 192 -8.11 -15.24 -35.95
C LYS B 192 -7.71 -16.39 -35.04
N ILE B 193 -8.44 -17.52 -35.11
CA ILE B 193 -8.04 -18.78 -34.50
C ILE B 193 -7.79 -19.74 -35.66
N ASP B 194 -6.54 -20.20 -35.82
CA ASP B 194 -6.17 -20.94 -37.03
C ASP B 194 -5.08 -21.97 -36.75
N ASN B 195 -5.12 -22.58 -35.57
CA ASN B 195 -4.32 -23.77 -35.28
C ASN B 195 -5.24 -24.99 -35.23
N ALA B 196 -4.74 -26.11 -35.74
CA ALA B 196 -5.58 -27.28 -35.99
C ALA B 196 -6.36 -27.70 -34.75
N ALA B 197 -5.70 -27.79 -33.59
CA ALA B 197 -6.40 -28.29 -32.40
C ALA B 197 -7.62 -27.43 -32.06
N SER B 198 -7.44 -26.10 -32.07
CA SER B 198 -8.52 -25.18 -31.75
C SER B 198 -9.61 -25.16 -32.82
N VAL B 199 -9.20 -25.21 -34.10
CA VAL B 199 -10.18 -25.26 -35.20
C VAL B 199 -11.03 -26.51 -35.08
N ILE B 200 -10.38 -27.66 -34.95
CA ILE B 200 -11.11 -28.92 -34.86
C ILE B 200 -12.04 -28.89 -33.65
N ALA B 201 -11.54 -28.46 -32.51
CA ALA B 201 -12.37 -28.47 -31.30
C ALA B 201 -13.56 -27.52 -31.41
N LEU B 202 -13.35 -26.32 -31.95
CA LEU B 202 -14.44 -25.35 -32.00
C LEU B 202 -15.42 -25.66 -33.13
N GLN B 203 -14.96 -26.28 -34.21
CA GLN B 203 -15.92 -26.78 -35.18
C GLN B 203 -16.77 -27.88 -34.58
N TRP B 204 -16.13 -28.81 -33.87
CA TRP B 204 -16.89 -29.84 -33.17
C TRP B 204 -17.90 -29.21 -32.22
N LEU B 205 -17.48 -28.19 -31.47
CA LEU B 205 -18.41 -27.56 -30.53
C LEU B 205 -19.60 -26.94 -31.26
N GLN B 206 -19.34 -26.34 -32.40
CA GLN B 206 -20.41 -25.71 -33.16
C GLN B 206 -21.41 -26.76 -33.67
N LEU B 207 -20.96 -28.00 -33.88
CA LEU B 207 -21.85 -29.08 -34.31
C LEU B 207 -22.55 -29.79 -33.17
N HIS B 208 -22.06 -29.66 -31.93
CA HIS B 208 -22.52 -30.46 -30.82
C HIS B 208 -22.92 -29.67 -29.58
N TYR B 209 -22.87 -28.33 -29.60
CA TYR B 209 -23.10 -27.60 -28.36
C TYR B 209 -24.54 -27.69 -27.87
N HIS B 210 -25.53 -27.81 -28.76
CA HIS B 210 -26.90 -27.95 -28.30
C HIS B 210 -27.04 -29.19 -27.42
N ASN B 211 -26.55 -30.34 -27.91
CA ASN B 211 -26.70 -31.55 -27.13
C ASN B 211 -25.81 -31.54 -25.88
N LEU B 212 -24.62 -30.95 -25.99
CA LEU B 212 -23.75 -30.89 -24.83
C LEU B 212 -24.34 -30.02 -23.73
N ARG B 213 -24.92 -28.87 -24.10
CA ARG B 213 -25.57 -28.05 -23.09
C ARG B 213 -26.77 -28.77 -22.48
N ASN B 214 -27.51 -29.53 -23.29
CA ASN B 214 -28.59 -30.36 -22.76
C ASN B 214 -28.06 -31.40 -21.79
N GLU B 215 -26.94 -32.06 -22.13
CA GLU B 215 -26.46 -33.16 -21.28
C GLU B 215 -25.84 -32.64 -19.99
N TRP B 216 -25.18 -31.48 -20.03
CA TRP B 216 -24.42 -30.98 -18.89
C TRP B 216 -25.20 -30.00 -18.02
N THR B 217 -26.39 -29.60 -18.45
CA THR B 217 -27.25 -28.75 -17.64
C THR B 217 -28.43 -29.52 -17.07
N LYS B 218 -28.54 -30.82 -17.37
CA LYS B 218 -29.50 -31.69 -16.71
C LYS B 218 -29.04 -31.97 -15.28
N GLN C 15 22.20 24.05 7.82
CA GLN C 15 23.42 24.86 7.83
C GLN C 15 24.43 24.33 6.82
N GLY C 16 24.73 23.04 6.91
CA GLY C 16 25.65 22.39 5.99
C GLY C 16 27.04 22.25 6.57
N ILE C 17 27.97 21.84 5.70
CA ILE C 17 29.33 21.57 6.14
C ILE C 17 30.01 22.85 6.60
N THR C 18 31.14 22.70 7.31
CA THR C 18 31.80 23.80 8.00
C THR C 18 33.03 24.34 7.28
N PHE C 19 33.72 23.50 6.50
CA PHE C 19 35.04 23.80 5.96
C PHE C 19 35.09 23.51 4.46
N SER C 20 36.19 23.96 3.82
CA SER C 20 36.42 23.94 2.39
C SER C 20 37.79 23.34 2.09
N LYS C 21 38.12 23.26 0.80
CA LYS C 21 39.36 22.62 0.37
C LYS C 21 40.57 23.35 0.92
N ASN C 22 40.45 24.65 1.14
CA ASN C 22 41.56 25.44 1.64
C ASN C 22 41.95 25.06 3.07
N ASP C 23 41.04 24.41 3.81
CA ASP C 23 41.26 23.98 5.19
C ASP C 23 41.96 22.64 5.29
N VAL C 24 42.43 22.12 4.16
CA VAL C 24 43.22 20.90 4.08
C VAL C 24 44.59 21.24 3.52
N GLU C 25 45.61 20.65 4.09
CA GLU C 25 46.99 20.71 3.63
C GLU C 25 47.31 19.28 3.19
N ILE C 26 47.33 19.02 1.87
CA ILE C 26 47.78 17.71 1.39
C ILE C 26 49.30 17.77 1.29
N ILE C 27 49.97 17.01 2.17
CA ILE C 27 51.43 17.05 2.29
C ILE C 27 52.06 16.23 1.18
N ALA C 28 51.50 15.07 0.92
CA ALA C 28 52.09 14.18 -0.08
C ALA C 28 51.04 13.15 -0.47
N ARG C 29 51.24 12.58 -1.65
CA ARG C 29 50.52 11.39 -2.07
C ARG C 29 51.57 10.36 -2.44
N GLU C 30 51.74 9.35 -1.60
CA GLU C 30 52.82 8.39 -1.78
C GLU C 30 52.30 7.17 -2.53
N THR C 31 52.93 6.88 -3.66
CA THR C 31 52.52 5.73 -4.46
C THR C 31 52.70 4.45 -3.67
N LEU C 32 51.63 3.68 -3.54
CA LEU C 32 51.70 2.40 -2.86
C LEU C 32 51.62 1.24 -3.84
N TYR C 33 50.82 1.38 -4.90
CA TYR C 33 50.61 0.31 -5.84
C TYR C 33 50.21 0.90 -7.19
N ARG C 34 50.77 0.32 -8.25
CA ARG C 34 50.50 0.74 -9.62
C ARG C 34 50.32 -0.52 -10.44
N GLY C 35 49.08 -0.88 -10.67
CA GLY C 35 48.74 -1.97 -11.55
C GLY C 35 47.59 -1.57 -12.44
N PHE C 36 46.60 -2.46 -12.57
CA PHE C 36 45.41 -2.06 -13.30
C PHE C 36 44.73 -0.91 -12.59
N PHE C 37 44.63 -0.99 -11.27
CA PHE C 37 44.20 0.09 -10.40
C PHE C 37 45.42 0.67 -9.67
N SER C 38 45.22 1.76 -8.94
CA SER C 38 46.28 2.38 -8.14
C SER C 38 45.86 2.50 -6.69
N LEU C 39 46.86 2.57 -5.82
CA LEU C 39 46.66 2.88 -4.41
C LEU C 39 47.70 3.92 -4.02
N ASP C 40 47.25 4.97 -3.35
CA ASP C 40 48.11 6.05 -2.90
C ASP C 40 47.92 6.25 -1.41
N LEU C 41 48.99 6.66 -0.74
CA LEU C 41 48.90 7.08 0.66
C LEU C 41 48.78 8.60 0.68
N TYR C 42 47.59 9.09 1.01
CA TYR C 42 47.44 10.52 1.23
C TYR C 42 47.97 10.87 2.61
N ARG C 43 48.88 11.83 2.67
CA ARG C 43 49.41 12.36 3.91
C ARG C 43 48.96 13.81 3.98
N PHE C 44 48.29 14.19 5.08
CA PHE C 44 47.65 15.48 5.08
C PHE C 44 47.39 15.97 6.50
N ARG C 45 47.10 17.26 6.59
CA ARG C 45 46.60 17.89 7.81
C ARG C 45 45.33 18.63 7.47
N HIS C 46 44.44 18.79 8.45
CA HIS C 46 43.17 19.47 8.19
C HIS C 46 42.73 20.25 9.41
N ARG C 47 41.91 21.27 9.18
CA ARG C 47 41.43 22.08 10.28
C ARG C 47 40.47 21.26 11.13
N LEU C 48 40.48 21.57 12.42
CA LEU C 48 39.63 20.94 13.43
C LEU C 48 38.42 21.81 13.67
N PHE C 49 37.30 21.18 14.04
CA PHE C 49 36.08 21.94 14.27
C PHE C 49 36.26 22.99 15.38
N ASN C 50 37.03 22.68 16.40
CA ASN C 50 37.23 23.62 17.51
C ASN C 50 38.44 24.52 17.31
N GLY C 51 39.00 24.55 16.11
CA GLY C 51 40.05 25.44 15.69
C GLY C 51 41.41 24.78 15.70
N GLY C 52 42.30 25.36 14.91
CA GLY C 52 43.64 24.80 14.78
C GLY C 52 43.65 23.68 13.77
N MET C 53 44.84 23.16 13.53
CA MET C 53 45.08 22.12 12.55
C MET C 53 45.39 20.79 13.22
N SER C 54 45.01 19.71 12.55
CA SER C 54 45.39 18.38 12.99
C SER C 54 46.89 18.20 12.85
N GLY C 55 47.40 17.13 13.46
CA GLY C 55 48.68 16.61 13.09
C GLY C 55 48.57 15.89 11.75
N GLU C 56 49.70 15.27 11.35
CA GLU C 56 49.74 14.49 10.12
C GLU C 56 48.84 13.28 10.23
N ILE C 57 47.94 13.15 9.28
CA ILE C 57 47.08 11.98 9.10
C ILE C 57 47.56 11.30 7.82
N THR C 58 47.47 9.96 7.78
CA THR C 58 47.65 9.23 6.54
C THR C 58 46.46 8.33 6.29
N ARG C 59 46.09 8.20 5.03
CA ARG C 59 45.00 7.36 4.58
C ARG C 59 45.40 6.65 3.29
N GLU C 60 45.13 5.35 3.24
CA GLU C 60 45.26 4.59 2.00
C GLU C 60 44.04 4.78 1.15
N ILE C 61 44.24 5.13 -0.11
CA ILE C 61 43.13 5.49 -1.00
C ILE C 61 43.25 4.70 -2.29
N PHE C 62 42.18 3.98 -2.63
CA PHE C 62 42.04 3.23 -3.87
C PHE C 62 41.66 4.17 -5.00
N GLU C 63 42.49 4.19 -6.04
CA GLU C 63 42.37 5.13 -7.16
C GLU C 63 42.08 4.33 -8.41
N ARG C 64 40.89 4.50 -8.97
CA ARG C 64 40.53 3.74 -10.16
C ARG C 64 39.82 4.60 -11.18
N GLY C 65 40.00 5.91 -11.12
CA GLY C 65 39.27 6.76 -12.02
C GLY C 65 37.82 6.89 -11.58
N HIS C 66 37.07 7.51 -12.48
CA HIS C 66 35.66 7.85 -12.26
C HIS C 66 34.83 7.32 -13.41
N ALA C 67 33.56 7.08 -13.13
CA ALA C 67 32.70 6.35 -14.05
C ALA C 67 31.47 7.15 -14.49
N ALA C 68 31.00 6.82 -15.68
CA ALA C 68 29.70 7.24 -16.16
C ALA C 68 28.75 6.06 -16.09
N VAL C 69 27.52 6.32 -15.64
CA VAL C 69 26.51 5.30 -15.45
C VAL C 69 25.24 5.73 -16.17
N LEU C 70 24.62 4.81 -16.89
CA LEU C 70 23.39 5.11 -17.63
C LEU C 70 22.26 4.20 -17.17
N LEU C 71 21.16 4.80 -16.75
CA LEU C 71 19.90 4.12 -16.52
C LEU C 71 19.12 4.23 -17.83
N PRO C 72 19.01 3.16 -18.61
CA PRO C 72 18.27 3.26 -19.89
C PRO C 72 16.78 3.07 -19.61
N PHE C 73 15.98 4.10 -19.84
CA PHE C 73 14.57 4.08 -19.46
C PHE C 73 13.74 4.30 -20.71
N ASP C 74 12.79 3.42 -20.92
CA ASP C 74 11.84 3.55 -22.01
C ASP C 74 10.57 4.15 -21.44
N PRO C 75 10.30 5.45 -21.66
CA PRO C 75 9.15 6.08 -20.99
C PRO C 75 7.81 5.70 -21.61
N VAL C 76 7.79 5.23 -22.85
CA VAL C 76 6.55 4.79 -23.46
C VAL C 76 6.09 3.49 -22.81
N ARG C 77 7.01 2.55 -22.66
CA ARG C 77 6.69 1.22 -22.15
C ARG C 77 6.90 1.10 -20.65
N ASP C 78 7.52 2.09 -20.01
CA ASP C 78 7.83 2.06 -18.58
C ASP C 78 8.75 0.88 -18.27
N GLU C 79 9.82 0.76 -19.05
CA GLU C 79 10.77 -0.34 -18.96
C GLU C 79 12.19 0.17 -18.76
N VAL C 80 13.03 -0.67 -18.19
CA VAL C 80 14.44 -0.36 -18.02
C VAL C 80 15.26 -1.50 -18.60
N VAL C 81 16.48 -1.17 -19.04
CA VAL C 81 17.40 -2.14 -19.60
C VAL C 81 18.51 -2.33 -18.56
N LEU C 82 18.79 -3.59 -18.24
CA LEU C 82 19.85 -3.96 -17.30
C LEU C 82 20.86 -4.84 -18.03
N VAL C 83 22.11 -4.84 -17.57
CA VAL C 83 23.16 -5.71 -18.09
C VAL C 83 23.66 -6.58 -16.96
N GLU C 84 23.85 -7.86 -17.25
CA GLU C 84 24.29 -8.86 -16.29
C GLU C 84 25.65 -9.37 -16.67
N GLN C 85 26.58 -9.41 -15.71
CA GLN C 85 27.89 -10.02 -15.90
C GLN C 85 28.50 -10.33 -14.54
N ILE C 86 29.52 -11.18 -14.55
CA ILE C 86 30.15 -11.61 -13.31
C ILE C 86 31.00 -10.46 -12.77
N ARG C 87 30.88 -10.21 -11.47
CA ARG C 87 31.71 -9.24 -10.75
C ARG C 87 32.31 -10.02 -9.60
N ILE C 88 33.54 -10.51 -9.79
CA ILE C 88 34.09 -11.47 -8.85
C ILE C 88 34.29 -10.85 -7.48
N ALA C 89 34.37 -9.52 -7.39
CA ALA C 89 34.50 -8.89 -6.07
C ALA C 89 33.29 -9.16 -5.20
N ALA C 90 32.15 -9.46 -5.82
CA ALA C 90 30.93 -9.73 -5.08
C ALA C 90 30.89 -11.11 -4.43
N TYR C 91 31.87 -11.97 -4.76
CA TYR C 91 31.77 -13.41 -4.45
C TYR C 91 31.62 -13.67 -2.96
N ASP C 92 32.47 -13.05 -2.13
CA ASP C 92 32.54 -13.42 -0.73
C ASP C 92 31.27 -13.09 0.04
N THR C 93 30.45 -12.16 -0.42
CA THR C 93 29.32 -11.70 0.39
C THR C 93 27.99 -11.82 -0.33
N SER C 94 27.95 -12.43 -1.50
CA SER C 94 26.75 -12.45 -2.32
C SER C 94 26.34 -13.87 -2.65
N GLU C 95 25.05 -14.02 -2.93
CA GLU C 95 24.53 -15.31 -3.35
C GLU C 95 25.20 -15.74 -4.65
N SER C 96 25.35 -14.81 -5.58
CA SER C 96 25.99 -15.05 -6.86
C SER C 96 26.86 -13.87 -7.22
N PRO C 97 28.04 -14.08 -7.85
CA PRO C 97 28.81 -12.93 -8.33
C PRO C 97 28.30 -12.34 -9.62
N TRP C 98 27.32 -12.96 -10.26
CA TRP C 98 26.68 -12.35 -11.43
C TRP C 98 25.69 -11.31 -10.96
N LEU C 99 25.88 -10.07 -11.40
CA LEU C 99 25.09 -8.93 -10.93
C LEU C 99 24.27 -8.32 -12.06
N LEU C 100 23.06 -7.88 -11.74
CA LEU C 100 22.26 -7.04 -12.63
C LEU C 100 22.62 -5.58 -12.38
N GLU C 101 23.06 -4.89 -13.43
CA GLU C 101 23.65 -3.57 -13.28
C GLU C 101 23.20 -2.61 -14.36
N MET C 102 23.47 -1.34 -14.12
CA MET C 102 23.38 -0.31 -15.11
C MET C 102 24.54 -0.38 -16.10
N VAL C 103 24.29 0.08 -17.32
CA VAL C 103 25.37 0.37 -18.26
C VAL C 103 26.34 1.36 -17.63
N ALA C 104 27.65 1.08 -17.75
CA ALA C 104 28.62 1.96 -17.12
C ALA C 104 29.98 1.79 -17.78
N GLY C 105 30.79 2.82 -17.65
CA GLY C 105 32.16 2.73 -18.11
C GLY C 105 33.03 3.84 -17.53
N MET C 106 34.34 3.65 -17.67
CA MET C 106 35.27 4.67 -17.18
C MET C 106 35.28 5.90 -18.07
N ILE C 107 35.49 7.05 -17.44
CA ILE C 107 35.63 8.33 -18.12
C ILE C 107 37.12 8.57 -18.34
N GLU C 108 37.55 8.60 -19.59
CA GLU C 108 38.93 8.89 -19.95
C GLU C 108 39.12 10.39 -20.14
N ALA C 109 40.39 10.80 -20.18
CA ALA C 109 40.75 12.21 -20.25
C ALA C 109 39.99 12.92 -21.35
N GLY C 110 39.35 14.03 -20.98
CA GLY C 110 38.62 14.87 -21.91
C GLY C 110 37.19 14.44 -22.14
N GLU C 111 36.88 13.15 -21.98
CA GLU C 111 35.56 12.65 -22.29
C GLU C 111 34.52 13.25 -21.34
N THR C 112 33.29 13.35 -21.82
CA THR C 112 32.17 13.71 -20.97
C THR C 112 31.44 12.47 -20.46
N VAL C 113 30.66 12.68 -19.40
CA VAL C 113 29.83 11.62 -18.85
C VAL C 113 28.91 11.09 -19.93
N GLU C 114 28.29 12.00 -20.69
CA GLU C 114 27.36 11.60 -21.75
C GLU C 114 28.07 10.80 -22.83
N ASP C 115 29.27 11.23 -23.23
CA ASP C 115 29.99 10.52 -24.28
C ASP C 115 30.11 9.05 -23.90
N VAL C 116 30.55 8.81 -22.66
CA VAL C 116 30.79 7.46 -22.22
C VAL C 116 29.49 6.70 -22.09
N ALA C 117 28.46 7.34 -21.53
CA ALA C 117 27.19 6.64 -21.37
C ALA C 117 26.64 6.19 -22.73
N ARG C 118 26.68 7.07 -23.73
CA ARG C 118 26.13 6.70 -25.03
C ARG C 118 26.94 5.58 -25.66
N ARG C 119 28.27 5.65 -25.56
CA ARG C 119 29.11 4.64 -26.16
C ARG C 119 28.88 3.28 -25.52
N GLU C 120 28.85 3.23 -24.20
CA GLU C 120 28.63 1.97 -23.52
C GLU C 120 27.25 1.42 -23.81
N ALA C 121 26.23 2.27 -23.90
CA ALA C 121 24.89 1.79 -24.19
C ALA C 121 24.89 1.07 -25.53
N LEU C 122 25.57 1.62 -26.53
CA LEU C 122 25.63 1.00 -27.84
C LEU C 122 26.44 -0.29 -27.82
N GLU C 123 27.60 -0.27 -27.15
CA GLU C 123 28.50 -1.41 -27.19
C GLU C 123 28.00 -2.59 -26.37
N GLU C 124 27.20 -2.33 -25.34
CA GLU C 124 26.71 -3.41 -24.47
C GLU C 124 25.31 -3.89 -24.83
N ALA C 125 24.44 -3.01 -25.34
CA ALA C 125 23.04 -3.37 -25.53
C ALA C 125 22.45 -2.85 -26.83
N GLY C 126 23.27 -2.36 -27.75
CA GLY C 126 22.78 -1.87 -29.03
C GLY C 126 21.85 -0.69 -28.94
N LEU C 127 21.90 0.04 -27.82
CA LEU C 127 20.93 1.09 -27.54
C LEU C 127 21.40 2.45 -28.04
N GLU C 128 20.61 3.06 -28.90
CA GLU C 128 20.68 4.49 -29.15
C GLU C 128 19.95 5.21 -28.03
N VAL C 129 20.47 6.36 -27.66
CA VAL C 129 19.92 7.12 -26.55
C VAL C 129 19.41 8.44 -27.11
N GLY C 130 18.21 8.84 -26.64
CA GLY C 130 17.64 10.11 -27.03
C GLY C 130 18.03 11.21 -26.07
N ARG C 131 17.03 11.77 -25.39
CA ARG C 131 17.29 12.76 -24.37
C ARG C 131 17.98 12.13 -23.18
N THR C 132 18.74 12.94 -22.46
CA THR C 132 19.36 12.51 -21.22
C THR C 132 19.20 13.59 -20.17
N LYS C 133 19.10 13.15 -18.93
CA LYS C 133 19.04 14.02 -17.76
C LYS C 133 19.98 13.48 -16.71
N PRO C 134 20.70 14.34 -15.99
CA PRO C 134 21.47 13.85 -14.85
C PRO C 134 20.51 13.34 -13.79
N ILE C 135 20.94 12.29 -13.10
CA ILE C 135 20.22 11.78 -11.94
C ILE C 135 20.97 12.37 -10.75
N LEU C 136 22.11 11.78 -10.43
CA LEU C 136 22.94 12.12 -9.28
CA LEU C 136 22.99 12.34 -9.44
C LEU C 136 24.38 11.73 -9.61
N SER C 137 25.34 12.34 -8.95
CA SER C 137 26.73 11.92 -9.02
C SER C 137 27.19 11.66 -7.60
N TYR C 138 27.74 10.48 -7.35
CA TYR C 138 28.01 10.08 -5.98
C TYR C 138 29.40 9.45 -5.83
N LEU C 139 29.91 9.54 -4.60
CA LEU C 139 31.13 8.89 -4.19
C LEU C 139 30.78 7.50 -3.69
N ALA C 140 31.40 6.48 -4.29
CA ALA C 140 31.07 5.09 -3.98
C ALA C 140 31.36 4.72 -2.54
N SER C 141 32.48 5.16 -2.01
CA SER C 141 32.85 4.79 -0.66
C SER C 141 34.03 5.65 -0.23
N PRO C 142 33.76 6.90 0.15
CA PRO C 142 34.83 7.90 0.25
C PRO C 142 35.72 7.78 1.48
N GLY C 143 35.49 6.81 2.35
CA GLY C 143 36.45 6.47 3.39
C GLY C 143 37.68 5.73 2.88
N GLY C 144 37.64 5.20 1.66
CA GLY C 144 38.70 4.38 1.16
C GLY C 144 38.97 4.43 -0.34
N THR C 145 38.07 5.04 -1.14
CA THR C 145 38.32 5.18 -2.57
C THR C 145 37.87 6.56 -3.01
N SER C 146 38.57 7.12 -4.00
CA SER C 146 38.17 8.40 -4.56
C SER C 146 37.04 8.28 -5.58
N GLU C 147 36.62 7.07 -5.92
CA GLU C 147 35.75 6.86 -7.08
C GLU C 147 34.45 7.64 -6.98
N ARG C 148 34.18 8.43 -8.02
CA ARG C 148 32.92 9.10 -8.25
C ARG C 148 32.25 8.47 -9.48
N LEU C 149 30.95 8.27 -9.39
CA LEU C 149 30.13 7.75 -10.48
C LEU C 149 29.01 8.74 -10.75
N SER C 150 28.87 9.15 -12.01
CA SER C 150 27.88 10.13 -12.41
C SER C 150 26.81 9.41 -13.23
N ILE C 151 25.58 9.41 -12.70
CA ILE C 151 24.45 8.67 -13.29
C ILE C 151 23.61 9.62 -14.14
N LEU C 152 23.32 9.18 -15.35
CA LEU C 152 22.35 9.82 -16.22
C LEU C 152 21.18 8.86 -16.41
N VAL C 153 19.97 9.41 -16.62
CA VAL C 153 18.87 8.65 -17.19
C VAL C 153 18.82 8.98 -18.68
N GLY C 154 18.70 7.95 -19.49
CA GLY C 154 18.68 8.11 -20.94
C GLY C 154 17.42 7.52 -21.54
N GLU C 155 16.79 8.29 -22.44
CA GLU C 155 15.60 7.86 -23.17
C GLU C 155 15.95 6.77 -24.18
N VAL C 156 15.33 5.60 -24.07
CA VAL C 156 15.58 4.54 -25.03
C VAL C 156 14.26 3.90 -25.46
N ASP C 157 14.33 3.20 -26.60
CA ASP C 157 13.27 2.33 -27.08
C ASP C 157 13.71 0.93 -26.68
N ALA C 158 13.10 0.40 -25.63
CA ALA C 158 13.63 -0.83 -25.07
C ALA C 158 13.38 -2.03 -25.98
N SER C 159 12.54 -1.88 -27.02
CA SER C 159 12.38 -2.95 -28.02
C SER C 159 13.61 -3.11 -28.91
N THR C 160 14.56 -2.17 -28.82
CA THR C 160 15.78 -2.25 -29.60
C THR C 160 16.97 -2.79 -28.81
N ALA C 161 16.82 -3.02 -27.51
CA ALA C 161 17.91 -3.58 -26.73
C ALA C 161 18.17 -5.00 -27.18
N LYS C 162 19.45 -5.34 -27.34
CA LYS C 162 19.84 -6.65 -27.85
C LYS C 162 21.25 -6.97 -27.42
N GLY C 163 21.51 -8.26 -27.28
CA GLY C 163 22.88 -8.71 -27.08
C GLY C 163 23.71 -8.39 -28.30
N ILE C 164 24.94 -7.93 -28.05
CA ILE C 164 25.90 -7.56 -29.08
C ILE C 164 26.86 -8.73 -29.24
N HIS C 165 26.97 -9.26 -30.46
CA HIS C 165 27.85 -10.41 -30.68
C HIS C 165 29.30 -9.96 -30.69
N GLY C 166 30.18 -10.84 -30.21
CA GLY C 166 31.61 -10.56 -30.25
C GLY C 166 32.43 -11.83 -30.35
N GLU C 172 34.52 -9.26 -22.00
CA GLU C 172 33.51 -9.45 -20.96
C GLU C 172 32.27 -10.15 -21.52
N ASP C 173 31.67 -11.02 -20.72
CA ASP C 173 30.55 -11.85 -21.11
C ASP C 173 29.31 -11.26 -20.45
N ILE C 174 28.41 -10.71 -21.26
CA ILE C 174 27.28 -9.98 -20.70
C ILE C 174 25.99 -10.43 -21.33
N ARG C 175 24.91 -10.28 -20.56
CA ARG C 175 23.56 -10.65 -20.93
C ARG C 175 22.66 -9.44 -20.68
N VAL C 176 21.83 -9.14 -21.67
CA VAL C 176 20.98 -7.94 -21.66
C VAL C 176 19.59 -8.36 -21.16
N HIS C 177 19.07 -7.64 -20.18
CA HIS C 177 17.72 -7.86 -19.66
C HIS C 177 16.86 -6.64 -19.94
N VAL C 178 15.59 -6.86 -20.27
CA VAL C 178 14.61 -5.78 -20.41
C VAL C 178 13.45 -6.12 -19.49
N VAL C 179 13.21 -5.27 -18.48
CA VAL C 179 12.19 -5.54 -17.48
C VAL C 179 11.35 -4.29 -17.25
N SER C 180 10.16 -4.50 -16.73
CA SER C 180 9.37 -3.35 -16.34
C SER C 180 10.06 -2.58 -15.23
N ARG C 181 9.82 -1.28 -15.18
CA ARG C 181 10.32 -0.50 -14.05
C ARG C 181 9.86 -1.11 -12.72
N GLU C 182 8.59 -1.50 -12.63
CA GLU C 182 8.07 -2.05 -11.39
C GLU C 182 8.85 -3.29 -10.97
N GLN C 183 9.17 -4.16 -11.92
CA GLN C 183 9.96 -5.35 -11.61
C GLN C 183 11.36 -5.00 -11.12
N ALA C 184 12.04 -4.09 -11.83
CA ALA C 184 13.39 -3.73 -11.42
C ALA C 184 13.40 -3.17 -10.00
N TYR C 185 12.42 -2.34 -9.68
CA TYR C 185 12.39 -1.77 -8.33
C TYR C 185 12.06 -2.83 -7.28
N GLN C 186 11.14 -3.76 -7.59
CA GLN C 186 10.88 -4.85 -6.68
C GLN C 186 12.15 -5.68 -6.44
N TRP C 187 13.02 -5.82 -7.45
CA TRP C 187 14.29 -6.52 -7.27
C TRP C 187 15.22 -5.78 -6.32
N VAL C 188 15.19 -4.45 -6.34
CA VAL C 188 15.92 -3.69 -5.32
C VAL C 188 15.36 -4.01 -3.94
N GLU C 189 14.04 -3.88 -3.78
CA GLU C 189 13.43 -4.15 -2.48
C GLU C 189 13.79 -5.55 -1.97
N GLU C 190 13.84 -6.53 -2.87
CA GLU C 190 14.13 -7.91 -2.51
C GLU C 190 15.61 -8.22 -2.39
N GLY C 191 16.47 -7.27 -2.70
CA GLY C 191 17.90 -7.51 -2.64
C GLY C 191 18.48 -8.24 -3.83
N LYS C 192 17.68 -8.47 -4.88
CA LYS C 192 18.20 -9.09 -6.09
C LYS C 192 18.99 -8.12 -6.96
N ILE C 193 18.78 -6.82 -6.79
CA ILE C 193 19.65 -5.80 -7.32
C ILE C 193 20.22 -5.10 -6.10
N ASP C 194 21.55 -5.13 -5.94
CA ASP C 194 22.12 -4.61 -4.69
C ASP C 194 23.51 -4.04 -4.92
N ASN C 195 23.74 -3.45 -6.08
CA ASN C 195 24.94 -2.66 -6.31
C ASN C 195 24.55 -1.19 -6.29
N ALA C 196 25.43 -0.37 -5.74
CA ALA C 196 25.08 1.02 -5.44
C ALA C 196 24.53 1.74 -6.67
N ALA C 197 25.20 1.64 -7.82
CA ALA C 197 24.77 2.42 -8.98
C ALA C 197 23.34 2.10 -9.35
N SER C 198 22.99 0.82 -9.34
CA SER C 198 21.65 0.41 -9.75
C SER C 198 20.62 0.75 -8.70
N VAL C 199 20.97 0.59 -7.43
CA VAL C 199 20.06 0.91 -6.35
C VAL C 199 19.73 2.40 -6.39
N ILE C 200 20.77 3.24 -6.52
CA ILE C 200 20.56 4.67 -6.54
C ILE C 200 19.72 5.07 -7.75
N ALA C 201 20.05 4.51 -8.94
CA ALA C 201 19.34 4.90 -10.15
C ALA C 201 17.87 4.49 -10.07
N LEU C 202 17.62 3.28 -9.61
CA LEU C 202 16.24 2.79 -9.57
C LEU C 202 15.42 3.41 -8.45
N GLN C 203 16.02 3.74 -7.30
CA GLN C 203 15.30 4.52 -6.31
C GLN C 203 14.95 5.90 -6.85
N TRP C 204 15.90 6.56 -7.53
CA TRP C 204 15.62 7.82 -8.18
C TRP C 204 14.46 7.67 -9.15
N LEU C 205 14.48 6.63 -9.93
CA LEU C 205 13.43 6.46 -10.92
C LEU C 205 12.09 6.26 -10.25
N GLN C 206 12.05 5.49 -9.16
CA GLN C 206 10.78 5.30 -8.46
C GLN C 206 10.22 6.60 -7.92
N LEU C 207 11.11 7.53 -7.53
CA LEU C 207 10.72 8.84 -7.04
C LEU C 207 10.35 9.83 -8.14
N HIS C 208 10.81 9.62 -9.39
CA HIS C 208 10.68 10.63 -10.43
C HIS C 208 9.97 10.16 -11.69
N TYR C 209 9.55 8.89 -11.77
CA TYR C 209 9.09 8.36 -13.07
C TYR C 209 7.82 9.03 -13.55
N HIS C 210 6.92 9.42 -12.65
CA HIS C 210 5.68 10.03 -13.12
C HIS C 210 5.97 11.29 -13.92
N ASN C 211 6.80 12.19 -13.37
CA ASN C 211 7.10 13.44 -14.07
C ASN C 211 7.99 13.17 -15.27
N LEU C 212 8.87 12.19 -15.18
CA LEU C 212 9.76 11.93 -16.30
C LEU C 212 8.99 11.36 -17.50
N ARG C 213 8.06 10.44 -17.25
CA ARG C 213 7.25 9.94 -18.37
C ARG C 213 6.48 11.07 -19.02
N ASN C 214 5.91 11.97 -18.20
CA ASN C 214 5.16 13.09 -18.76
C ASN C 214 6.07 13.98 -19.61
N GLU C 215 7.27 14.25 -19.11
CA GLU C 215 8.19 15.13 -19.81
C GLU C 215 8.61 14.54 -21.16
N TRP C 216 8.78 13.23 -21.21
CA TRP C 216 9.32 12.56 -22.38
C TRP C 216 8.27 11.92 -23.28
N THR C 217 6.98 12.02 -22.97
CA THR C 217 5.95 11.52 -23.87
C THR C 217 5.08 12.67 -24.38
N LYS C 218 5.74 13.76 -24.77
CA LYS C 218 5.08 14.99 -25.23
C LYS C 218 4.72 15.87 -24.03
N GLN D 14 10.03 -12.90 -14.15
CA GLN D 14 11.25 -12.54 -14.87
C GLN D 14 12.46 -13.24 -14.26
N GLN D 15 13.20 -13.98 -15.11
CA GLN D 15 14.15 -14.97 -14.59
C GLN D 15 15.27 -14.34 -13.77
N GLY D 16 15.75 -13.16 -14.15
CA GLY D 16 16.92 -12.63 -13.46
C GLY D 16 18.16 -13.45 -13.79
N ILE D 17 19.13 -13.45 -12.86
CA ILE D 17 20.42 -14.08 -13.17
C ILE D 17 20.24 -15.59 -13.33
N THR D 18 21.23 -16.23 -13.95
CA THR D 18 21.18 -17.66 -14.21
C THR D 18 22.19 -18.46 -13.40
N PHE D 19 23.34 -17.88 -13.07
CA PHE D 19 24.45 -18.61 -12.49
C PHE D 19 24.60 -18.31 -11.00
N SER D 20 25.23 -19.25 -10.29
CA SER D 20 25.52 -19.12 -8.87
C SER D 20 27.00 -19.35 -8.59
N LYS D 21 27.37 -19.43 -7.31
CA LYS D 21 28.77 -19.66 -6.97
C LYS D 21 29.27 -21.03 -7.42
N ASN D 22 28.38 -21.97 -7.71
CA ASN D 22 28.80 -23.24 -8.29
C ASN D 22 29.40 -23.06 -9.67
N ASP D 23 29.10 -21.95 -10.36
CA ASP D 23 29.45 -21.77 -11.76
C ASP D 23 30.73 -20.97 -11.94
N VAL D 24 31.44 -20.71 -10.85
CA VAL D 24 32.71 -20.02 -10.90
C VAL D 24 33.70 -20.81 -10.06
N GLU D 25 34.89 -20.99 -10.59
CA GLU D 25 35.98 -21.68 -9.93
C GLU D 25 37.06 -20.65 -9.63
N ILE D 26 37.33 -20.42 -8.34
CA ILE D 26 38.39 -19.52 -7.94
C ILE D 26 39.66 -20.34 -7.79
N ILE D 27 40.65 -20.03 -8.62
CA ILE D 27 41.88 -20.81 -8.71
C ILE D 27 42.85 -20.37 -7.62
N ALA D 28 43.05 -19.07 -7.47
CA ALA D 28 43.99 -18.59 -6.46
C ALA D 28 43.64 -17.16 -6.07
N ARG D 29 44.10 -16.78 -4.88
CA ARG D 29 44.05 -15.40 -4.43
C ARG D 29 45.42 -15.02 -3.89
N GLU D 30 45.82 -13.78 -4.15
CA GLU D 30 47.14 -13.31 -3.80
C GLU D 30 47.01 -11.86 -3.37
N THR D 31 47.70 -11.48 -2.29
CA THR D 31 47.66 -10.10 -1.83
C THR D 31 48.84 -9.35 -2.45
N LEU D 32 48.54 -8.34 -3.26
CA LEU D 32 49.58 -7.58 -3.96
C LEU D 32 50.09 -6.42 -3.11
N TYR D 33 49.21 -5.82 -2.33
CA TYR D 33 49.59 -4.81 -1.36
C TYR D 33 48.80 -5.08 -0.08
N ARG D 34 49.49 -4.99 1.06
CA ARG D 34 48.84 -5.05 2.37
C ARG D 34 49.35 -3.91 3.23
N GLY D 35 48.45 -3.06 3.68
CA GLY D 35 48.73 -2.10 4.72
C GLY D 35 47.58 -2.13 5.70
N PHE D 36 46.87 -1.01 5.84
CA PHE D 36 45.62 -1.03 6.58
C PHE D 36 44.56 -1.77 5.78
N PHE D 37 44.56 -1.58 4.48
CA PHE D 37 43.71 -2.27 3.53
C PHE D 37 44.55 -3.24 2.71
N SER D 38 43.89 -3.99 1.84
CA SER D 38 44.53 -4.97 0.98
C SER D 38 44.11 -4.76 -0.46
N LEU D 39 45.04 -4.99 -1.37
CA LEU D 39 44.69 -5.12 -2.78
C LEU D 39 45.03 -6.56 -3.16
N ASP D 40 44.01 -7.35 -3.45
CA ASP D 40 44.15 -8.76 -3.74
C ASP D 40 43.98 -9.00 -5.24
N LEU D 41 44.53 -10.11 -5.70
CA LEU D 41 44.38 -10.53 -7.09
C LEU D 41 43.66 -11.87 -7.09
N TYR D 42 42.47 -11.90 -7.71
CA TYR D 42 41.71 -13.14 -7.88
C TYR D 42 42.03 -13.73 -9.24
N ARG D 43 42.28 -15.03 -9.27
CA ARG D 43 42.46 -15.79 -10.49
C ARG D 43 41.35 -16.84 -10.54
N PHE D 44 40.58 -16.85 -11.62
CA PHE D 44 39.36 -17.64 -11.64
C PHE D 44 38.91 -17.93 -13.06
N ARG D 45 38.04 -18.92 -13.19
CA ARG D 45 37.32 -19.20 -14.41
CA ARG D 45 37.32 -19.17 -14.42
C ARG D 45 35.84 -19.29 -14.08
N HIS D 46 35.00 -19.04 -15.07
CA HIS D 46 33.58 -18.97 -14.80
C HIS D 46 32.79 -19.39 -16.03
N ARG D 47 31.56 -19.86 -15.79
CA ARG D 47 30.70 -20.27 -16.89
C ARG D 47 30.34 -19.07 -17.75
N LEU D 48 30.17 -19.33 -19.03
CA LEU D 48 29.73 -18.33 -20.00
C LEU D 48 28.25 -18.53 -20.30
N PHE D 49 27.57 -17.44 -20.65
CA PHE D 49 26.14 -17.53 -20.94
C PHE D 49 25.87 -18.52 -22.07
N ASN D 50 26.78 -18.62 -23.04
CA ASN D 50 26.59 -19.56 -24.14
C ASN D 50 26.68 -21.02 -23.71
N GLY D 51 27.29 -21.30 -22.55
CA GLY D 51 27.36 -22.66 -22.05
C GLY D 51 28.75 -23.17 -21.72
N GLY D 52 29.79 -22.58 -22.30
CA GLY D 52 31.15 -23.00 -22.04
C GLY D 52 31.70 -22.45 -20.73
N MET D 53 33.00 -22.67 -20.55
CA MET D 53 33.76 -22.14 -19.42
C MET D 53 34.78 -21.14 -19.92
N SER D 54 34.89 -20.01 -19.24
CA SER D 54 35.89 -19.03 -19.59
C SER D 54 37.29 -19.62 -19.45
N GLY D 55 38.26 -18.90 -20.02
CA GLY D 55 39.64 -19.12 -19.67
C GLY D 55 39.96 -18.50 -18.33
N GLU D 56 41.22 -18.63 -17.95
CA GLU D 56 41.63 -18.08 -16.67
C GLU D 56 41.61 -16.56 -16.72
N ILE D 57 40.98 -15.94 -15.74
CA ILE D 57 40.77 -14.51 -15.66
C ILE D 57 41.40 -14.02 -14.37
N THR D 58 42.01 -12.84 -14.40
CA THR D 58 42.54 -12.22 -13.19
C THR D 58 41.95 -10.84 -13.01
N ARG D 59 41.64 -10.51 -11.76
CA ARG D 59 41.09 -9.22 -11.42
C ARG D 59 41.70 -8.71 -10.12
N GLU D 60 42.01 -7.42 -10.09
CA GLU D 60 42.40 -6.77 -8.84
C GLU D 60 41.16 -6.38 -8.04
N ILE D 61 41.20 -6.58 -6.73
CA ILE D 61 40.06 -6.34 -5.85
C ILE D 61 40.56 -5.61 -4.62
N PHE D 62 40.00 -4.42 -4.37
CA PHE D 62 40.29 -3.64 -3.17
C PHE D 62 39.50 -4.23 -2.01
N GLU D 63 40.22 -4.77 -1.02
CA GLU D 63 39.61 -5.43 0.14
C GLU D 63 39.79 -4.53 1.36
N ARG D 64 38.67 -4.11 1.93
CA ARG D 64 38.69 -3.28 3.13
C ARG D 64 37.62 -3.73 4.12
N GLY D 65 37.21 -5.00 4.05
CA GLY D 65 36.16 -5.48 4.91
C GLY D 65 34.83 -4.87 4.52
N HIS D 66 33.89 -4.97 5.45
CA HIS D 66 32.48 -4.65 5.22
C HIS D 66 31.94 -3.83 6.38
N ALA D 67 30.85 -3.08 6.12
CA ALA D 67 30.39 -2.06 7.06
C ALA D 67 28.91 -2.20 7.41
N ALA D 68 28.59 -1.70 8.60
CA ALA D 68 27.23 -1.46 9.07
C ALA D 68 26.96 0.04 9.05
N VAL D 69 25.78 0.43 8.57
CA VAL D 69 25.43 1.83 8.39
C VAL D 69 24.10 2.06 9.08
N LEU D 70 23.95 3.20 9.79
CA LEU D 70 22.69 3.53 10.45
C LEU D 70 22.21 4.90 10.01
N LEU D 71 20.98 4.94 9.50
CA LEU D 71 20.28 6.19 9.24
C LEU D 71 19.52 6.52 10.52
N PRO D 72 19.92 7.54 11.27
CA PRO D 72 19.17 7.90 12.48
C PRO D 72 17.97 8.77 12.12
N PHE D 73 16.76 8.25 12.37
CA PHE D 73 15.52 8.88 11.95
C PHE D 73 14.62 9.07 13.17
N ASP D 74 14.17 10.28 13.36
CA ASP D 74 13.19 10.62 14.40
C ASP D 74 11.83 10.72 13.75
N PRO D 75 10.97 9.71 13.88
CA PRO D 75 9.70 9.72 13.15
C PRO D 75 8.70 10.77 13.64
N VAL D 76 8.76 11.17 14.91
CA VAL D 76 7.84 12.16 15.43
C VAL D 76 8.21 13.54 14.92
N ARG D 77 9.50 13.87 14.97
CA ARG D 77 9.97 15.16 14.51
CA ARG D 77 9.97 15.16 14.52
C ARG D 77 10.22 15.19 13.01
N ASP D 78 10.23 14.04 12.36
CA ASP D 78 10.54 13.94 10.92
C ASP D 78 11.89 14.55 10.61
N GLU D 79 12.88 14.15 11.40
CA GLU D 79 14.25 14.65 11.29
C GLU D 79 15.21 13.48 11.18
N VAL D 80 16.36 13.77 10.57
CA VAL D 80 17.46 12.82 10.51
C VAL D 80 18.67 13.47 11.17
N VAL D 81 19.56 12.64 11.67
CA VAL D 81 20.82 13.08 12.25
C VAL D 81 21.94 12.69 11.29
N LEU D 82 22.75 13.68 10.90
CA LEU D 82 23.86 13.52 9.97
C LEU D 82 25.16 13.80 10.74
N VAL D 83 26.23 13.15 10.31
CA VAL D 83 27.54 13.30 10.93
C VAL D 83 28.48 13.89 9.89
N GLU D 84 29.21 14.92 10.28
CA GLU D 84 30.12 15.59 9.35
C GLU D 84 31.57 15.33 9.75
N GLN D 85 32.39 14.90 8.77
CA GLN D 85 33.81 14.77 9.03
C GLN D 85 34.53 14.74 7.71
N ILE D 86 35.85 14.89 7.75
CA ILE D 86 36.60 14.90 6.50
C ILE D 86 36.79 13.48 5.99
N ARG D 87 36.67 13.32 4.68
CA ARG D 87 36.94 12.08 3.94
C ARG D 87 37.87 12.49 2.81
N ILE D 88 39.18 12.40 3.04
CA ILE D 88 40.13 13.00 2.10
C ILE D 88 39.98 12.46 0.69
N ALA D 89 39.46 11.24 0.52
CA ALA D 89 39.36 10.72 -0.85
C ALA D 89 38.35 11.50 -1.68
N ALA D 90 37.45 12.27 -1.04
CA ALA D 90 36.52 13.14 -1.76
C ALA D 90 37.21 14.33 -2.41
N TYR D 91 38.46 14.62 -2.02
CA TYR D 91 39.09 15.90 -2.33
C TYR D 91 39.12 16.20 -3.83
N ASP D 92 39.54 15.25 -4.66
CA ASP D 92 39.77 15.57 -6.06
C ASP D 92 38.49 15.87 -6.84
N THR D 93 37.32 15.40 -6.40
CA THR D 93 36.13 15.54 -7.22
C THR D 93 35.02 16.31 -6.51
N SER D 94 35.32 16.93 -5.38
CA SER D 94 34.32 17.62 -4.58
C SER D 94 34.84 19.03 -4.27
N GLU D 95 33.89 19.93 -3.96
CA GLU D 95 34.28 21.28 -3.55
C GLU D 95 34.85 21.27 -2.13
N SER D 96 34.39 20.34 -1.29
CA SER D 96 34.96 20.14 0.04
C SER D 96 35.06 18.67 0.36
N PRO D 97 36.13 18.23 1.01
CA PRO D 97 36.18 16.84 1.45
C PRO D 97 35.46 16.58 2.78
N TRP D 98 34.91 17.60 3.45
CA TRP D 98 34.05 17.35 4.61
C TRP D 98 32.67 16.92 4.09
N LEU D 99 32.24 15.73 4.46
CA LEU D 99 31.00 15.14 3.98
C LEU D 99 29.99 15.01 5.11
N LEU D 100 28.71 15.08 4.73
CA LEU D 100 27.57 14.76 5.60
C LEU D 100 27.19 13.32 5.39
N GLU D 101 27.21 12.52 6.45
CA GLU D 101 27.13 11.09 6.29
C GLU D 101 26.20 10.44 7.33
N MET D 102 25.87 9.18 7.04
CA MET D 102 25.27 8.28 8.00
C MET D 102 26.33 7.77 8.98
N VAL D 103 25.88 7.40 10.18
CA VAL D 103 26.70 6.64 11.11
C VAL D 103 27.14 5.33 10.47
N ALA D 104 28.40 4.95 10.66
CA ALA D 104 28.85 3.69 10.07
C ALA D 104 30.10 3.19 10.76
N GLY D 105 30.30 1.87 10.71
CA GLY D 105 31.53 1.30 11.21
C GLY D 105 31.78 -0.08 10.63
N MET D 106 33.05 -0.51 10.70
CA MET D 106 33.42 -1.84 10.23
C MET D 106 32.81 -2.94 11.08
N ILE D 107 32.46 -4.04 10.42
CA ILE D 107 31.94 -5.23 11.08
C ILE D 107 33.12 -6.17 11.33
N GLU D 108 33.46 -6.38 12.59
CA GLU D 108 34.51 -7.30 12.98
C GLU D 108 33.94 -8.71 13.16
N ALA D 109 34.85 -9.69 13.19
CA ALA D 109 34.47 -11.09 13.09
C ALA D 109 33.39 -11.44 14.11
N GLY D 110 32.32 -12.08 13.62
CA GLY D 110 31.22 -12.51 14.45
C GLY D 110 30.21 -11.44 14.81
N GLU D 111 30.58 -10.15 14.73
CA GLU D 111 29.64 -9.09 15.06
C GLU D 111 28.48 -9.08 14.07
N THR D 112 27.31 -8.67 14.57
CA THR D 112 26.14 -8.48 13.73
C THR D 112 26.06 -7.02 13.28
N VAL D 113 25.38 -6.81 12.15
CA VAL D 113 25.13 -5.46 11.67
C VAL D 113 24.49 -4.60 12.77
N GLU D 114 23.48 -5.15 13.44
CA GLU D 114 22.73 -4.36 14.40
C GLU D 114 23.60 -3.94 15.56
N ASP D 115 24.46 -4.83 16.05
CA ASP D 115 25.36 -4.49 17.14
C ASP D 115 26.24 -3.31 16.76
N VAL D 116 26.88 -3.38 15.59
CA VAL D 116 27.81 -2.34 15.20
C VAL D 116 27.08 -1.03 14.99
N ALA D 117 25.95 -1.09 14.27
CA ALA D 117 25.18 0.13 14.01
C ALA D 117 24.78 0.83 15.30
N ARG D 118 24.23 0.08 16.26
CA ARG D 118 23.84 0.69 17.53
C ARG D 118 25.04 1.26 18.27
N ARG D 119 26.16 0.52 18.28
CA ARG D 119 27.35 1.02 18.95
C ARG D 119 27.80 2.35 18.35
N GLU D 120 27.90 2.43 17.03
CA GLU D 120 28.47 3.63 16.40
C GLU D 120 27.56 4.83 16.55
N ALA D 121 26.25 4.63 16.54
CA ALA D 121 25.35 5.75 16.74
C ALA D 121 25.57 6.37 18.12
N LEU D 122 25.93 5.54 19.11
CA LEU D 122 26.19 6.05 20.45
C LEU D 122 27.54 6.76 20.51
N GLU D 123 28.58 6.19 19.89
CA GLU D 123 29.92 6.76 19.96
C GLU D 123 30.18 7.82 18.89
N GLU D 124 29.65 7.66 17.67
CA GLU D 124 29.94 8.58 16.58
C GLU D 124 29.09 9.84 16.67
N ALA D 125 27.92 9.78 17.32
CA ALA D 125 27.00 10.90 17.34
C ALA D 125 26.27 11.03 18.66
N GLY D 126 26.62 10.24 19.67
CA GLY D 126 25.97 10.34 20.96
C GLY D 126 24.50 9.99 20.99
N LEU D 127 24.06 9.08 20.11
CA LEU D 127 22.64 8.78 19.97
C LEU D 127 22.28 7.44 20.60
N GLU D 128 21.26 7.44 21.45
CA GLU D 128 20.59 6.22 21.89
C GLU D 128 19.60 5.78 20.81
N VAL D 129 19.69 4.52 20.37
CA VAL D 129 18.84 4.00 19.29
C VAL D 129 17.76 3.13 19.90
N GLY D 130 16.52 3.33 19.45
CA GLY D 130 15.44 2.44 19.81
C GLY D 130 15.30 1.24 18.92
N ARG D 131 14.17 1.17 18.22
CA ARG D 131 13.97 0.11 17.23
C ARG D 131 14.86 0.33 16.01
N THR D 132 15.14 -0.76 15.31
CA THR D 132 15.80 -0.70 14.02
C THR D 132 15.02 -1.53 13.01
N LYS D 133 15.19 -1.17 11.73
CA LYS D 133 14.63 -1.89 10.59
C LYS D 133 15.72 -1.99 9.54
N PRO D 134 15.88 -3.12 8.87
CA PRO D 134 16.81 -3.13 7.72
C PRO D 134 16.31 -2.22 6.61
N ILE D 135 17.23 -1.57 5.92
CA ILE D 135 16.91 -0.79 4.73
C ILE D 135 17.29 -1.67 3.53
N LEU D 136 18.59 -1.74 3.24
CA LEU D 136 19.14 -2.47 2.11
C LEU D 136 20.60 -2.75 2.45
N SER D 137 21.14 -3.78 1.81
CA SER D 137 22.57 -4.07 1.88
C SER D 137 23.12 -4.02 0.46
N TYR D 138 24.19 -3.25 0.24
CA TYR D 138 24.63 -3.01 -1.12
C TYR D 138 26.14 -3.15 -1.26
N LEU D 139 26.55 -3.52 -2.46
CA LEU D 139 27.96 -3.50 -2.83
C LEU D 139 28.31 -2.09 -3.30
N ALA D 140 29.36 -1.50 -2.69
CA ALA D 140 29.70 -0.11 -3.00
C ALA D 140 30.11 0.09 -4.45
N SER D 141 30.92 -0.79 -4.97
CA SER D 141 31.44 -0.63 -6.33
C SER D 141 32.08 -1.94 -6.76
N PRO D 142 31.26 -2.93 -7.13
CA PRO D 142 31.75 -4.30 -7.25
C PRO D 142 32.62 -4.57 -8.47
N GLY D 143 32.82 -3.61 -9.35
CA GLY D 143 33.84 -3.79 -10.37
C GLY D 143 35.25 -3.67 -9.86
N GLY D 144 35.42 -3.18 -8.62
CA GLY D 144 36.76 -2.98 -8.14
C GLY D 144 36.97 -3.24 -6.66
N THR D 145 35.90 -3.28 -5.86
CA THR D 145 36.06 -3.52 -4.43
C THR D 145 35.02 -4.53 -3.96
N SER D 146 35.38 -5.33 -2.97
CA SER D 146 34.46 -6.29 -2.41
C SER D 146 33.48 -5.69 -1.40
N GLU D 147 33.66 -4.42 -1.06
CA GLU D 147 32.99 -3.85 0.11
C GLU D 147 31.47 -3.93 -0.01
N ARG D 148 30.87 -4.49 1.02
CA ARG D 148 29.44 -4.49 1.21
C ARG D 148 29.09 -3.66 2.44
N LEU D 149 28.03 -2.87 2.34
CA LEU D 149 27.53 -2.05 3.42
C LEU D 149 26.07 -2.41 3.65
N SER D 150 25.73 -2.69 4.90
CA SER D 150 24.36 -3.07 5.28
C SER D 150 23.76 -1.93 6.09
N ILE D 151 22.70 -1.33 5.55
CA ILE D 151 22.09 -0.15 6.16
C ILE D 151 20.87 -0.57 6.96
N LEU D 152 20.77 -0.05 8.20
CA LEU D 152 19.56 -0.07 9.01
C LEU D 152 19.04 1.35 9.18
N VAL D 153 17.75 1.47 9.40
CA VAL D 153 17.20 2.72 9.92
C VAL D 153 17.01 2.53 11.42
N GLY D 154 17.35 3.57 12.18
CA GLY D 154 17.28 3.52 13.64
C GLY D 154 16.47 4.67 14.21
N GLU D 155 15.55 4.28 15.08
CA GLU D 155 14.66 5.23 15.75
C GLU D 155 15.44 6.00 16.80
N VAL D 156 15.44 7.33 16.65
CA VAL D 156 16.13 8.18 17.62
C VAL D 156 15.24 9.35 17.98
N ASP D 157 15.55 9.96 19.13
CA ASP D 157 15.00 11.25 19.53
C ASP D 157 16.04 12.30 19.12
N ALA D 158 15.75 13.01 18.03
CA ALA D 158 16.73 13.94 17.47
C ALA D 158 16.97 15.15 18.38
N SER D 159 16.07 15.42 19.32
CA SER D 159 16.31 16.54 20.21
C SER D 159 17.52 16.30 21.12
N THR D 160 17.94 15.04 21.26
CA THR D 160 19.05 14.67 22.12
C THR D 160 20.39 14.58 21.40
N ALA D 161 20.43 14.77 20.08
CA ALA D 161 21.65 14.54 19.31
C ALA D 161 22.73 15.56 19.66
N LYS D 162 23.90 15.05 20.08
CA LYS D 162 24.99 15.92 20.54
C LYS D 162 26.30 15.65 19.79
N ASP D 173 37.45 13.71 14.27
CA ASP D 173 36.86 15.04 14.48
C ASP D 173 35.50 15.14 13.77
N ILE D 174 34.41 15.05 14.54
CA ILE D 174 33.06 14.86 14.02
C ILE D 174 32.13 15.94 14.53
N ARG D 175 31.24 16.42 13.67
CA ARG D 175 30.18 17.35 14.03
C ARG D 175 28.82 16.75 13.67
N VAL D 176 27.89 16.85 14.60
CA VAL D 176 26.55 16.28 14.48
C VAL D 176 25.60 17.36 14.02
N HIS D 177 24.80 17.04 12.99
CA HIS D 177 23.78 17.91 12.44
C HIS D 177 22.42 17.22 12.56
N VAL D 178 21.41 17.99 12.96
CA VAL D 178 20.02 17.57 12.91
C VAL D 178 19.31 18.41 11.86
N VAL D 179 18.69 17.75 10.88
CA VAL D 179 17.98 18.44 9.82
C VAL D 179 16.67 17.71 9.57
N SER D 180 15.70 18.43 9.06
CA SER D 180 14.44 17.80 8.64
C SER D 180 14.72 16.77 7.56
N ARG D 181 13.91 15.73 7.54
CA ARG D 181 13.98 14.77 6.43
C ARG D 181 13.92 15.49 5.08
N GLU D 182 12.97 16.41 4.93
CA GLU D 182 12.79 17.08 3.64
C GLU D 182 14.05 17.84 3.24
N GLN D 183 14.69 18.54 4.18
CA GLN D 183 15.95 19.23 3.89
C GLN D 183 17.05 18.23 3.51
N ALA D 184 17.17 17.13 4.24
CA ALA D 184 18.19 16.16 3.92
C ALA D 184 17.99 15.63 2.50
N TYR D 185 16.74 15.34 2.14
CA TYR D 185 16.49 14.78 0.81
C TYR D 185 16.74 15.83 -0.27
N GLN D 186 16.39 17.08 0.00
CA GLN D 186 16.70 18.16 -0.92
C GLN D 186 18.20 18.26 -1.13
N TRP D 187 18.99 18.02 -0.06
CA TRP D 187 20.43 18.09 -0.21
C TRP D 187 20.95 16.94 -1.06
N VAL D 188 20.28 15.78 -1.04
CA VAL D 188 20.62 14.73 -2.01
C VAL D 188 20.33 15.21 -3.43
N GLU D 189 19.14 15.75 -3.65
CA GLU D 189 18.78 16.25 -4.98
C GLU D 189 19.79 17.27 -5.48
N GLU D 190 20.25 18.14 -4.60
CA GLU D 190 21.17 19.23 -4.93
C GLU D 190 22.62 18.80 -5.00
N GLY D 191 22.96 17.58 -4.58
CA GLY D 191 24.35 17.14 -4.61
C GLY D 191 25.15 17.52 -3.39
N LYS D 192 24.51 18.10 -2.38
CA LYS D 192 25.22 18.46 -1.14
C LYS D 192 25.44 17.25 -0.26
N ILE D 193 24.60 16.23 -0.38
CA ILE D 193 24.83 14.89 0.16
C ILE D 193 25.01 13.99 -1.05
N ASP D 194 26.18 13.38 -1.17
CA ASP D 194 26.49 12.68 -2.42
C ASP D 194 27.45 11.53 -2.17
N ASN D 195 27.38 10.91 -0.99
CA ASN D 195 28.05 9.63 -0.75
C ASN D 195 27.01 8.51 -0.81
N ALA D 196 27.40 7.37 -1.37
CA ALA D 196 26.45 6.29 -1.66
C ALA D 196 25.57 5.93 -0.47
N ALA D 197 26.18 5.71 0.70
CA ALA D 197 25.39 5.23 1.82
C ALA D 197 24.28 6.20 2.20
N SER D 198 24.59 7.50 2.21
CA SER D 198 23.61 8.51 2.56
C SER D 198 22.56 8.69 1.49
N VAL D 199 22.97 8.64 0.22
CA VAL D 199 22.02 8.79 -0.87
C VAL D 199 21.04 7.62 -0.84
N ILE D 200 21.58 6.40 -0.71
CA ILE D 200 20.72 5.21 -0.70
C ILE D 200 19.75 5.26 0.49
N ALA D 201 20.27 5.58 1.68
CA ALA D 201 19.42 5.64 2.86
C ALA D 201 18.35 6.70 2.74
N LEU D 202 18.70 7.88 2.25
CA LEU D 202 17.73 8.97 2.22
C LEU D 202 16.74 8.82 1.09
N GLN D 203 17.13 8.22 -0.04
CA GLN D 203 16.12 7.88 -1.05
C GLN D 203 15.15 6.85 -0.49
N TRP D 204 15.67 5.83 0.19
CA TRP D 204 14.79 4.83 0.80
C TRP D 204 13.83 5.48 1.76
N LEU D 205 14.33 6.40 2.59
CA LEU D 205 13.46 7.05 3.55
C LEU D 205 12.39 7.86 2.83
N GLN D 206 12.76 8.52 1.73
CA GLN D 206 11.77 9.30 0.99
C GLN D 206 10.68 8.40 0.42
N LEU D 207 11.02 7.14 0.12
CA LEU D 207 10.03 6.20 -0.39
C LEU D 207 9.21 5.52 0.69
N HIS D 208 9.69 5.45 1.94
CA HIS D 208 9.09 4.61 2.96
C HIS D 208 8.70 5.35 4.22
N TYR D 209 8.87 6.66 4.30
CA TYR D 209 8.68 7.31 5.59
C TYR D 209 7.24 7.26 6.09
N HIS D 210 6.24 7.32 5.21
CA HIS D 210 4.86 7.23 5.69
C HIS D 210 4.63 5.92 6.46
N ASN D 211 5.04 4.79 5.86
CA ASN D 211 4.85 3.51 6.53
C ASN D 211 5.66 3.44 7.82
N LEU D 212 6.85 4.02 7.82
CA LEU D 212 7.73 3.91 8.97
C LEU D 212 7.21 4.77 10.13
N ARG D 213 6.72 5.96 9.81
CA ARG D 213 6.13 6.79 10.85
C ARG D 213 4.96 6.07 11.52
N ASN D 214 4.20 5.27 10.76
CA ASN D 214 3.16 4.41 11.35
C ASN D 214 3.75 3.29 12.19
N GLU D 215 4.71 2.55 11.62
CA GLU D 215 5.26 1.40 12.33
C GLU D 215 5.85 1.81 13.67
N TRP D 216 6.33 3.06 13.78
CA TRP D 216 7.07 3.51 14.96
C TRP D 216 6.35 4.56 15.81
N THR D 217 5.44 5.34 15.24
CA THR D 217 4.61 6.22 16.06
C THR D 217 3.63 5.38 16.88
N LYS D 218 2.85 4.57 16.19
CA LYS D 218 2.05 3.53 16.82
C LYS D 218 2.99 2.62 17.62
N HIS E 4 -22.23 15.45 36.73
CA HIS E 4 -22.14 16.93 36.96
C HIS E 4 -20.70 17.30 37.26
N HIS E 5 -20.21 16.78 38.38
CA HIS E 5 -18.83 16.95 38.78
C HIS E 5 -18.37 15.72 39.53
N HIS E 6 -17.07 15.58 39.69
CA HIS E 6 -16.48 14.46 40.42
C HIS E 6 -16.04 14.97 41.78
N HIS E 7 -16.74 14.56 42.83
CA HIS E 7 -16.36 14.94 44.17
C HIS E 7 -15.34 13.94 44.72
N HIS E 8 -14.26 14.46 45.30
CA HIS E 8 -13.18 13.57 45.72
C HIS E 8 -13.62 12.56 46.77
N MET E 9 -14.68 12.86 47.54
CA MET E 9 -15.15 11.90 48.54
C MET E 9 -16.09 10.84 47.97
N SER E 10 -16.40 10.90 46.68
CA SER E 10 -17.15 9.82 46.03
C SER E 10 -16.25 8.62 45.74
N ILE E 17 -10.68 4.24 34.66
CA ILE E 17 -9.31 3.90 34.23
C ILE E 17 -8.55 5.17 33.91
N THR E 18 -7.86 5.70 34.94
CA THR E 18 -7.19 6.98 34.84
C THR E 18 -6.35 7.09 33.57
N PHE E 19 -6.41 8.27 32.92
CA PHE E 19 -5.69 8.43 31.66
C PHE E 19 -4.19 8.44 31.87
N SER E 20 -3.49 7.86 30.90
CA SER E 20 -2.04 7.82 30.86
C SER E 20 -1.57 8.30 29.50
N LYS E 21 -0.25 8.24 29.30
CA LYS E 21 0.30 8.54 27.99
C LYS E 21 -0.19 7.58 26.92
N ASN E 22 -0.62 6.37 27.30
CA ASN E 22 -1.17 5.47 26.30
C ASN E 22 -2.45 6.02 25.66
N ASP E 23 -3.09 7.01 26.31
CA ASP E 23 -4.31 7.64 25.84
C ASP E 23 -4.05 8.86 24.97
N VAL E 24 -2.79 9.08 24.58
CA VAL E 24 -2.37 10.20 23.77
C VAL E 24 -1.66 9.63 22.56
N GLU E 25 -1.96 10.18 21.38
CA GLU E 25 -1.27 9.85 20.13
C GLU E 25 -0.60 11.14 19.67
N ILE E 26 0.69 11.28 19.92
CA ILE E 26 1.41 12.43 19.36
C ILE E 26 1.79 12.03 17.94
N ILE E 27 1.13 12.67 16.96
CA ILE E 27 1.32 12.36 15.54
C ILE E 27 2.63 12.94 15.02
N ALA E 28 2.95 14.17 15.44
CA ALA E 28 4.10 14.89 14.91
C ALA E 28 4.47 15.98 15.90
N ARG E 29 5.74 16.33 15.93
CA ARG E 29 6.24 17.58 16.49
C ARG E 29 6.97 18.32 15.39
N GLU E 30 6.33 19.34 14.83
CA GLU E 30 6.81 19.99 13.63
C GLU E 30 7.56 21.26 14.00
N THR E 31 8.79 21.38 13.53
CA THR E 31 9.60 22.55 13.81
C THR E 31 8.97 23.80 13.19
N LEU E 32 8.74 24.78 14.03
CA LEU E 32 8.22 26.07 13.59
C LEU E 32 9.29 27.12 13.60
N TYR E 33 10.21 27.01 14.55
CA TYR E 33 11.30 27.95 14.71
C TYR E 33 12.41 27.30 15.50
N ARG E 34 13.65 27.49 15.04
CA ARG E 34 14.83 27.04 15.76
C ARG E 34 15.80 28.22 15.83
N GLY E 35 16.04 28.71 17.04
CA GLY E 35 17.01 29.76 17.30
C GLY E 35 17.67 29.51 18.63
N PHE E 36 17.73 30.53 19.49
CA PHE E 36 18.21 30.30 20.85
C PHE E 36 17.23 29.42 21.60
N PHE E 37 15.95 29.68 21.42
CA PHE E 37 14.88 28.82 21.92
C PHE E 37 14.27 28.11 20.71
N SER E 38 13.28 27.27 20.94
CA SER E 38 12.62 26.57 19.86
C SER E 38 11.11 26.68 20.02
N LEU E 39 10.41 26.63 18.89
CA LEU E 39 8.96 26.51 18.89
C LEU E 39 8.56 25.34 18.03
N ASP E 40 7.74 24.44 18.58
CA ASP E 40 7.30 23.25 17.86
C ASP E 40 5.77 23.23 17.79
N LEU E 41 5.26 22.67 16.70
CA LEU E 41 3.84 22.36 16.59
C LEU E 41 3.62 20.92 17.00
N TYR E 42 2.95 20.72 18.14
CA TYR E 42 2.53 19.38 18.54
C TYR E 42 1.22 19.10 17.83
N ARG E 43 1.15 17.97 17.14
CA ARG E 43 -0.04 17.52 16.45
C ARG E 43 -0.42 16.20 17.10
N PHE E 44 -1.62 16.12 17.67
CA PHE E 44 -1.93 14.96 18.49
C PHE E 44 -3.44 14.70 18.51
N ARG E 45 -3.77 13.50 18.93
CA ARG E 45 -5.12 13.15 19.33
C ARG E 45 -5.05 12.59 20.74
N HIS E 46 -6.17 12.67 21.48
CA HIS E 46 -6.20 12.19 22.84
C HIS E 46 -7.57 11.63 23.19
N ARG E 47 -7.59 10.72 24.14
CA ARG E 47 -8.87 10.14 24.56
C ARG E 47 -9.74 11.16 25.27
N LEU E 48 -11.05 11.04 25.04
CA LEU E 48 -12.09 11.88 25.60
C LEU E 48 -12.66 11.24 26.85
N PHE E 49 -13.06 12.08 27.82
CA PHE E 49 -13.60 11.57 29.07
C PHE E 49 -14.79 10.66 28.86
N ASN E 50 -15.63 10.94 27.87
CA ASN E 50 -16.81 10.13 27.58
C ASN E 50 -16.55 9.04 26.53
N GLY E 51 -15.31 8.82 26.15
CA GLY E 51 -14.96 7.71 25.29
C GLY E 51 -14.61 8.17 23.89
N GLY E 52 -13.78 7.37 23.23
CA GLY E 52 -13.30 7.73 21.90
C GLY E 52 -12.12 8.67 21.93
N MET E 53 -11.57 8.91 20.74
CA MET E 53 -10.46 9.84 20.54
C MET E 53 -10.94 11.15 19.96
N SER E 54 -10.26 12.21 20.35
CA SER E 54 -10.47 13.53 19.79
C SER E 54 -10.17 13.56 18.29
N GLY E 55 -10.60 14.65 17.66
CA GLY E 55 -10.05 15.01 16.37
C GLY E 55 -8.58 15.41 16.52
N GLU E 56 -7.97 15.73 15.38
CA GLU E 56 -6.58 16.18 15.41
C GLU E 56 -6.47 17.59 15.99
N ILE E 57 -5.61 17.72 16.99
CA ILE E 57 -5.41 18.96 17.72
C ILE E 57 -3.99 19.41 17.42
N THR E 58 -3.79 20.71 17.26
CA THR E 58 -2.45 21.25 17.12
C THR E 58 -2.24 22.35 18.14
N ARG E 59 -1.01 22.42 18.65
CA ARG E 59 -0.65 23.43 19.64
C ARG E 59 0.77 23.91 19.40
N GLU E 60 0.95 25.23 19.43
CA GLU E 60 2.28 25.83 19.34
C GLU E 60 2.89 25.85 20.73
N ILE E 61 4.04 25.19 20.90
CA ILE E 61 4.65 24.98 22.20
C ILE E 61 6.08 25.53 22.18
N PHE E 62 6.36 26.41 23.13
CA PHE E 62 7.66 27.05 23.31
C PHE E 62 8.57 26.10 24.09
N GLU E 63 9.69 25.73 23.49
CA GLU E 63 10.62 24.75 24.03
C GLU E 63 11.91 25.45 24.42
N ARG E 64 12.18 25.55 25.72
CA ARG E 64 13.37 26.26 26.18
C ARG E 64 14.12 25.46 27.25
N GLY E 65 13.94 24.15 27.28
CA GLY E 65 14.52 23.37 28.34
C GLY E 65 13.86 23.66 29.69
N HIS E 66 14.55 23.23 30.75
CA HIS E 66 13.98 23.25 32.09
C HIS E 66 14.99 23.81 33.05
N ALA E 67 14.52 24.20 34.22
CA ALA E 67 15.34 25.03 35.10
C ALA E 67 15.41 24.47 36.51
N ALA E 68 16.50 24.82 37.18
CA ALA E 68 16.66 24.62 38.61
C ALA E 68 16.60 25.98 39.29
N VAL E 69 15.86 26.04 40.40
CA VAL E 69 15.66 27.27 41.15
C VAL E 69 16.07 27.06 42.60
N LEU E 70 16.79 28.01 43.17
CA LEU E 70 17.21 27.93 44.57
C LEU E 70 16.67 29.12 45.35
N LEU E 71 15.93 28.83 46.41
CA LEU E 71 15.61 29.79 47.45
C LEU E 71 16.72 29.75 48.50
N PRO E 72 17.61 30.74 48.55
CA PRO E 72 18.69 30.71 49.54
C PRO E 72 18.17 31.25 50.86
N PHE E 73 18.12 30.38 51.88
CA PHE E 73 17.53 30.70 53.16
C PHE E 73 18.53 30.50 54.27
N ASP E 74 18.71 31.54 55.05
CA ASP E 74 19.52 31.52 56.25
C ASP E 74 18.62 31.25 57.44
N PRO E 75 18.62 30.04 57.99
CA PRO E 75 17.68 29.73 59.07
C PRO E 75 18.08 30.30 60.40
N VAL E 76 19.35 30.68 60.53
CA VAL E 76 19.82 31.31 61.76
C VAL E 76 19.28 32.73 61.84
N ARG E 77 19.37 33.47 60.76
CA ARG E 77 18.97 34.88 60.77
C ARG E 77 17.56 35.11 60.25
N ASP E 78 16.92 34.09 59.66
CA ASP E 78 15.60 34.24 59.05
C ASP E 78 15.65 35.25 57.92
N GLU E 79 16.61 35.06 57.03
CA GLU E 79 16.84 35.95 55.91
C GLU E 79 16.85 35.13 54.63
N VAL E 80 16.53 35.81 53.53
CA VAL E 80 16.61 35.23 52.19
C VAL E 80 17.49 36.09 51.30
N VAL E 81 18.13 35.47 50.32
CA VAL E 81 18.95 36.17 49.34
C VAL E 81 18.18 36.26 48.05
N LEU E 82 18.03 37.47 47.53
CA LEU E 82 17.40 37.70 46.24
C LEU E 82 18.43 38.22 45.25
N VAL E 83 18.16 38.01 43.97
CA VAL E 83 19.02 38.48 42.89
CA VAL E 83 19.03 38.49 42.89
C VAL E 83 18.19 39.37 41.97
N GLU E 84 18.73 40.52 41.61
CA GLU E 84 18.01 41.49 40.79
C GLU E 84 18.68 41.61 39.43
N GLN E 85 17.88 41.54 38.36
CA GLN E 85 18.38 41.80 37.02
C GLN E 85 17.22 42.07 36.08
N ILE E 86 17.56 42.61 34.89
CA ILE E 86 16.55 42.94 33.90
C ILE E 86 16.06 41.67 33.21
N ARG E 87 14.75 41.59 33.04
CA ARG E 87 14.09 40.53 32.28
C ARG E 87 13.21 41.29 31.28
N ILE E 88 13.69 41.45 30.05
CA ILE E 88 13.01 42.38 29.15
C ILE E 88 11.59 41.91 28.81
N ALA E 89 11.33 40.60 28.85
CA ALA E 89 9.96 40.15 28.59
C ALA E 89 8.96 40.74 29.58
N ALA E 90 9.40 41.21 30.75
CA ALA E 90 8.48 41.81 31.72
C ALA E 90 8.08 43.23 31.35
N TYR E 91 8.76 43.83 30.37
CA TYR E 91 8.62 45.26 30.12
C TYR E 91 7.17 45.67 29.89
N ASP E 92 6.43 44.94 29.06
CA ASP E 92 5.15 45.46 28.58
C ASP E 92 4.05 45.46 29.64
N THR E 93 4.20 44.68 30.72
CA THR E 93 3.14 44.57 31.73
C THR E 93 3.60 44.96 33.12
N SER E 94 4.83 45.41 33.29
CA SER E 94 5.38 45.65 34.61
C SER E 94 5.81 47.09 34.77
N GLU E 95 5.88 47.50 36.04
CA GLU E 95 6.40 48.82 36.38
C GLU E 95 7.85 48.95 35.92
N SER E 96 8.63 47.89 36.06
CA SER E 96 10.03 47.89 35.67
C SER E 96 10.39 46.50 35.18
N PRO E 97 11.27 46.38 34.20
CA PRO E 97 11.72 45.04 33.79
C PRO E 97 12.81 44.48 34.69
N TRP E 98 13.31 45.25 35.65
CA TRP E 98 14.23 44.70 36.62
C TRP E 98 13.43 43.97 37.70
N LEU E 99 13.72 42.67 37.87
CA LEU E 99 12.97 41.81 38.77
C LEU E 99 13.83 41.32 39.92
N LEU E 100 13.19 41.15 41.09
CA LEU E 100 13.78 40.47 42.23
C LEU E 100 13.43 39.00 42.13
N GLU E 101 14.44 38.14 42.04
CA GLU E 101 14.19 36.75 41.73
C GLU E 101 15.03 35.81 42.60
N MET E 102 14.64 34.54 42.54
CA MET E 102 15.45 33.45 43.01
C MET E 102 16.65 33.21 42.10
N VAL E 103 17.69 32.65 42.70
CA VAL E 103 18.78 32.07 41.93
C VAL E 103 18.23 30.98 41.04
N ALA E 104 18.63 30.97 39.76
CA ALA E 104 18.13 29.97 38.83
C ALA E 104 19.09 29.77 37.66
N GLY E 105 19.01 28.60 37.06
CA GLY E 105 19.71 28.36 35.82
C GLY E 105 19.09 27.21 35.05
N MET E 106 19.43 27.15 33.77
CA MET E 106 18.99 26.06 32.92
C MET E 106 19.73 24.77 33.23
N ILE E 107 19.01 23.65 33.12
CA ILE E 107 19.57 22.32 33.35
C ILE E 107 20.01 21.75 32.01
N GLU E 108 21.30 21.41 31.89
CA GLU E 108 21.83 20.80 30.69
C GLU E 108 21.82 19.28 30.81
N ALA E 109 22.04 18.60 29.68
CA ALA E 109 21.98 17.15 29.67
C ALA E 109 22.95 16.56 30.69
N GLY E 110 22.47 15.57 31.44
CA GLY E 110 23.28 14.88 32.43
C GLY E 110 23.41 15.59 33.76
N GLU E 111 22.92 16.82 33.89
CA GLU E 111 23.09 17.57 35.12
C GLU E 111 21.95 17.25 36.07
N THR E 112 22.22 17.45 37.36
CA THR E 112 21.15 17.37 38.34
C THR E 112 20.64 18.76 38.67
N VAL E 113 19.38 18.81 39.12
CA VAL E 113 18.79 20.05 39.60
C VAL E 113 19.69 20.69 40.65
N GLU E 114 20.17 19.87 41.58
CA GLU E 114 20.92 20.41 42.72
C GLU E 114 22.28 20.95 42.29
N ASP E 115 22.92 20.32 41.32
CA ASP E 115 24.20 20.82 40.84
C ASP E 115 24.06 22.21 40.21
N VAL E 116 23.04 22.39 39.38
CA VAL E 116 22.80 23.70 38.77
C VAL E 116 22.51 24.74 39.85
N ALA E 117 21.65 24.38 40.81
CA ALA E 117 21.32 25.32 41.89
C ALA E 117 22.56 25.75 42.65
N ARG E 118 23.42 24.80 43.01
CA ARG E 118 24.63 25.16 43.75
C ARG E 118 25.56 26.00 42.90
N ARG E 119 25.72 25.62 41.62
CA ARG E 119 26.61 26.40 40.76
C ARG E 119 26.14 27.85 40.65
N GLU E 120 24.86 28.04 40.35
CA GLU E 120 24.35 29.39 40.17
C GLU E 120 24.40 30.19 41.46
N ALA E 121 24.17 29.53 42.61
CA ALA E 121 24.22 30.26 43.86
C ALA E 121 25.63 30.81 44.08
N LEU E 122 26.63 30.01 43.72
CA LEU E 122 28.02 30.43 43.90
C LEU E 122 28.39 31.53 42.94
N GLU E 123 27.96 31.41 41.68
CA GLU E 123 28.35 32.36 40.65
C GLU E 123 27.61 33.69 40.78
N GLU E 124 26.35 33.69 41.25
CA GLU E 124 25.58 34.93 41.29
C GLU E 124 25.68 35.63 42.63
N ALA E 125 25.97 34.91 43.71
CA ALA E 125 25.92 35.50 45.04
C ALA E 125 27.04 35.04 45.96
N GLY E 126 28.03 34.29 45.48
CA GLY E 126 29.09 33.86 46.37
C GLY E 126 28.65 32.89 47.43
N LEU E 127 27.46 32.28 47.27
CA LEU E 127 26.89 31.46 48.31
C LEU E 127 27.31 30.00 48.16
N GLU E 128 27.96 29.47 49.17
CA GLU E 128 28.04 28.04 49.35
C GLU E 128 26.72 27.59 49.95
N VAL E 129 26.23 26.45 49.50
CA VAL E 129 24.96 25.92 49.99
C VAL E 129 25.28 24.71 50.86
N GLY E 130 24.53 24.58 51.95
CA GLY E 130 24.66 23.43 52.81
C GLY E 130 23.63 22.38 52.49
N ARG E 131 22.74 22.14 53.44
CA ARG E 131 21.64 21.24 53.22
C ARG E 131 20.66 21.83 52.23
N THR E 132 19.89 20.94 51.59
CA THR E 132 18.84 21.33 50.68
C THR E 132 17.61 20.48 50.94
N LYS E 133 16.45 21.00 50.52
CA LYS E 133 15.21 20.27 50.56
C LYS E 133 14.48 20.67 49.29
N PRO E 134 13.86 19.73 48.59
CA PRO E 134 12.97 20.12 47.51
C PRO E 134 11.81 20.93 48.05
N ILE E 135 11.40 21.92 47.28
CA ILE E 135 10.18 22.67 47.60
C ILE E 135 9.10 22.03 46.74
N LEU E 136 9.15 22.32 45.44
CA LEU E 136 8.12 21.95 44.48
CA LEU E 136 8.23 21.71 44.51
C LEU E 136 8.75 21.99 43.10
N SER E 137 8.18 21.25 42.15
CA SER E 137 8.57 21.32 40.77
C SER E 137 7.32 21.62 39.98
N TYR E 138 7.35 22.65 39.17
CA TYR E 138 6.12 23.14 38.55
C TYR E 138 6.31 23.47 37.08
N LEU E 139 5.21 23.37 36.35
CA LEU E 139 5.12 23.79 34.96
C LEU E 139 4.76 25.27 34.92
N ALA E 140 5.61 26.05 34.26
CA ALA E 140 5.44 27.50 34.25
C ALA E 140 4.15 27.95 33.61
N SER E 141 3.79 27.36 32.50
CA SER E 141 2.62 27.77 31.73
C SER E 141 2.27 26.72 30.70
N PRO E 142 1.64 25.63 31.14
CA PRO E 142 1.58 24.41 30.30
C PRO E 142 0.63 24.51 29.14
N GLY E 143 -0.12 25.59 28.99
CA GLY E 143 -0.89 25.80 27.77
C GLY E 143 -0.05 26.22 26.58
N GLY E 144 1.19 26.66 26.81
CA GLY E 144 2.02 27.23 25.76
C GLY E 144 3.50 26.91 25.80
N THR E 145 4.00 26.36 26.91
CA THR E 145 5.41 26.01 27.00
C THR E 145 5.58 24.74 27.81
N SER E 146 6.60 23.96 27.45
CA SER E 146 6.92 22.75 28.19
C SER E 146 7.68 22.99 29.49
N GLU E 147 8.15 24.21 29.70
CA GLU E 147 9.12 24.51 30.75
C GLU E 147 8.66 24.06 32.13
N ARG E 148 9.51 23.25 32.78
CA ARG E 148 9.36 22.86 34.16
C ARG E 148 10.50 23.47 34.95
N LEU E 149 10.20 23.98 36.13
CA LEU E 149 11.20 24.54 37.04
C LEU E 149 11.11 23.80 38.36
N SER E 150 12.25 23.36 38.86
CA SER E 150 12.33 22.57 40.08
C SER E 150 13.01 23.40 41.16
N ILE E 151 12.27 23.67 42.23
CA ILE E 151 12.71 24.61 43.27
C ILE E 151 13.24 23.81 44.46
N LEU E 152 14.40 24.22 44.94
CA LEU E 152 15.02 23.72 46.16
C LEU E 152 15.17 24.90 47.12
N VAL E 153 15.07 24.63 48.41
CA VAL E 153 15.54 25.57 49.42
C VAL E 153 16.93 25.09 49.84
N GLY E 154 17.87 26.03 49.89
CA GLY E 154 19.24 25.73 50.27
C GLY E 154 19.63 26.53 51.51
N GLU E 155 20.28 25.85 52.44
CA GLU E 155 20.77 26.47 53.66
C GLU E 155 21.98 27.32 53.32
N VAL E 156 21.91 28.61 53.64
CA VAL E 156 23.03 29.52 53.42
C VAL E 156 23.30 30.32 54.69
N ASP E 157 24.51 30.82 54.77
CA ASP E 157 24.87 31.88 55.71
C ASP E 157 24.74 33.18 54.94
N ALA E 158 23.70 33.95 55.23
CA ALA E 158 23.47 35.16 54.45
C ALA E 158 24.49 36.25 54.75
N SER E 159 25.32 36.10 55.77
CA SER E 159 26.39 37.06 55.99
C SER E 159 27.56 36.81 55.05
N THR E 160 27.51 35.76 54.22
CA THR E 160 28.48 35.52 53.16
C THR E 160 27.93 35.82 51.78
N ALA E 161 26.71 36.36 51.67
CA ALA E 161 26.13 36.69 50.38
C ALA E 161 26.67 38.03 49.91
N LYS E 162 27.23 38.05 48.71
CA LYS E 162 27.90 39.24 48.19
C LYS E 162 27.80 39.24 46.67
N GLY E 163 27.93 40.43 46.11
CA GLY E 163 28.08 40.54 44.66
C GLY E 163 29.42 39.94 44.22
N ILE E 164 29.37 39.17 43.14
CA ILE E 164 30.53 38.44 42.64
C ILE E 164 31.18 39.29 41.56
N HIS E 165 32.45 39.64 41.77
CA HIS E 165 33.22 40.36 40.76
C HIS E 165 33.48 39.47 39.55
N GLY E 166 33.29 40.03 38.35
CA GLY E 166 33.52 39.30 37.12
C GLY E 166 33.99 40.19 36.00
N GLU E 172 25.55 38.58 32.63
CA GLU E 172 24.34 39.25 33.13
C GLU E 172 24.71 40.23 34.24
N ASP E 173 23.95 41.31 34.34
CA ASP E 173 24.24 42.39 35.28
C ASP E 173 23.32 42.22 36.47
N ILE E 174 23.90 41.85 37.61
CA ILE E 174 23.17 41.28 38.72
C ILE E 174 23.52 42.04 40.00
N ARG E 175 22.49 42.26 40.82
CA ARG E 175 22.65 42.87 42.13
C ARG E 175 22.05 41.92 43.16
N VAL E 176 22.78 41.74 44.26
CA VAL E 176 22.43 40.78 45.31
C VAL E 176 21.80 41.56 46.46
N HIS E 177 20.61 41.14 46.87
CA HIS E 177 19.90 41.71 48.02
C HIS E 177 19.78 40.66 49.12
N VAL E 178 19.90 41.12 50.36
CA VAL E 178 19.66 40.27 51.52
C VAL E 178 18.56 40.95 52.34
N VAL E 179 17.45 40.26 52.52
CA VAL E 179 16.31 40.81 53.24
C VAL E 179 15.77 39.78 54.23
N SER E 180 15.05 40.28 55.23
CA SER E 180 14.38 39.36 56.13
C SER E 180 13.31 38.57 55.37
N ARG E 181 13.07 37.34 55.82
CA ARG E 181 11.99 36.55 55.23
C ARG E 181 10.69 37.34 55.26
N GLU E 182 10.38 38.00 56.37
CA GLU E 182 9.13 38.74 56.46
C GLU E 182 9.05 39.83 55.39
N GLN E 183 10.17 40.51 55.12
CA GLN E 183 10.16 41.55 54.09
C GLN E 183 9.94 40.95 52.70
N ALA E 184 10.61 39.82 52.39
CA ALA E 184 10.44 39.24 51.07
C ALA E 184 9.01 38.81 50.86
N TYR E 185 8.41 38.20 51.88
CA TYR E 185 7.02 37.77 51.72
C TYR E 185 6.09 38.99 51.62
N GLN E 186 6.36 40.06 52.37
CA GLN E 186 5.56 41.27 52.24
C GLN E 186 5.62 41.83 50.82
N TRP E 187 6.78 41.74 50.17
CA TRP E 187 6.90 42.19 48.78
C TRP E 187 6.08 41.30 47.83
N VAL E 188 5.94 40.00 48.11
CA VAL E 188 5.01 39.18 47.33
C VAL E 188 3.60 39.70 47.49
N GLU E 189 3.19 39.94 48.73
CA GLU E 189 1.82 40.42 48.97
C GLU E 189 1.57 41.73 48.25
N GLU E 190 2.57 42.59 48.14
CA GLU E 190 2.42 43.92 47.56
C GLU E 190 2.58 43.94 46.06
N GLY E 191 3.02 42.85 45.46
CA GLY E 191 3.27 42.79 44.03
C GLY E 191 4.66 43.24 43.63
N LYS E 192 5.54 43.50 44.59
CA LYS E 192 6.89 43.88 44.24
C LYS E 192 7.75 42.69 43.84
N ILE E 193 7.42 41.50 44.31
CA ILE E 193 7.95 40.25 43.79
C ILE E 193 6.77 39.56 43.13
N ASP E 194 6.84 39.35 41.79
CA ASP E 194 5.69 38.81 41.08
C ASP E 194 6.10 37.92 39.92
N ASN E 195 7.22 37.24 40.03
CA ASN E 195 7.58 36.19 39.08
C ASN E 195 7.25 34.86 39.75
N ALA E 196 6.76 33.92 38.94
CA ALA E 196 6.22 32.66 39.49
C ALA E 196 7.20 31.97 40.44
N ALA E 197 8.46 31.82 40.02
CA ALA E 197 9.38 31.03 40.84
C ALA E 197 9.54 31.62 42.22
N SER E 198 9.67 32.94 42.29
CA SER E 198 9.86 33.56 43.60
C SER E 198 8.58 33.55 44.43
N VAL E 199 7.43 33.82 43.80
CA VAL E 199 6.16 33.75 44.51
C VAL E 199 5.97 32.36 45.12
N ILE E 200 6.17 31.32 44.32
CA ILE E 200 5.97 29.96 44.80
C ILE E 200 6.94 29.62 45.94
N ALA E 201 8.22 29.98 45.77
CA ALA E 201 9.21 29.66 46.77
C ALA E 201 8.92 30.36 48.08
N LEU E 202 8.55 31.65 48.01
CA LEU E 202 8.35 32.45 49.21
C LEU E 202 7.02 32.14 49.89
N GLN E 203 5.99 31.80 49.10
CA GLN E 203 4.77 31.28 49.73
C GLN E 203 5.07 29.97 50.45
N TRP E 204 5.84 29.07 49.84
CA TRP E 204 6.21 27.84 50.51
C TRP E 204 6.94 28.14 51.80
N LEU E 205 7.92 29.05 51.74
CA LEU E 205 8.70 29.38 52.92
C LEU E 205 7.81 29.95 54.01
N GLN E 206 6.84 30.75 53.62
CA GLN E 206 5.93 31.31 54.62
C GLN E 206 5.11 30.22 55.29
N LEU E 207 4.83 29.14 54.56
CA LEU E 207 4.10 28.01 55.11
C LEU E 207 4.97 27.03 55.91
N HIS E 208 6.28 26.98 55.69
CA HIS E 208 7.12 25.96 56.29
C HIS E 208 8.28 26.48 57.13
N TYR E 209 8.43 27.80 57.27
CA TYR E 209 9.67 28.29 57.86
C TYR E 209 9.85 27.84 59.30
N HIS E 210 8.76 27.67 60.05
CA HIS E 210 8.93 27.37 61.46
C HIS E 210 9.60 26.01 61.62
N ASN E 211 9.09 25.00 60.92
CA ASN E 211 9.66 23.66 60.97
C ASN E 211 11.03 23.62 60.31
N LEU E 212 11.21 24.34 59.20
CA LEU E 212 12.50 24.35 58.54
C LEU E 212 13.58 24.96 59.45
N ARG E 213 13.28 26.09 60.10
CA ARG E 213 14.28 26.68 60.96
C ARG E 213 14.66 25.72 62.08
N ASN E 214 13.68 25.06 62.69
CA ASN E 214 13.98 24.11 63.74
C ASN E 214 14.83 22.97 63.21
N GLU E 215 14.48 22.42 62.05
CA GLU E 215 15.23 21.32 61.48
C GLU E 215 16.68 21.68 61.27
N TRP E 216 16.94 22.92 60.82
CA TRP E 216 18.29 23.31 60.41
C TRP E 216 19.08 24.04 61.50
N THR E 217 18.49 24.29 62.66
CA THR E 217 19.22 24.85 63.79
C THR E 217 19.26 23.91 64.98
N LYS E 218 18.78 22.68 64.82
CA LYS E 218 18.81 21.68 65.88
C LYS E 218 20.23 21.17 66.07
N GLY F 16 14.93 47.87 47.50
CA GLY F 16 14.27 47.23 46.38
C GLY F 16 15.02 47.38 45.06
N ILE F 17 14.30 47.29 43.94
CA ILE F 17 14.96 47.43 42.64
C ILE F 17 15.52 48.83 42.50
N THR F 18 16.42 49.00 41.52
CA THR F 18 17.10 50.27 41.29
C THR F 18 16.51 51.07 40.14
N PHE F 19 16.24 50.41 39.02
CA PHE F 19 15.95 51.08 37.76
C PHE F 19 14.49 50.88 37.34
N SER F 20 14.04 51.77 36.45
CA SER F 20 12.69 51.80 35.92
C SER F 20 12.69 51.55 34.40
N LYS F 21 11.52 51.69 33.77
CA LYS F 21 11.43 51.63 32.31
C LYS F 21 12.23 52.72 31.64
N ASN F 22 12.47 53.83 32.34
CA ASN F 22 13.24 54.92 31.78
C ASN F 22 14.69 54.52 31.51
N ASP F 23 15.15 53.44 32.14
CA ASP F 23 16.55 53.05 32.12
C ASP F 23 16.85 51.96 31.10
N VAL F 24 15.91 51.66 30.23
CA VAL F 24 16.13 50.73 29.13
C VAL F 24 15.58 51.36 27.87
N GLU F 25 16.25 51.09 26.76
CA GLU F 25 15.90 51.57 25.43
C GLU F 25 15.61 50.34 24.58
N ILE F 26 14.35 50.16 24.18
CA ILE F 26 14.01 49.10 23.25
C ILE F 26 14.26 49.64 21.85
N ILE F 27 15.29 49.11 21.19
CA ILE F 27 15.74 49.64 19.90
C ILE F 27 14.77 49.25 18.80
N ALA F 28 14.39 47.99 18.77
CA ALA F 28 13.49 47.46 17.76
C ALA F 28 13.00 46.10 18.25
N ARG F 29 11.85 45.69 17.73
CA ARG F 29 11.37 44.34 17.89
C ARG F 29 11.20 43.71 16.52
N GLU F 30 11.40 42.40 16.45
CA GLU F 30 11.29 41.64 15.21
CA GLU F 30 11.32 41.63 15.21
C GLU F 30 10.42 40.42 15.46
N THR F 31 9.47 40.16 14.57
CA THR F 31 8.67 38.94 14.69
C THR F 31 9.37 37.84 13.90
N LEU F 32 9.87 36.84 14.63
CA LEU F 32 10.59 35.71 14.05
C LEU F 32 9.62 34.64 13.56
N TYR F 33 8.48 34.50 14.23
CA TYR F 33 7.45 33.54 13.87
C TYR F 33 6.12 34.13 14.27
N ARG F 34 5.13 34.03 13.38
CA ARG F 34 3.77 34.49 13.64
C ARG F 34 2.79 33.38 13.24
N GLY F 35 2.07 32.87 14.22
CA GLY F 35 1.04 31.87 13.98
C GLY F 35 -0.11 32.17 14.92
N PHE F 36 -0.51 31.21 15.73
CA PHE F 36 -1.50 31.53 16.75
C PHE F 36 -0.88 32.40 17.84
N PHE F 37 0.34 32.06 18.25
CA PHE F 37 1.17 32.91 19.10
C PHE F 37 2.26 33.52 18.22
N SER F 38 3.20 34.23 18.83
CA SER F 38 4.31 34.81 18.10
CA SER F 38 4.31 34.79 18.09
C SER F 38 5.59 34.63 18.90
N LEU F 39 6.70 34.61 18.18
CA LEU F 39 8.00 34.64 18.80
C LEU F 39 8.70 35.90 18.31
N ASP F 40 8.97 36.81 19.24
CA ASP F 40 9.56 38.08 18.92
C ASP F 40 11.00 38.15 19.41
N LEU F 41 11.81 38.92 18.71
CA LEU F 41 13.18 39.23 19.13
C LEU F 41 13.22 40.67 19.60
N TYR F 42 13.49 40.89 20.88
CA TYR F 42 13.69 42.24 21.40
C TYR F 42 15.15 42.61 21.26
N ARG F 43 15.40 43.85 20.81
CA ARG F 43 16.74 44.44 20.73
C ARG F 43 16.72 45.68 21.61
N PHE F 44 17.63 45.75 22.58
CA PHE F 44 17.51 46.80 23.58
C PHE F 44 18.86 47.10 24.23
N ARG F 45 18.95 48.25 24.87
CA ARG F 45 20.06 48.64 25.72
C ARG F 45 19.51 49.04 27.08
N HIS F 46 20.28 48.80 28.13
CA HIS F 46 19.80 49.11 29.47
C HIS F 46 20.94 49.54 30.37
N ARG F 47 20.60 50.29 31.41
CA ARG F 47 21.59 50.75 32.38
C ARG F 47 22.16 49.60 33.19
N LEU F 48 23.35 49.83 33.72
CA LEU F 48 24.09 48.90 34.55
C LEU F 48 24.17 49.43 35.98
N PHE F 49 24.24 48.50 36.94
CA PHE F 49 24.23 48.86 38.34
C PHE F 49 25.43 49.72 38.75
N ASN F 50 26.51 49.68 37.98
CA ASN F 50 27.68 50.49 38.28
C ASN F 50 27.59 51.90 37.72
N GLY F 51 26.60 52.19 36.87
CA GLY F 51 26.39 53.51 36.31
C GLY F 51 26.37 53.56 34.79
N GLY F 52 27.05 52.62 34.13
CA GLY F 52 27.17 52.66 32.68
C GLY F 52 25.90 52.24 31.95
N MET F 53 26.06 52.12 30.62
CA MET F 53 25.00 51.67 29.73
C MET F 53 25.45 50.41 29.01
N SER F 54 24.56 49.42 28.94
CA SER F 54 24.91 48.16 28.30
C SER F 54 25.11 48.35 26.80
N GLY F 55 25.73 47.37 26.17
CA GLY F 55 25.71 47.27 24.74
C GLY F 55 24.35 46.77 24.27
N GLU F 56 24.22 46.66 22.96
CA GLU F 56 22.98 46.16 22.39
C GLU F 56 22.79 44.71 22.79
N ILE F 57 21.60 44.39 23.29
CA ILE F 57 21.24 43.03 23.70
C ILE F 57 20.05 42.58 22.85
N THR F 58 20.00 41.29 22.56
CA THR F 58 18.83 40.70 21.93
C THR F 58 18.38 39.49 22.74
N ARG F 59 17.06 39.34 22.85
CA ARG F 59 16.44 38.21 23.54
C ARG F 59 15.23 37.75 22.75
N GLU F 60 15.05 36.44 22.68
CA GLU F 60 13.85 35.85 22.10
C GLU F 60 12.77 35.84 23.17
N ILE F 61 11.56 36.26 22.81
CA ILE F 61 10.46 36.31 23.75
C ILE F 61 9.21 35.71 23.13
N PHE F 62 8.65 34.74 23.82
CA PHE F 62 7.41 34.11 23.45
C PHE F 62 6.23 34.98 23.86
N GLU F 63 5.40 35.36 22.88
CA GLU F 63 4.28 36.29 23.07
C GLU F 63 2.99 35.56 22.84
N ARG F 64 2.20 35.44 23.89
CA ARG F 64 0.92 34.74 23.78
C ARG F 64 -0.20 35.48 24.50
N GLY F 65 -0.05 36.78 24.73
CA GLY F 65 -1.03 37.50 25.51
C GLY F 65 -1.00 37.12 26.98
N HIS F 66 -2.07 37.53 27.65
CA HIS F 66 -2.13 37.48 29.11
C HIS F 66 -3.46 36.88 29.55
N ALA F 67 -3.50 36.42 30.80
CA ALA F 67 -4.64 35.62 31.25
C ALA F 67 -5.22 36.09 32.57
N ALA F 68 -6.49 35.76 32.74
CA ALA F 68 -7.22 35.86 34.00
C ALA F 68 -7.43 34.45 34.55
N VAL F 69 -7.27 34.28 35.84
CA VAL F 69 -7.33 32.99 36.51
C VAL F 69 -8.28 33.13 37.69
N LEU F 70 -9.12 32.12 37.91
CA LEU F 70 -10.03 32.18 39.05
C LEU F 70 -9.89 30.92 39.89
N LEU F 71 -9.61 31.13 41.19
CA LEU F 71 -9.64 30.05 42.17
C LEU F 71 -11.07 29.99 42.70
N PRO F 72 -11.87 28.97 42.38
CA PRO F 72 -13.23 28.92 42.89
C PRO F 72 -13.22 28.29 44.26
N PHE F 73 -13.60 29.07 45.27
CA PHE F 73 -13.53 28.67 46.66
C PHE F 73 -14.89 28.78 47.30
N ASP F 74 -15.29 27.70 47.92
CA ASP F 74 -16.53 27.67 48.68
C ASP F 74 -16.17 27.80 50.16
N PRO F 75 -16.35 28.97 50.77
CA PRO F 75 -15.89 29.15 52.16
C PRO F 75 -16.76 28.45 53.18
N VAL F 76 -18.00 28.12 52.83
CA VAL F 76 -18.88 27.40 53.74
C VAL F 76 -18.50 25.93 53.79
N ARG F 77 -18.23 25.33 52.62
CA ARG F 77 -17.86 23.93 52.54
C ARG F 77 -16.34 23.72 52.65
N ASP F 78 -15.54 24.79 52.60
CA ASP F 78 -14.07 24.67 52.60
C ASP F 78 -13.62 23.74 51.48
N GLU F 79 -14.21 23.96 50.30
CA GLU F 79 -13.94 23.17 49.09
C GLU F 79 -13.48 24.08 47.96
N VAL F 80 -12.73 23.49 47.02
CA VAL F 80 -12.36 24.20 45.81
C VAL F 80 -12.89 23.41 44.64
N VAL F 81 -13.04 24.10 43.52
CA VAL F 81 -13.42 23.46 42.27
C VAL F 81 -12.24 23.52 41.31
N LEU F 82 -11.89 22.36 40.74
CA LEU F 82 -10.75 22.23 39.83
C LEU F 82 -11.26 21.72 38.50
N VAL F 83 -10.54 22.06 37.44
CA VAL F 83 -10.89 21.57 36.10
C VAL F 83 -9.74 20.73 35.58
N GLU F 84 -10.08 19.62 34.95
CA GLU F 84 -9.08 18.68 34.46
C GLU F 84 -9.16 18.65 32.94
N GLN F 85 -8.04 18.85 32.27
CA GLN F 85 -7.99 18.69 30.83
C GLN F 85 -6.55 18.49 30.38
N ILE F 86 -6.40 17.99 29.16
CA ILE F 86 -5.06 17.72 28.68
C ILE F 86 -4.34 19.02 28.33
N ARG F 87 -3.05 19.07 28.68
CA ARG F 87 -2.13 20.16 28.31
C ARG F 87 -0.92 19.44 27.73
N ILE F 88 -0.86 19.31 26.41
CA ILE F 88 0.12 18.43 25.78
C ILE F 88 1.55 18.87 26.11
N ALA F 89 1.76 20.17 26.38
CA ALA F 89 3.13 20.60 26.70
C ALA F 89 3.66 20.00 27.99
N ALA F 90 2.77 19.52 28.87
CA ALA F 90 3.19 18.79 30.07
C ALA F 90 3.77 17.41 29.78
N TYR F 91 3.60 16.89 28.56
CA TYR F 91 3.86 15.47 28.28
C TYR F 91 5.31 15.08 28.62
N ASP F 92 6.29 15.87 28.19
CA ASP F 92 7.66 15.37 28.30
C ASP F 92 8.18 15.29 29.73
N THR F 93 7.56 15.99 30.69
CA THR F 93 8.05 16.02 32.07
C THR F 93 7.05 15.55 33.11
N SER F 94 5.95 14.93 32.70
CA SER F 94 4.86 14.54 33.58
C SER F 94 4.46 13.12 33.23
N GLU F 95 3.99 12.38 34.24
CA GLU F 95 3.51 11.04 33.95
C GLU F 95 2.26 11.09 33.08
N SER F 96 1.40 12.10 33.33
CA SER F 96 0.21 12.29 32.52
C SER F 96 0.08 13.76 32.16
N PRO F 97 -0.29 14.07 30.91
CA PRO F 97 -0.51 15.46 30.51
C PRO F 97 -1.88 16.02 30.87
N TRP F 98 -2.77 15.21 31.43
CA TRP F 98 -4.01 15.75 31.98
C TRP F 98 -3.70 16.39 33.33
N LEU F 99 -4.00 17.68 33.42
CA LEU F 99 -3.71 18.48 34.60
C LEU F 99 -4.95 18.93 35.31
N LEU F 100 -4.83 19.07 36.62
CA LEU F 100 -5.83 19.71 37.45
C LEU F 100 -5.48 21.17 37.60
N GLU F 101 -6.38 22.05 37.18
CA GLU F 101 -6.07 23.47 37.06
C GLU F 101 -7.19 24.36 37.57
N MET F 102 -6.84 25.63 37.76
CA MET F 102 -7.79 26.71 37.94
C MET F 102 -8.46 27.06 36.63
N VAL F 103 -9.69 27.58 36.75
CA VAL F 103 -10.34 28.23 35.63
C VAL F 103 -9.51 29.39 35.13
N ALA F 104 -9.39 29.52 33.79
CA ALA F 104 -8.57 30.58 33.23
C ALA F 104 -8.96 30.84 31.80
N GLY F 105 -8.66 32.07 31.36
CA GLY F 105 -8.86 32.43 29.97
C GLY F 105 -8.05 33.63 29.58
N MET F 106 -7.85 33.76 28.27
CA MET F 106 -7.10 34.90 27.74
C MET F 106 -7.91 36.18 27.89
N ILE F 107 -7.22 37.28 28.14
CA ILE F 107 -7.87 38.59 28.21
C ILE F 107 -7.78 39.24 26.83
N GLU F 108 -8.92 39.42 26.18
CA GLU F 108 -8.96 40.12 24.90
C GLU F 108 -8.97 41.63 25.13
N ALA F 109 -8.76 42.37 24.04
CA ALA F 109 -8.62 43.82 24.15
C ALA F 109 -9.83 44.43 24.86
N GLY F 110 -9.55 45.24 25.88
CA GLY F 110 -10.60 45.99 26.56
C GLY F 110 -11.41 45.20 27.58
N GLU F 111 -11.10 43.93 27.81
CA GLU F 111 -11.76 43.17 28.86
C GLU F 111 -11.03 43.36 30.18
N THR F 112 -11.75 43.20 31.27
CA THR F 112 -11.13 43.21 32.59
C THR F 112 -10.83 41.79 33.04
N VAL F 113 -9.86 41.67 33.97
CA VAL F 113 -9.57 40.40 34.59
C VAL F 113 -10.84 39.82 35.21
N GLU F 114 -11.61 40.66 35.91
CA GLU F 114 -12.76 40.13 36.62
C GLU F 114 -13.82 39.62 35.64
N ASP F 115 -14.06 40.34 34.55
CA ASP F 115 -15.05 39.88 33.58
C ASP F 115 -14.65 38.53 32.99
N VAL F 116 -13.37 38.36 32.65
CA VAL F 116 -12.92 37.10 32.08
C VAL F 116 -13.03 35.98 33.11
N ALA F 117 -12.59 36.26 34.34
CA ALA F 117 -12.61 35.23 35.36
C ALA F 117 -14.02 34.73 35.60
N ARG F 118 -14.97 35.66 35.73
CA ARG F 118 -16.36 35.26 35.98
C ARG F 118 -16.93 34.49 34.81
N ARG F 119 -16.65 34.94 33.59
CA ARG F 119 -17.17 34.26 32.40
C ARG F 119 -16.65 32.83 32.32
N GLU F 120 -15.36 32.65 32.55
CA GLU F 120 -14.75 31.33 32.44
C GLU F 120 -15.27 30.39 33.52
N ALA F 121 -15.51 30.91 34.73
CA ALA F 121 -15.99 30.04 35.79
C ALA F 121 -17.36 29.49 35.43
N LEU F 122 -18.21 30.32 34.80
CA LEU F 122 -19.54 29.89 34.38
C LEU F 122 -19.42 28.88 33.24
N GLU F 123 -18.58 29.18 32.25
CA GLU F 123 -18.50 28.35 31.04
C GLU F 123 -17.77 27.04 31.29
N GLU F 124 -16.64 27.05 31.99
CA GLU F 124 -15.85 25.83 32.16
C GLU F 124 -16.36 24.97 33.32
N ALA F 125 -16.92 25.58 34.38
CA ALA F 125 -17.29 24.82 35.57
C ALA F 125 -18.73 24.99 35.99
N GLY F 126 -19.56 25.71 35.22
CA GLY F 126 -20.95 25.89 35.59
C GLY F 126 -21.17 26.73 36.82
N LEU F 127 -20.19 27.53 37.23
CA LEU F 127 -20.21 28.20 38.51
C LEU F 127 -20.64 29.65 38.40
N GLU F 128 -21.67 30.00 39.16
CA GLU F 128 -22.00 31.39 39.43
C GLU F 128 -21.08 31.87 40.54
N VAL F 129 -20.36 32.94 40.29
CA VAL F 129 -19.42 33.48 41.25
C VAL F 129 -20.09 34.62 42.00
N GLY F 130 -19.94 34.61 43.32
CA GLY F 130 -20.38 35.72 44.15
C GLY F 130 -19.34 36.82 44.23
N ARG F 131 -18.78 37.00 45.42
CA ARG F 131 -17.73 37.99 45.59
C ARG F 131 -16.41 37.48 45.02
N THR F 132 -15.57 38.41 44.57
CA THR F 132 -14.21 38.10 44.21
C THR F 132 -13.26 38.98 45.02
N LYS F 133 -12.02 38.49 45.15
CA LYS F 133 -10.93 39.31 45.65
C LYS F 133 -9.68 38.97 44.84
N PRO F 134 -8.79 39.93 44.64
CA PRO F 134 -7.52 39.60 43.99
C PRO F 134 -6.64 38.74 44.89
N ILE F 135 -5.95 37.79 44.26
CA ILE F 135 -4.91 37.00 44.90
C ILE F 135 -3.60 37.71 44.55
N LEU F 136 -3.11 37.51 43.33
CA LEU F 136 -1.80 38.00 42.90
CA LEU F 136 -1.92 38.22 42.88
C LEU F 136 -1.79 38.02 41.38
N SER F 137 -0.91 38.82 40.79
CA SER F 137 -0.71 38.82 39.34
C SER F 137 0.77 38.54 39.12
N TYR F 138 1.08 37.53 38.30
CA TYR F 138 2.46 37.05 38.21
C TYR F 138 2.90 36.84 36.77
N LEU F 139 4.21 36.98 36.57
CA LEU F 139 4.85 36.61 35.33
C LEU F 139 5.18 35.13 35.34
N ALA F 140 4.69 34.40 34.33
CA ALA F 140 4.86 32.95 34.34
C ALA F 140 6.32 32.52 34.26
N SER F 141 7.09 33.15 33.36
CA SER F 141 8.48 32.74 33.17
C SER F 141 9.21 33.87 32.43
N PRO F 142 9.55 34.94 33.13
CA PRO F 142 9.96 36.16 32.44
C PRO F 142 11.32 36.09 31.76
N GLY F 143 12.06 35.00 31.88
CA GLY F 143 13.28 34.88 31.12
C GLY F 143 13.04 34.57 29.68
N GLY F 144 11.82 34.13 29.34
CA GLY F 144 11.56 33.75 27.98
C GLY F 144 10.19 34.10 27.42
N THR F 145 9.22 34.49 28.27
CA THR F 145 7.89 34.84 27.77
C THR F 145 7.37 36.06 28.52
N SER F 146 6.58 36.89 27.82
CA SER F 146 5.95 38.06 28.43
C SER F 146 4.73 37.72 29.27
N GLU F 147 4.28 36.47 29.27
CA GLU F 147 2.95 36.16 29.77
C GLU F 147 2.79 36.54 31.24
N ARG F 148 1.76 37.33 31.52
CA ARG F 148 1.28 37.63 32.86
C ARG F 148 -0.10 37.00 33.10
N LEU F 149 -0.28 36.44 34.29
CA LEU F 149 -1.56 35.85 34.72
C LEU F 149 -2.01 36.53 35.99
N SER F 150 -3.27 36.96 36.03
CA SER F 150 -3.82 37.70 37.16
C SER F 150 -4.90 36.82 37.80
N ILE F 151 -4.68 36.43 39.06
CA ILE F 151 -5.52 35.48 39.78
C ILE F 151 -6.46 36.22 40.69
N LEU F 152 -7.73 35.81 40.66
CA LEU F 152 -8.75 36.17 41.64
C LEU F 152 -9.19 34.93 42.40
N VAL F 153 -9.65 35.10 43.61
CA VAL F 153 -10.44 34.07 44.29
C VAL F 153 -11.91 34.45 44.14
N GLY F 154 -12.73 33.45 43.86
CA GLY F 154 -14.15 33.67 43.62
C GLY F 154 -14.99 32.80 44.52
N GLU F 155 -15.96 33.44 45.16
CA GLU F 155 -16.90 32.78 46.07
C GLU F 155 -17.90 31.95 45.29
N VAL F 156 -17.95 30.65 45.56
CA VAL F 156 -18.83 29.73 44.85
C VAL F 156 -19.48 28.78 45.85
N ASP F 157 -20.60 28.20 45.43
CA ASP F 157 -21.20 27.04 46.09
C ASP F 157 -20.70 25.81 45.33
N ALA F 158 -19.74 25.10 45.91
CA ALA F 158 -19.08 24.00 45.20
C ALA F 158 -20.04 22.90 44.82
N SER F 159 -21.14 22.76 45.56
CA SER F 159 -22.07 21.68 45.26
C SER F 159 -22.84 21.92 43.95
N THR F 160 -22.77 23.13 43.39
CA THR F 160 -23.38 23.43 42.10
C THR F 160 -22.45 23.18 40.92
N ALA F 161 -21.19 22.84 41.16
CA ALA F 161 -20.25 22.70 40.07
C ALA F 161 -20.75 21.68 39.05
N LYS F 162 -20.58 21.98 37.76
CA LYS F 162 -21.05 21.05 36.74
C LYS F 162 -20.25 21.23 35.45
N GLY F 163 -19.94 20.11 34.79
CA GLY F 163 -19.33 20.14 33.47
C GLY F 163 -20.31 20.56 32.39
N GLU F 172 -12.62 21.84 23.65
CA GLU F 172 -11.87 21.29 24.77
C GLU F 172 -12.71 20.24 25.49
N ASP F 173 -12.06 19.30 26.16
CA ASP F 173 -12.73 18.20 26.86
C ASP F 173 -12.36 18.31 28.32
N ILE F 174 -13.30 18.77 29.16
CA ILE F 174 -13.00 19.16 30.53
C ILE F 174 -13.79 18.30 31.52
N ARG F 175 -13.16 17.92 32.62
CA ARG F 175 -13.85 17.26 33.71
C ARG F 175 -13.75 18.17 34.93
N VAL F 176 -14.86 18.37 35.62
CA VAL F 176 -14.92 19.25 36.78
C VAL F 176 -14.85 18.43 38.05
N HIS F 177 -13.98 18.87 38.97
CA HIS F 177 -13.73 18.19 40.23
C HIS F 177 -14.06 19.12 41.41
N VAL F 178 -14.62 18.54 42.47
CA VAL F 178 -14.79 19.23 43.74
C VAL F 178 -13.98 18.49 44.78
N VAL F 179 -13.13 19.23 45.49
CA VAL F 179 -12.22 18.65 46.46
C VAL F 179 -12.09 19.60 47.65
N SER F 180 -11.90 19.05 48.84
CA SER F 180 -11.63 19.86 50.00
C SER F 180 -10.39 20.70 49.77
N ARG F 181 -10.36 21.86 50.40
CA ARG F 181 -9.16 22.68 50.34
C ARG F 181 -7.96 21.91 50.84
N GLU F 182 -8.13 21.21 51.96
CA GLU F 182 -7.04 20.46 52.58
C GLU F 182 -6.48 19.43 51.61
N GLN F 183 -7.34 18.68 50.93
CA GLN F 183 -6.85 17.69 49.96
C GLN F 183 -6.17 18.36 48.76
N ALA F 184 -6.74 19.43 48.24
CA ALA F 184 -6.14 20.13 47.13
C ALA F 184 -4.75 20.64 47.48
N TYR F 185 -4.59 21.20 48.68
CA TYR F 185 -3.26 21.65 49.07
C TYR F 185 -2.30 20.48 49.24
N GLN F 186 -2.76 19.38 49.82
CA GLN F 186 -1.94 18.17 49.94
C GLN F 186 -1.48 17.74 48.55
N TRP F 187 -2.35 17.86 47.55
CA TRP F 187 -1.97 17.52 46.19
C TRP F 187 -0.90 18.46 45.62
N VAL F 188 -0.89 19.74 46.04
CA VAL F 188 0.26 20.60 45.73
C VAL F 188 1.51 20.06 46.39
N GLU F 189 1.43 19.72 47.69
CA GLU F 189 2.61 19.24 48.40
C GLU F 189 3.16 17.96 47.76
N GLU F 190 2.26 17.09 47.28
CA GLU F 190 2.67 15.82 46.70
C GLU F 190 3.08 15.92 45.24
N GLY F 191 2.87 17.05 44.58
CA GLY F 191 3.19 17.19 43.20
C GLY F 191 2.10 16.79 42.24
N LYS F 192 0.94 16.35 42.75
CA LYS F 192 -0.18 16.01 41.88
C LYS F 192 -0.79 17.23 41.21
N ILE F 193 -0.74 18.40 41.85
CA ILE F 193 -1.06 19.67 41.24
C ILE F 193 0.27 20.40 41.14
N ASP F 194 0.69 20.73 39.93
CA ASP F 194 2.06 21.25 39.74
C ASP F 194 2.15 22.22 38.57
N ASN F 195 1.07 22.93 38.29
CA ASN F 195 1.09 24.04 37.34
C ASN F 195 1.09 25.34 38.14
N ALA F 196 1.85 26.31 37.64
CA ALA F 196 2.11 27.53 38.43
C ALA F 196 0.81 28.17 38.94
N ALA F 197 -0.20 28.37 38.07
CA ALA F 197 -1.36 29.12 38.52
C ALA F 197 -2.05 28.44 39.71
N SER F 198 -2.15 27.12 39.68
CA SER F 198 -2.84 26.38 40.72
C SER F 198 -2.02 26.31 41.99
N VAL F 199 -0.71 26.16 41.85
CA VAL F 199 0.17 26.16 43.00
C VAL F 199 0.13 27.51 43.71
N ILE F 200 0.25 28.60 42.96
CA ILE F 200 0.22 29.92 43.57
C ILE F 200 -1.11 30.17 44.25
N ALA F 201 -2.20 29.86 43.54
CA ALA F 201 -3.52 30.10 44.09
C ALA F 201 -3.76 29.26 45.35
N LEU F 202 -3.41 27.98 45.33
CA LEU F 202 -3.67 27.14 46.50
C LEU F 202 -2.72 27.41 47.66
N GLN F 203 -1.48 27.82 47.39
CA GLN F 203 -0.62 28.27 48.49
C GLN F 203 -1.18 29.52 49.12
N TRP F 204 -1.62 30.46 48.28
CA TRP F 204 -2.26 31.67 48.80
C TRP F 204 -3.46 31.31 49.67
N LEU F 205 -4.30 30.39 49.20
CA LEU F 205 -5.47 30.01 49.97
C LEU F 205 -5.07 29.37 51.30
N GLN F 206 -4.00 28.58 51.30
CA GLN F 206 -3.56 27.99 52.55
C GLN F 206 -3.15 29.06 53.54
N LEU F 207 -2.60 30.18 53.05
CA LEU F 207 -2.16 31.27 53.89
C LEU F 207 -3.29 32.21 54.31
N HIS F 208 -4.42 32.21 53.58
CA HIS F 208 -5.44 33.22 53.79
C HIS F 208 -6.84 32.69 54.05
N TYR F 209 -7.07 31.38 54.05
CA TYR F 209 -8.46 30.91 54.11
C TYR F 209 -9.16 31.26 55.43
N HIS F 210 -8.45 31.31 56.57
CA HIS F 210 -9.12 31.63 57.84
C HIS F 210 -9.81 32.98 57.76
N ASN F 211 -9.06 34.02 57.38
CA ASN F 211 -9.67 35.33 57.29
C ASN F 211 -10.63 35.42 56.12
N LEU F 212 -10.43 34.62 55.06
CA LEU F 212 -11.37 34.63 53.95
C LEU F 212 -12.70 34.01 54.34
N ARG F 213 -12.67 32.85 55.03
CA ARG F 213 -13.91 32.22 55.48
C ARG F 213 -14.66 33.15 56.43
N ASN F 214 -13.95 33.93 57.26
CA ASN F 214 -14.61 34.89 58.12
C ASN F 214 -15.24 36.02 57.32
N GLU F 215 -14.49 36.57 56.36
CA GLU F 215 -14.98 37.72 55.61
C GLU F 215 -16.21 37.37 54.76
N TRP F 216 -16.26 36.15 54.23
CA TRP F 216 -17.32 35.79 53.28
C TRP F 216 -18.49 35.05 53.90
N THR F 217 -18.29 34.35 55.00
CA THR F 217 -19.43 33.73 55.67
C THR F 217 -20.17 34.76 56.53
N LYS F 218 -19.46 35.79 56.99
CA LYS F 218 -20.10 36.94 57.60
C LYS F 218 -20.86 37.68 56.49
N GLY G 16 -42.27 -20.16 7.31
CA GLY G 16 -41.19 -19.56 6.54
C GLY G 16 -41.27 -19.78 5.03
N ILE G 17 -40.10 -19.90 4.39
CA ILE G 17 -40.04 -19.97 2.93
C ILE G 17 -40.78 -21.18 2.39
N THR G 18 -41.27 -21.04 1.16
CA THR G 18 -42.12 -22.06 0.54
C THR G 18 -41.33 -23.03 -0.35
N PHE G 19 -40.27 -22.58 -1.01
CA PHE G 19 -39.63 -23.34 -2.08
C PHE G 19 -38.12 -23.40 -1.88
N SER G 20 -37.46 -24.28 -2.63
CA SER G 20 -36.02 -24.52 -2.50
C SER G 20 -35.30 -24.48 -3.85
N LYS G 21 -34.02 -24.85 -3.83
CA LYS G 21 -33.18 -24.75 -5.02
C LYS G 21 -33.65 -25.64 -6.16
N ASN G 22 -34.12 -26.84 -5.84
CA ASN G 22 -34.59 -27.73 -6.88
C ASN G 22 -35.81 -27.16 -7.59
N ASP G 23 -36.45 -26.14 -7.01
CA ASP G 23 -37.64 -25.51 -7.59
C ASP G 23 -37.29 -24.40 -8.56
N VAL G 24 -36.02 -24.22 -8.85
CA VAL G 24 -35.61 -23.31 -9.91
C VAL G 24 -34.65 -24.02 -10.84
N GLU G 25 -34.78 -23.73 -12.12
CA GLU G 25 -33.88 -24.18 -13.17
C GLU G 25 -33.21 -22.95 -13.75
N ILE G 26 -31.89 -22.83 -13.57
CA ILE G 26 -31.12 -21.76 -14.20
C ILE G 26 -30.72 -22.30 -15.57
N ILE G 27 -31.30 -21.72 -16.63
CA ILE G 27 -31.09 -22.20 -17.98
C ILE G 27 -29.77 -21.70 -18.51
N ALA G 28 -29.43 -20.46 -18.21
CA ALA G 28 -28.23 -19.87 -18.75
C ALA G 28 -27.86 -18.63 -17.94
N ARG G 29 -26.58 -18.26 -18.04
CA ARG G 29 -26.09 -16.99 -17.55
C ARG G 29 -25.29 -16.32 -18.66
N GLU G 30 -25.75 -15.18 -19.14
CA GLU G 30 -25.25 -14.57 -20.37
C GLU G 30 -24.49 -13.31 -19.98
N THR G 31 -23.24 -13.24 -20.38
CA THR G 31 -22.44 -12.07 -20.11
C THR G 31 -23.03 -10.84 -20.78
N LEU G 32 -23.26 -9.81 -19.99
CA LEU G 32 -23.68 -8.52 -20.52
C LEU G 32 -22.55 -7.52 -20.51
N TYR G 33 -21.76 -7.51 -19.43
CA TYR G 33 -20.61 -6.64 -19.29
C TYR G 33 -19.53 -7.39 -18.50
N ARG G 34 -18.29 -7.28 -18.97
CA ARG G 34 -17.13 -7.81 -18.26
C ARG G 34 -16.07 -6.73 -18.18
N GLY G 35 -15.73 -6.34 -16.95
CA GLY G 35 -14.66 -5.41 -16.71
C GLY G 35 -14.04 -5.74 -15.37
N PHE G 36 -13.92 -4.75 -14.51
CA PHE G 36 -13.48 -5.04 -13.14
C PHE G 36 -14.54 -5.84 -12.42
N PHE G 37 -15.78 -5.41 -12.57
CA PHE G 37 -16.95 -6.15 -12.14
C PHE G 37 -17.60 -6.82 -13.37
N SER G 38 -18.67 -7.56 -13.12
CA SER G 38 -19.41 -8.22 -14.20
C SER G 38 -20.90 -7.94 -14.07
N LEU G 39 -21.59 -7.96 -15.20
CA LEU G 39 -23.05 -7.99 -15.19
C LEU G 39 -23.49 -9.16 -16.04
N ASP G 40 -24.35 -10.01 -15.48
CA ASP G 40 -24.82 -11.23 -16.11
C ASP G 40 -26.33 -11.18 -16.26
N LEU G 41 -26.83 -11.76 -17.34
CA LEU G 41 -28.26 -12.01 -17.50
C LEU G 41 -28.53 -13.45 -17.06
N TYR G 42 -29.23 -13.63 -15.93
CA TYR G 42 -29.70 -14.96 -15.54
C TYR G 42 -30.99 -15.27 -16.29
N ARG G 43 -31.04 -16.44 -16.92
CA ARG G 43 -32.21 -16.93 -17.64
C ARG G 43 -32.67 -18.16 -16.87
N PHE G 44 -33.91 -18.15 -16.39
CA PHE G 44 -34.29 -19.20 -15.46
C PHE G 44 -35.80 -19.38 -15.47
N ARG G 45 -36.24 -20.50 -14.89
CA ARG G 45 -37.63 -20.80 -14.63
C ARG G 45 -37.76 -21.20 -13.17
N HIS G 46 -38.93 -20.98 -12.59
CA HIS G 46 -39.08 -21.26 -11.17
C HIS G 46 -40.52 -21.64 -10.87
N ARG G 47 -40.67 -22.39 -9.79
CA ARG G 47 -41.98 -22.83 -9.35
C ARG G 47 -42.80 -21.65 -8.86
N LEU G 48 -44.11 -21.73 -9.11
CA LEU G 48 -45.06 -20.69 -8.74
C LEU G 48 -45.81 -21.08 -7.47
N PHE G 49 -46.19 -20.08 -6.67
CA PHE G 49 -46.86 -20.39 -5.41
C PHE G 49 -48.14 -21.19 -5.62
N ASN G 50 -48.89 -20.88 -6.67
CA ASN G 50 -50.19 -21.52 -6.92
C ASN G 50 -50.06 -22.77 -7.79
N GLY G 51 -48.83 -23.19 -8.11
CA GLY G 51 -48.60 -24.44 -8.81
C GLY G 51 -48.02 -24.24 -10.20
N GLY G 52 -47.25 -25.24 -10.65
CA GLY G 52 -46.60 -25.17 -11.94
C GLY G 52 -45.32 -24.36 -11.93
N MET G 53 -44.76 -24.17 -13.12
CA MET G 53 -43.52 -23.44 -13.31
C MET G 53 -43.78 -22.18 -14.12
N SER G 54 -43.01 -21.14 -13.81
CA SER G 54 -42.96 -19.98 -14.69
C SER G 54 -42.49 -20.36 -16.09
N GLY G 55 -42.72 -19.46 -17.01
CA GLY G 55 -41.99 -19.48 -18.26
C GLY G 55 -40.58 -19.00 -18.00
N GLU G 56 -39.81 -18.89 -19.07
CA GLU G 56 -38.45 -18.37 -18.96
C GLU G 56 -38.47 -16.92 -18.53
N ILE G 57 -37.68 -16.62 -17.50
CA ILE G 57 -37.57 -15.28 -16.93
C ILE G 57 -36.11 -14.86 -17.09
N THR G 58 -35.87 -13.55 -17.28
CA THR G 58 -34.50 -13.04 -17.28
C THR G 58 -34.35 -11.88 -16.30
N ARG G 59 -33.17 -11.80 -15.69
CA ARG G 59 -32.84 -10.75 -14.75
C ARG G 59 -31.38 -10.40 -14.92
N GLU G 60 -31.09 -9.09 -14.90
CA GLU G 60 -29.73 -8.58 -14.90
C GLU G 60 -29.19 -8.61 -13.49
N ILE G 61 -28.01 -9.17 -13.30
CA ILE G 61 -27.44 -9.34 -11.96
C ILE G 61 -26.01 -8.81 -11.94
N PHE G 62 -25.72 -7.88 -11.02
CA PHE G 62 -24.39 -7.34 -10.80
C PHE G 62 -23.55 -8.32 -9.98
N GLU G 63 -22.43 -8.76 -10.56
CA GLU G 63 -21.54 -9.76 -9.96
C GLU G 63 -20.22 -9.10 -9.61
N ARG G 64 -19.91 -9.10 -8.32
CA ARG G 64 -18.67 -8.49 -7.84
C ARG G 64 -18.04 -9.30 -6.71
N GLY G 65 -18.35 -10.59 -6.60
CA GLY G 65 -17.80 -11.37 -5.52
C GLY G 65 -18.47 -11.04 -4.21
N HIS G 66 -17.88 -11.52 -3.12
CA HIS G 66 -18.47 -11.46 -1.80
C HIS G 66 -17.42 -10.97 -0.82
N ALA G 67 -17.89 -10.45 0.33
CA ALA G 67 -17.00 -9.69 1.20
C ALA G 67 -17.05 -10.18 2.65
N ALA G 68 -15.95 -9.92 3.33
CA ALA G 68 -15.85 -10.08 4.76
C ALA G 68 -15.82 -8.69 5.38
N VAL G 69 -16.51 -8.52 6.49
CA VAL G 69 -16.63 -7.23 7.15
C VAL G 69 -16.29 -7.42 8.63
N LEU G 70 -15.52 -6.49 9.20
CA LEU G 70 -15.11 -6.59 10.59
C LEU G 70 -15.52 -5.32 11.33
N LEU G 71 -16.35 -5.49 12.35
CA LEU G 71 -16.60 -4.46 13.36
C LEU G 71 -15.52 -4.54 14.43
N PRO G 72 -14.61 -3.57 14.47
CA PRO G 72 -13.54 -3.64 15.49
C PRO G 72 -14.01 -3.00 16.78
N PHE G 73 -14.20 -3.82 17.80
CA PHE G 73 -14.81 -3.39 19.06
C PHE G 73 -13.83 -3.60 20.21
N ASP G 74 -13.60 -2.54 20.99
CA ASP G 74 -12.79 -2.63 22.19
C ASP G 74 -13.72 -2.79 23.38
N PRO G 75 -13.85 -3.99 23.95
CA PRO G 75 -14.82 -4.19 25.03
C PRO G 75 -14.38 -3.59 26.34
N VAL G 76 -13.09 -3.31 26.52
CA VAL G 76 -12.64 -2.69 27.78
C VAL G 76 -13.06 -1.24 27.80
N ARG G 77 -12.81 -0.52 26.70
CA ARG G 77 -13.08 0.89 26.61
C ARG G 77 -14.47 1.22 26.07
N ASP G 78 -15.21 0.22 25.55
CA ASP G 78 -16.50 0.43 24.90
C ASP G 78 -16.37 1.41 23.74
N GLU G 79 -15.40 1.12 22.86
CA GLU G 79 -15.09 1.94 21.71
C GLU G 79 -15.10 1.10 20.43
N VAL G 80 -15.33 1.79 19.32
CA VAL G 80 -15.42 1.24 17.97
CA VAL G 80 -15.29 1.15 18.01
C VAL G 80 -14.34 1.92 17.12
N VAL G 81 -13.70 1.16 16.24
CA VAL G 81 -12.76 1.72 15.29
C VAL G 81 -13.46 1.78 13.93
N LEU G 82 -13.57 2.97 13.38
CA LEU G 82 -14.11 3.23 12.05
C LEU G 82 -12.98 3.59 11.09
N VAL G 83 -13.16 3.30 9.79
CA VAL G 83 -12.21 3.75 8.78
C VAL G 83 -12.93 4.66 7.80
N GLU G 84 -12.25 5.71 7.37
CA GLU G 84 -12.78 6.68 6.44
C GLU G 84 -12.05 6.58 5.12
N GLN G 85 -12.81 6.53 4.02
CA GLN G 85 -12.22 6.59 2.69
C GLN G 85 -13.30 6.98 1.71
N ILE G 86 -12.86 7.46 0.54
CA ILE G 86 -13.78 7.92 -0.50
C ILE G 86 -14.44 6.71 -1.17
N ARG G 87 -15.75 6.82 -1.35
CA ARG G 87 -16.54 5.82 -2.10
C ARG G 87 -17.30 6.62 -3.16
N ILE G 88 -16.77 6.71 -4.38
CA ILE G 88 -17.32 7.68 -5.31
C ILE G 88 -18.77 7.32 -5.67
N ALA G 89 -19.18 6.05 -5.52
CA ALA G 89 -20.55 5.71 -5.85
C ALA G 89 -21.55 6.40 -4.92
N ALA G 90 -21.10 6.82 -3.75
CA ALA G 90 -21.95 7.55 -2.83
C ALA G 90 -22.23 8.98 -3.27
N TYR G 91 -21.46 9.49 -4.24
CA TYR G 91 -21.46 10.91 -4.52
C TYR G 91 -22.84 11.49 -4.80
N ASP G 92 -23.65 10.83 -5.64
CA ASP G 92 -24.83 11.52 -6.13
C ASP G 92 -25.92 11.67 -5.09
N THR G 93 -25.88 10.87 -4.02
CA THR G 93 -26.97 10.88 -3.04
C THR G 93 -26.49 11.24 -1.63
N SER G 94 -25.23 11.64 -1.45
CA SER G 94 -24.66 11.80 -0.13
C SER G 94 -24.06 13.20 0.03
N GLU G 95 -23.93 13.64 1.27
CA GLU G 95 -23.34 14.95 1.48
C GLU G 95 -21.86 14.94 1.12
N SER G 96 -21.17 13.84 1.38
CA SER G 96 -19.79 13.65 0.99
C SER G 96 -19.60 12.21 0.56
N PRO G 97 -18.75 11.97 -0.45
CA PRO G 97 -18.41 10.59 -0.81
C PRO G 97 -17.41 9.96 0.14
N TRP G 98 -16.85 10.69 1.10
CA TRP G 98 -16.02 10.05 2.11
C TRP G 98 -16.95 9.45 3.15
N LEU G 99 -16.83 8.16 3.39
CA LEU G 99 -17.72 7.45 4.29
C LEU G 99 -16.97 6.91 5.50
N LEU G 100 -17.68 6.78 6.62
CA LEU G 100 -17.19 6.09 7.80
C LEU G 100 -17.71 4.66 7.74
N GLU G 101 -16.79 3.70 7.77
CA GLU G 101 -17.15 2.33 7.46
C GLU G 101 -16.45 1.35 8.40
N MET G 102 -16.96 0.13 8.37
CA MET G 102 -16.25 -1.03 8.86
C MET G 102 -15.10 -1.44 7.94
N VAL G 103 -14.08 -2.02 8.55
CA VAL G 103 -13.05 -2.72 7.81
C VAL G 103 -13.71 -3.80 6.97
N ALA G 104 -13.26 -3.95 5.72
CA ALA G 104 -13.91 -4.91 4.85
C ALA G 104 -13.03 -5.23 3.65
N GLY G 105 -13.22 -6.40 3.09
CA GLY G 105 -12.55 -6.75 1.86
C GLY G 105 -13.15 -7.94 1.14
N MET G 106 -12.72 -8.09 -0.11
CA MET G 106 -13.21 -9.20 -0.92
C MET G 106 -12.63 -10.52 -0.44
N ILE G 107 -13.45 -11.57 -0.51
CA ILE G 107 -13.04 -12.93 -0.18
C ILE G 107 -12.61 -13.61 -1.48
N GLU G 108 -11.32 -13.92 -1.59
CA GLU G 108 -10.86 -14.62 -2.77
C GLU G 108 -10.93 -16.13 -2.56
N ALA G 109 -10.76 -16.86 -3.66
CA ALA G 109 -10.92 -18.31 -3.65
C ALA G 109 -10.11 -18.95 -2.53
N GLY G 110 -10.76 -19.85 -1.79
CA GLY G 110 -10.09 -20.62 -0.77
C GLY G 110 -9.74 -19.87 0.48
N GLU G 111 -10.25 -18.66 0.67
CA GLU G 111 -10.03 -17.89 1.88
C GLU G 111 -11.24 -18.01 2.81
N THR G 112 -10.97 -17.87 4.11
CA THR G 112 -12.05 -17.75 5.08
C THR G 112 -12.40 -16.29 5.35
N VAL G 113 -13.61 -16.08 5.88
CA VAL G 113 -14.01 -14.74 6.29
C VAL G 113 -13.01 -14.18 7.29
N GLU G 114 -12.56 -15.00 8.24
CA GLU G 114 -11.64 -14.54 9.27
C GLU G 114 -10.29 -14.13 8.70
N ASP G 115 -9.78 -14.91 7.74
CA ASP G 115 -8.54 -14.55 7.04
C ASP G 115 -8.61 -13.14 6.49
N VAL G 116 -9.68 -12.85 5.76
CA VAL G 116 -9.85 -11.55 5.13
C VAL G 116 -10.04 -10.47 6.18
N ALA G 117 -10.92 -10.72 7.16
CA ALA G 117 -11.16 -9.72 8.19
C ALA G 117 -9.86 -9.34 8.90
N ARG G 118 -9.02 -10.32 9.22
CA ARG G 118 -7.77 -10.04 9.91
C ARG G 118 -6.80 -9.29 9.02
N ARG G 119 -6.71 -9.69 7.75
CA ARG G 119 -5.80 -9.01 6.83
C ARG G 119 -6.22 -7.56 6.63
N GLU G 120 -7.53 -7.34 6.43
CA GLU G 120 -8.00 -5.99 6.17
C GLU G 120 -7.88 -5.13 7.42
N ALA G 121 -8.05 -5.72 8.61
CA ALA G 121 -7.87 -4.92 9.82
C ALA G 121 -6.44 -4.42 9.88
N LEU G 122 -5.50 -5.21 9.43
CA LEU G 122 -4.09 -4.79 9.47
C LEU G 122 -3.78 -3.79 8.36
N GLU G 123 -4.25 -4.07 7.14
CA GLU G 123 -3.93 -3.22 6.01
C GLU G 123 -4.68 -1.88 6.03
N GLU G 124 -5.93 -1.86 6.55
CA GLU G 124 -6.74 -0.65 6.53
C GLU G 124 -6.60 0.19 7.77
N ALA G 125 -6.26 -0.45 8.90
CA ALA G 125 -6.34 0.22 10.19
C ALA G 125 -5.14 -0.06 11.07
N GLY G 126 -4.16 -0.85 10.61
CA GLY G 126 -3.02 -1.18 11.44
C GLY G 126 -3.35 -1.95 12.69
N LEU G 127 -4.45 -2.71 12.69
CA LEU G 127 -5.02 -3.31 13.89
C LEU G 127 -4.80 -4.82 13.89
N GLU G 128 -4.30 -5.33 15.01
CA GLU G 128 -4.37 -6.74 15.34
C GLU G 128 -5.71 -7.03 15.98
N VAL G 129 -6.20 -8.24 15.76
CA VAL G 129 -7.51 -8.65 16.25
C VAL G 129 -7.36 -9.81 17.21
N GLY G 130 -8.14 -9.80 18.29
CA GLY G 130 -8.15 -10.88 19.26
C GLY G 130 -9.23 -11.89 18.90
N ARG G 131 -10.15 -12.10 19.81
CA ARG G 131 -11.25 -13.02 19.58
C ARG G 131 -12.18 -12.45 18.52
N THR G 132 -12.95 -13.35 17.89
CA THR G 132 -13.91 -12.95 16.88
C THR G 132 -15.16 -13.79 17.04
N LYS G 133 -16.29 -13.20 16.64
CA LYS G 133 -17.61 -13.80 16.73
C LYS G 133 -18.35 -13.40 15.45
N PRO G 134 -19.16 -14.28 14.87
CA PRO G 134 -20.03 -13.85 13.79
C PRO G 134 -21.10 -12.90 14.29
N ILE G 135 -21.40 -11.90 13.46
CA ILE G 135 -22.56 -11.04 13.67
C ILE G 135 -23.68 -11.62 12.80
N LEU G 136 -23.61 -11.35 11.50
CA LEU G 136 -24.65 -11.68 10.53
CA LEU G 136 -24.54 -11.92 10.56
C LEU G 136 -23.99 -11.70 9.15
N SER G 137 -24.57 -12.47 8.23
CA SER G 137 -24.17 -12.47 6.82
C SER G 137 -25.37 -12.08 6.01
N TYR G 138 -25.23 -11.06 5.15
CA TYR G 138 -26.42 -10.51 4.49
C TYR G 138 -26.15 -10.26 3.02
N LEU G 139 -27.25 -10.27 2.26
CA LEU G 139 -27.27 -9.92 0.85
C LEU G 139 -27.47 -8.41 0.74
N ALA G 140 -26.54 -7.71 0.11
CA ALA G 140 -26.59 -6.26 0.05
C ALA G 140 -27.86 -5.73 -0.60
N SER G 141 -28.27 -6.32 -1.71
CA SER G 141 -29.41 -5.83 -2.45
C SER G 141 -29.81 -6.86 -3.50
N PRO G 142 -30.52 -7.91 -3.08
CA PRO G 142 -30.63 -9.12 -3.89
C PRO G 142 -31.59 -9.01 -5.05
N GLY G 143 -32.23 -7.86 -5.24
CA GLY G 143 -32.99 -7.62 -6.47
C GLY G 143 -32.10 -7.37 -7.67
N GLY G 144 -30.83 -7.01 -7.47
CA GLY G 144 -29.97 -6.64 -8.57
C GLY G 144 -28.53 -7.05 -8.44
N THR G 145 -28.07 -7.50 -7.27
CA THR G 145 -26.69 -7.96 -7.10
C THR G 145 -26.65 -9.23 -6.27
N SER G 146 -25.70 -10.09 -6.60
CA SER G 146 -25.51 -11.31 -5.83
C SER G 146 -24.73 -11.09 -4.54
N GLU G 147 -24.20 -9.89 -4.34
CA GLU G 147 -23.19 -9.70 -3.29
C GLU G 147 -23.71 -10.06 -1.90
N ARG G 148 -22.95 -10.92 -1.23
CA ARG G 148 -23.10 -11.27 0.17
C ARG G 148 -21.92 -10.72 0.95
N LEU G 149 -22.20 -10.21 2.14
CA LEU G 149 -21.17 -9.68 3.05
C LEU G 149 -21.37 -10.34 4.41
N SER G 150 -20.29 -10.91 4.95
CA SER G 150 -20.31 -11.65 6.19
C SER G 150 -19.56 -10.87 7.25
N ILE G 151 -20.29 -10.43 8.26
CA ILE G 151 -19.77 -9.54 9.29
C ILE G 151 -19.36 -10.36 10.49
N LEU G 152 -18.17 -10.06 11.01
CA LEU G 152 -17.65 -10.51 12.29
C LEU G 152 -17.48 -9.31 13.22
N VAL G 153 -17.57 -9.55 14.52
CA VAL G 153 -17.09 -8.59 15.51
C VAL G 153 -15.74 -9.09 15.97
N GLY G 154 -14.77 -8.21 16.03
CA GLY G 154 -13.42 -8.56 16.43
C GLY G 154 -13.00 -7.73 17.63
N GLU G 155 -12.38 -8.39 18.58
CA GLU G 155 -11.88 -7.76 19.80
C GLU G 155 -10.61 -6.99 19.47
N VAL G 156 -10.56 -5.68 19.77
CA VAL G 156 -9.37 -4.90 19.49
C VAL G 156 -9.04 -4.04 20.68
N ASP G 157 -7.79 -3.61 20.70
CA ASP G 157 -7.30 -2.61 21.65
C ASP G 157 -7.33 -1.28 20.89
N ALA G 158 -8.31 -0.44 21.22
CA ALA G 158 -8.51 0.76 20.41
C ALA G 158 -7.38 1.75 20.59
N SER G 159 -6.55 1.61 21.63
CA SER G 159 -5.40 2.51 21.75
C SER G 159 -4.34 2.22 20.70
N THR G 160 -4.50 1.13 19.95
CA THR G 160 -3.53 0.76 18.94
C THR G 160 -4.01 1.11 17.53
N ALA G 161 -5.18 1.72 17.40
CA ALA G 161 -5.79 2.07 16.12
C ALA G 161 -5.54 3.53 15.84
N LYS G 162 -4.63 3.80 14.89
CA LYS G 162 -4.20 5.15 14.61
C LYS G 162 -3.81 5.29 13.15
N GLY G 163 -3.82 6.53 12.68
CA GLY G 163 -3.07 6.90 11.50
C GLY G 163 -3.82 6.81 10.20
N ILE G 164 -3.00 6.85 9.15
CA ILE G 164 -3.41 6.77 7.76
C ILE G 164 -2.82 5.49 7.17
N HIS G 165 -3.67 4.71 6.51
CA HIS G 165 -3.26 3.42 5.92
C HIS G 165 -3.76 3.29 4.49
N ASN G 171 -4.48 2.26 -5.20
CA ASN G 171 -4.24 3.59 -4.64
C ASN G 171 -5.36 3.92 -3.66
N GLU G 172 -5.27 3.35 -2.47
CA GLU G 172 -6.28 3.49 -1.42
C GLU G 172 -5.74 4.38 -0.32
N ASP G 173 -6.59 5.25 0.21
CA ASP G 173 -6.20 6.26 1.18
C ASP G 173 -7.23 6.20 2.31
N ILE G 174 -6.82 5.74 3.50
CA ILE G 174 -7.75 5.39 4.57
C ILE G 174 -7.33 6.07 5.87
N ARG G 175 -8.29 6.66 6.56
CA ARG G 175 -8.04 7.32 7.85
C ARG G 175 -8.80 6.58 8.94
N VAL G 176 -8.12 6.30 10.06
CA VAL G 176 -8.68 5.63 11.23
C VAL G 176 -9.35 6.65 12.15
N HIS G 177 -10.54 6.30 12.62
CA HIS G 177 -11.29 7.04 13.63
C HIS G 177 -11.65 6.12 14.78
N VAL G 178 -11.37 6.53 16.01
CA VAL G 178 -11.78 5.80 17.20
C VAL G 178 -12.83 6.62 17.94
N VAL G 179 -14.02 6.06 18.11
CA VAL G 179 -15.12 6.75 18.80
C VAL G 179 -15.74 5.82 19.83
N SER G 180 -16.47 6.39 20.79
CA SER G 180 -17.22 5.52 21.68
C SER G 180 -18.28 4.75 20.90
N ARG G 181 -18.69 3.60 21.43
CA ARG G 181 -19.85 2.90 20.87
C ARG G 181 -21.05 3.81 20.82
N GLU G 182 -21.29 4.58 21.90
CA GLU G 182 -22.49 5.41 21.93
C GLU G 182 -22.44 6.45 20.83
N GLN G 183 -21.26 7.03 20.59
CA GLN G 183 -21.14 8.00 19.49
C GLN G 183 -21.34 7.36 18.12
N ALA G 184 -20.75 6.20 17.89
CA ALA G 184 -20.95 5.54 16.60
C ALA G 184 -22.42 5.27 16.36
N TYR G 185 -23.13 4.76 17.38
CA TYR G 185 -24.55 4.45 17.19
C TYR G 185 -25.35 5.72 16.99
N GLN G 186 -25.01 6.79 17.71
CA GLN G 186 -25.68 8.06 17.48
C GLN G 186 -25.49 8.54 16.04
N TRP G 187 -24.30 8.30 15.45
CA TRP G 187 -24.09 8.70 14.08
C TRP G 187 -24.93 7.87 13.10
N VAL G 188 -25.23 6.62 13.44
CA VAL G 188 -26.22 5.85 12.67
C VAL G 188 -27.59 6.51 12.75
N GLU G 189 -28.03 6.83 13.97
CA GLU G 189 -29.31 7.50 14.14
C GLU G 189 -29.39 8.81 13.38
N GLU G 190 -28.27 9.55 13.29
CA GLU G 190 -28.24 10.86 12.66
C GLU G 190 -28.03 10.79 11.15
N GLY G 191 -27.71 9.61 10.61
CA GLY G 191 -27.41 9.49 9.20
C GLY G 191 -25.99 9.80 8.81
N LYS G 192 -25.12 10.09 9.79
CA LYS G 192 -23.71 10.31 9.49
C LYS G 192 -22.95 9.02 9.20
N ILE G 193 -23.45 7.89 9.68
CA ILE G 193 -23.03 6.56 9.21
C ILE G 193 -24.27 5.96 8.55
N ASP G 194 -24.19 5.68 7.23
CA ASP G 194 -25.37 5.28 6.47
C ASP G 194 -25.02 4.30 5.36
N ASN G 195 -24.05 3.45 5.57
CA ASN G 195 -23.78 2.34 4.67
C ASN G 195 -24.21 1.06 5.35
N ALA G 196 -24.76 0.14 4.56
CA ALA G 196 -25.42 -1.03 5.13
C ALA G 196 -24.54 -1.79 6.12
N ALA G 197 -23.26 -2.06 5.75
CA ALA G 197 -22.48 -2.92 6.62
C ALA G 197 -22.31 -2.31 7.99
N SER G 198 -22.04 -1.01 8.02
CA SER G 198 -21.82 -0.32 9.30
C SER G 198 -23.12 -0.19 10.09
N VAL G 199 -24.23 0.13 9.40
CA VAL G 199 -25.52 0.22 10.09
C VAL G 199 -25.89 -1.11 10.72
N ILE G 200 -25.75 -2.21 9.95
CA ILE G 200 -26.09 -3.52 10.47
C ILE G 200 -25.21 -3.88 11.64
N ALA G 201 -23.90 -3.63 11.49
CA ALA G 201 -22.98 -4.01 12.54
C ALA G 201 -23.23 -3.22 13.81
N LEU G 202 -23.48 -1.93 13.69
CA LEU G 202 -23.63 -1.09 14.87
C LEU G 202 -25.00 -1.24 15.53
N GLN G 203 -26.08 -1.50 14.75
CA GLN G 203 -27.35 -1.87 15.36
C GLN G 203 -27.20 -3.18 16.13
N TRP G 204 -26.49 -4.14 15.55
CA TRP G 204 -26.24 -5.39 16.25
C TRP G 204 -25.49 -5.12 17.54
N LEU G 205 -24.50 -4.26 17.49
CA LEU G 205 -23.72 -3.98 18.68
C LEU G 205 -24.60 -3.34 19.74
N GLN G 206 -25.52 -2.47 19.34
CA GLN G 206 -26.39 -1.82 20.32
C GLN G 206 -27.29 -2.84 21.00
N LEU G 207 -27.67 -3.91 20.29
CA LEU G 207 -28.48 -4.98 20.82
C LEU G 207 -27.70 -6.00 21.63
N HIS G 208 -26.38 -6.11 21.46
CA HIS G 208 -25.63 -7.17 22.08
C HIS G 208 -24.44 -6.74 22.93
N TYR G 209 -24.17 -5.45 23.07
CA TYR G 209 -22.90 -5.06 23.68
C TYR G 209 -22.81 -5.46 25.15
N HIS G 210 -23.91 -5.48 25.89
CA HIS G 210 -23.82 -5.83 27.31
CA HIS G 210 -23.80 -5.82 27.30
C HIS G 210 -23.26 -7.24 27.47
N ASN G 211 -23.85 -8.20 26.75
CA ASN G 211 -23.41 -9.57 26.86
C ASN G 211 -22.01 -9.74 26.27
N LEU G 212 -21.72 -9.03 25.19
CA LEU G 212 -20.43 -9.17 24.54
C LEU G 212 -19.33 -8.65 25.46
N ARG G 213 -19.55 -7.49 26.07
CA ARG G 213 -18.52 -6.98 26.99
C ARG G 213 -18.31 -7.93 28.15
N ASN G 214 -19.40 -8.51 28.67
CA ASN G 214 -19.23 -9.49 29.74
C ASN G 214 -18.43 -10.70 29.27
N GLU G 215 -18.71 -11.19 28.06
CA GLU G 215 -18.02 -12.37 27.57
C GLU G 215 -16.53 -12.12 27.38
N TRP G 216 -16.16 -10.91 26.99
CA TRP G 216 -14.80 -10.60 26.59
C TRP G 216 -14.02 -9.87 27.68
N THR G 217 -14.63 -9.56 28.82
CA THR G 217 -13.89 -8.99 29.93
C THR G 217 -13.88 -9.89 31.15
N LYS G 218 -14.48 -11.07 31.05
CA LYS G 218 -14.49 -12.06 32.11
C LYS G 218 -13.19 -12.85 32.13
N THR H 13 -9.56 19.11 14.78
CA THR H 13 -10.89 19.68 14.61
C THR H 13 -11.93 18.82 15.36
N GLN H 14 -13.15 18.76 14.85
CA GLN H 14 -14.17 17.90 15.43
C GLN H 14 -13.91 16.44 15.06
N GLN H 15 -14.69 15.54 15.66
CA GLN H 15 -14.70 14.15 15.21
C GLN H 15 -15.49 14.03 13.91
N GLY H 16 -15.24 12.95 13.18
CA GLY H 16 -16.00 12.63 11.98
C GLY H 16 -15.19 12.83 10.73
N ILE H 17 -15.88 12.80 9.57
CA ILE H 17 -15.14 12.66 8.32
C ILE H 17 -14.31 13.91 8.08
N THR H 18 -13.46 13.86 7.05
CA THR H 18 -12.41 14.84 6.85
C THR H 18 -12.66 15.76 5.67
N PHE H 19 -13.36 15.27 4.65
CA PHE H 19 -13.38 15.89 3.34
C PHE H 19 -14.80 15.93 2.81
N SER H 20 -15.04 16.87 1.90
CA SER H 20 -16.37 17.17 1.36
C SER H 20 -16.36 17.00 -0.17
N LYS H 21 -17.50 17.32 -0.79
CA LYS H 21 -17.57 17.26 -2.25
C LYS H 21 -16.59 18.20 -2.92
N ASN H 22 -16.25 19.31 -2.28
CA ASN H 22 -15.30 20.23 -2.90
C ASN H 22 -13.90 19.63 -2.99
N ASP H 23 -13.64 18.49 -2.34
CA ASP H 23 -12.33 17.87 -2.30
C ASP H 23 -12.18 16.74 -3.32
N VAL H 24 -13.19 16.53 -4.15
CA VAL H 24 -13.14 15.53 -5.23
C VAL H 24 -13.52 16.21 -6.52
N GLU H 25 -12.84 15.84 -7.58
CA GLU H 25 -13.07 16.38 -8.91
C GLU H 25 -13.45 15.21 -9.80
N ILE H 26 -14.68 15.21 -10.29
CA ILE H 26 -15.14 14.15 -11.19
C ILE H 26 -14.83 14.59 -12.63
N ILE H 27 -13.91 13.88 -13.27
CA ILE H 27 -13.41 14.30 -14.58
C ILE H 27 -14.34 13.86 -15.69
N ALA H 28 -14.87 12.64 -15.60
CA ALA H 28 -15.64 12.05 -16.68
C ALA H 28 -16.55 10.96 -16.13
N ARG H 29 -17.72 10.84 -16.74
CA ARG H 29 -18.66 9.77 -16.47
C ARG H 29 -19.09 9.17 -17.79
N GLU H 30 -19.10 7.86 -17.87
CA GLU H 30 -19.52 7.17 -19.09
C GLU H 30 -20.41 5.99 -18.71
N THR H 31 -21.45 5.73 -19.50
CA THR H 31 -22.28 4.54 -19.29
C THR H 31 -21.81 3.49 -20.28
N LEU H 32 -21.25 2.40 -19.76
CA LEU H 32 -20.65 1.35 -20.59
C LEU H 32 -21.64 0.25 -20.94
N TYR H 33 -22.69 0.10 -20.16
CA TYR H 33 -23.76 -0.86 -20.44
C TYR H 33 -25.05 -0.23 -19.99
N ARG H 34 -26.06 -0.30 -20.84
CA ARG H 34 -27.39 0.15 -20.49
C ARG H 34 -28.42 -0.89 -20.93
N GLY H 35 -29.12 -1.46 -19.97
CA GLY H 35 -30.29 -2.28 -20.25
C GLY H 35 -31.39 -1.97 -19.27
N PHE H 36 -31.79 -2.96 -18.47
CA PHE H 36 -32.68 -2.64 -17.37
C PHE H 36 -31.97 -1.78 -16.35
N PHE H 37 -30.69 -2.08 -16.09
CA PHE H 37 -29.80 -1.31 -15.23
C PHE H 37 -28.66 -0.72 -16.06
N SER H 38 -27.77 0.00 -15.39
CA SER H 38 -26.62 0.60 -16.06
C SER H 38 -25.34 0.26 -15.32
N LEU H 39 -24.25 0.17 -16.07
CA LEU H 39 -22.90 0.02 -15.53
C LEU H 39 -22.15 1.25 -16.01
N ASP H 40 -21.80 2.10 -15.07
CA ASP H 40 -21.17 3.38 -15.35
C ASP H 40 -19.71 3.34 -14.96
N LEU H 41 -18.94 4.25 -15.56
CA LEU H 41 -17.51 4.39 -15.28
C LEU H 41 -17.28 5.82 -14.84
N TYR H 42 -16.73 6.01 -13.64
CA TYR H 42 -16.36 7.34 -13.18
C TYR H 42 -14.84 7.50 -13.20
N ARG H 43 -14.38 8.65 -13.67
CA ARG H 43 -12.97 9.04 -13.62
C ARG H 43 -12.89 10.28 -12.74
N PHE H 44 -11.98 10.27 -11.76
CA PHE H 44 -11.99 11.34 -10.77
C PHE H 44 -10.62 11.43 -10.10
N ARG H 45 -10.41 12.56 -9.43
CA ARG H 45 -9.26 12.78 -8.55
C ARG H 45 -9.81 13.36 -7.25
N HIS H 46 -9.09 13.11 -6.17
CA HIS H 46 -9.62 13.48 -4.85
C HIS H 46 -8.47 13.80 -3.91
N ARG H 47 -8.77 14.63 -2.91
CA ARG H 47 -7.76 14.96 -1.91
C ARG H 47 -7.34 13.74 -1.09
N LEU H 48 -6.08 13.73 -0.70
CA LEU H 48 -5.47 12.67 0.10
C LEU H 48 -5.28 13.16 1.54
N PHE H 49 -5.42 12.24 2.49
CA PHE H 49 -5.30 12.63 3.90
C PHE H 49 -3.94 13.25 4.20
N ASN H 50 -2.88 12.81 3.53
CA ASN H 50 -1.56 13.33 3.84
C ASN H 50 -1.23 14.63 3.08
N GLY H 51 -2.17 15.16 2.29
CA GLY H 51 -2.09 16.51 1.76
C GLY H 51 -2.21 16.60 0.26
N GLY H 52 -1.75 15.60 -0.46
CA GLY H 52 -1.74 15.69 -1.90
C GLY H 52 -3.14 15.62 -2.54
N MET H 53 -3.11 15.60 -3.86
CA MET H 53 -4.24 15.18 -4.67
C MET H 53 -3.88 13.85 -5.31
N SER H 54 -4.85 12.93 -5.37
CA SER H 54 -4.63 11.66 -6.05
C SER H 54 -4.38 11.88 -7.55
N GLY H 55 -3.82 10.85 -8.18
CA GLY H 55 -3.87 10.76 -9.62
C GLY H 55 -5.29 10.46 -10.08
N GLU H 56 -5.47 10.38 -11.40
CA GLU H 56 -6.79 10.06 -11.92
C GLU H 56 -7.13 8.61 -11.61
N ILE H 57 -8.32 8.40 -11.05
CA ILE H 57 -8.82 7.11 -10.58
C ILE H 57 -10.05 6.79 -11.41
N THR H 58 -10.21 5.53 -11.82
CA THR H 58 -11.44 5.12 -12.49
C THR H 58 -12.09 3.98 -11.73
N ARG H 59 -13.40 4.08 -11.58
CA ARG H 59 -14.20 3.09 -10.89
C ARG H 59 -15.47 2.75 -11.67
N GLU H 60 -15.79 1.47 -11.71
CA GLU H 60 -17.08 1.01 -12.18
C GLU H 60 -18.13 1.16 -11.09
N ILE H 61 -19.35 1.55 -11.50
CA ILE H 61 -20.46 1.82 -10.61
C ILE H 61 -21.71 1.16 -11.19
N PHE H 62 -22.33 0.23 -10.44
CA PHE H 62 -23.61 -0.34 -10.82
C PHE H 62 -24.70 0.66 -10.46
N GLU H 63 -25.45 1.12 -11.47
CA GLU H 63 -26.40 2.22 -11.34
C GLU H 63 -27.79 1.68 -11.62
N ARG H 64 -28.66 1.71 -10.61
CA ARG H 64 -30.00 1.15 -10.75
C ARG H 64 -31.05 2.06 -10.11
N GLY H 65 -30.74 3.33 -9.95
CA GLY H 65 -31.62 4.21 -9.22
C GLY H 65 -31.68 3.85 -7.74
N HIS H 66 -32.68 4.45 -7.09
CA HIS H 66 -32.80 4.45 -5.64
C HIS H 66 -34.22 4.03 -5.25
N ALA H 67 -34.35 3.52 -4.02
CA ALA H 67 -35.54 2.78 -3.64
C ALA H 67 -36.14 3.33 -2.36
N ALA H 68 -37.44 3.08 -2.23
CA ALA H 68 -38.18 3.29 -1.00
C ALA H 68 -38.57 1.93 -0.46
N VAL H 69 -38.48 1.75 0.86
CA VAL H 69 -38.69 0.47 1.53
C VAL H 69 -39.66 0.72 2.67
N LEU H 70 -40.60 -0.21 2.90
CA LEU H 70 -41.56 -0.07 4.00
C LEU H 70 -41.57 -1.33 4.85
N LEU H 71 -41.32 -1.14 6.16
CA LEU H 71 -41.54 -2.17 7.17
C LEU H 71 -42.99 -2.06 7.62
N PRO H 72 -43.86 -3.03 7.30
CA PRO H 72 -45.24 -2.92 7.80
C PRO H 72 -45.33 -3.49 9.21
N PHE H 73 -45.71 -2.62 10.16
CA PHE H 73 -45.77 -2.96 11.57
C PHE H 73 -47.16 -2.70 12.10
N ASP H 74 -47.72 -3.70 12.77
CA ASP H 74 -48.99 -3.57 13.47
C ASP H 74 -48.67 -3.39 14.95
N PRO H 75 -48.82 -2.19 15.51
CA PRO H 75 -48.44 -1.98 16.92
C PRO H 75 -49.39 -2.62 17.92
N VAL H 76 -50.66 -2.84 17.54
CA VAL H 76 -51.58 -3.50 18.46
C VAL H 76 -51.22 -4.96 18.60
N ARG H 77 -51.00 -5.60 17.46
CA ARG H 77 -50.61 -7.03 17.49
CA ARG H 77 -50.61 -7.03 17.49
C ARG H 77 -49.08 -7.42 17.63
N ASP H 78 -48.29 -6.34 17.59
CA ASP H 78 -46.84 -6.56 17.66
C ASP H 78 -46.41 -7.54 16.58
N GLU H 79 -46.92 -7.33 15.37
CA GLU H 79 -46.68 -8.19 14.22
C GLU H 79 -46.08 -7.39 13.07
N VAL H 80 -45.35 -8.07 12.22
CA VAL H 80 -44.82 -7.50 11.00
C VAL H 80 -45.36 -8.32 9.84
N VAL H 81 -45.46 -7.68 8.68
CA VAL H 81 -45.85 -8.34 7.45
C VAL H 81 -44.62 -8.42 6.54
N LEU H 82 -44.33 -9.62 6.07
CA LEU H 82 -43.22 -9.90 5.19
C LEU H 82 -43.73 -10.41 3.85
N VAL H 83 -42.99 -10.16 2.80
CA VAL H 83 -43.31 -10.63 1.47
C VAL H 83 -42.28 -11.65 1.05
N GLU H 84 -42.73 -12.75 0.45
CA GLU H 84 -41.84 -13.78 -0.04
C GLU H 84 -41.89 -13.84 -1.56
N GLN H 85 -40.73 -13.81 -2.19
CA GLN H 85 -40.64 -14.00 -3.63
C GLN H 85 -39.22 -14.41 -3.97
N ILE H 86 -39.05 -14.93 -5.17
CA ILE H 86 -37.73 -15.35 -5.60
C ILE H 86 -36.88 -14.15 -6.00
N ARG H 87 -35.62 -14.20 -5.57
CA ARG H 87 -34.59 -13.22 -5.95
C ARG H 87 -33.44 -14.05 -6.42
N ILE H 88 -33.38 -14.25 -7.74
CA ILE H 88 -32.43 -15.21 -8.28
C ILE H 88 -31.00 -14.84 -7.94
N ALA H 89 -30.69 -13.56 -7.74
CA ALA H 89 -29.32 -13.20 -7.35
C ALA H 89 -28.86 -13.84 -6.04
N ALA H 90 -29.79 -14.27 -5.20
CA ALA H 90 -29.45 -14.96 -3.96
C ALA H 90 -28.99 -16.39 -4.18
N TYR H 91 -29.20 -16.92 -5.36
CA TYR H 91 -29.08 -18.36 -5.58
C TYR H 91 -27.71 -18.89 -5.17
N ASP H 92 -26.63 -18.22 -5.56
CA ASP H 92 -25.31 -18.83 -5.42
C ASP H 92 -24.83 -18.89 -3.98
N THR H 93 -25.40 -18.09 -3.08
CA THR H 93 -24.89 -18.05 -1.70
C THR H 93 -25.94 -18.35 -0.66
N SER H 94 -27.13 -18.81 -1.06
CA SER H 94 -28.23 -18.98 -0.14
C SER H 94 -28.77 -20.40 -0.24
N GLU H 95 -29.45 -20.81 0.82
CA GLU H 95 -30.07 -22.13 0.79
C GLU H 95 -31.25 -22.15 -0.19
N SER H 96 -31.96 -21.05 -0.31
CA SER H 96 -33.03 -20.88 -1.27
C SER H 96 -33.01 -19.46 -1.78
N PRO H 97 -33.36 -19.24 -3.06
CA PRO H 97 -33.47 -17.87 -3.55
C PRO H 97 -34.79 -17.19 -3.24
N TRP H 98 -35.78 -17.89 -2.65
CA TRP H 98 -36.98 -17.25 -2.17
C TRP H 98 -36.65 -16.57 -0.85
N LEU H 99 -36.78 -15.25 -0.80
CA LEU H 99 -36.42 -14.48 0.35
C LEU H 99 -37.65 -13.90 1.02
N LEU H 100 -37.52 -13.65 2.32
CA LEU H 100 -38.50 -12.90 3.10
C LEU H 100 -38.05 -11.46 3.18
N GLU H 101 -38.90 -10.55 2.71
CA GLU H 101 -38.45 -9.17 2.48
C GLU H 101 -39.47 -8.13 2.91
N MET H 102 -38.96 -6.91 2.94
CA MET H 102 -39.85 -5.77 3.14
C MET H 102 -40.33 -5.28 1.79
N VAL H 103 -41.49 -4.66 1.78
CA VAL H 103 -42.02 -4.02 0.60
C VAL H 103 -41.06 -2.95 0.09
N ALA H 104 -40.85 -2.88 -1.23
CA ALA H 104 -39.91 -1.89 -1.77
C ALA H 104 -40.18 -1.57 -3.23
N GLY H 105 -39.80 -0.36 -3.65
CA GLY H 105 -39.94 0.02 -5.04
C GLY H 105 -39.01 1.15 -5.42
N MET H 106 -38.81 1.31 -6.72
CA MET H 106 -37.97 2.39 -7.22
C MET H 106 -38.66 3.74 -7.08
N ILE H 107 -37.86 4.75 -6.75
CA ILE H 107 -38.34 6.13 -6.72
C ILE H 107 -38.15 6.76 -8.11
N GLU H 108 -39.25 7.08 -8.77
CA GLU H 108 -39.20 7.76 -10.06
C GLU H 108 -39.08 9.27 -9.83
N ALA H 109 -38.79 9.97 -10.93
CA ALA H 109 -38.49 11.39 -10.85
C ALA H 109 -39.63 12.16 -10.19
N GLY H 110 -39.28 13.03 -9.24
CA GLY H 110 -40.24 13.85 -8.55
C GLY H 110 -40.93 13.18 -7.38
N GLU H 111 -40.92 11.86 -7.31
CA GLU H 111 -41.67 11.13 -6.29
C GLU H 111 -41.00 11.25 -4.92
N THR H 112 -41.81 11.14 -3.88
CA THR H 112 -41.31 11.07 -2.51
C THR H 112 -41.23 9.62 -2.04
N VAL H 113 -40.33 9.40 -1.08
CA VAL H 113 -40.19 8.08 -0.47
C VAL H 113 -41.53 7.61 0.08
N GLU H 114 -42.25 8.50 0.74
CA GLU H 114 -43.49 8.08 1.39
C GLU H 114 -44.52 7.65 0.36
N ASP H 115 -44.63 8.41 -0.75
CA ASP H 115 -45.59 8.03 -1.78
C ASP H 115 -45.26 6.66 -2.37
N VAL H 116 -43.98 6.40 -2.64
CA VAL H 116 -43.62 5.11 -3.21
C VAL H 116 -43.86 4.00 -2.20
N ALA H 117 -43.43 4.20 -0.96
CA ALA H 117 -43.62 3.20 0.08
C ALA H 117 -45.09 2.83 0.23
N ARG H 118 -45.98 3.82 0.23
CA ARG H 118 -47.41 3.54 0.39
C ARG H 118 -47.94 2.76 -0.79
N ARG H 119 -47.59 3.17 -2.01
CA ARG H 119 -48.06 2.48 -3.20
C ARG H 119 -47.56 1.04 -3.24
N GLU H 120 -46.28 0.83 -2.96
CA GLU H 120 -45.73 -0.52 -3.01
C GLU H 120 -46.37 -1.41 -1.95
N ALA H 121 -46.62 -0.87 -0.76
CA ALA H 121 -47.30 -1.67 0.26
C ALA H 121 -48.64 -2.17 -0.25
N LEU H 122 -49.35 -1.33 -1.00
CA LEU H 122 -50.70 -1.68 -1.43
C LEU H 122 -50.66 -2.69 -2.58
N GLU H 123 -49.69 -2.58 -3.49
CA GLU H 123 -49.68 -3.46 -4.66
C GLU H 123 -48.68 -4.61 -4.58
N GLU H 124 -47.67 -4.54 -3.71
CA GLU H 124 -46.81 -5.70 -3.46
C GLU H 124 -47.36 -6.61 -2.36
N ALA H 125 -48.27 -6.11 -1.52
CA ALA H 125 -48.77 -6.92 -0.42
C ALA H 125 -50.21 -6.62 -0.06
N GLY H 126 -50.91 -5.77 -0.82
CA GLY H 126 -52.32 -5.51 -0.56
C GLY H 126 -52.59 -4.80 0.75
N LEU H 127 -51.65 -3.98 1.24
CA LEU H 127 -51.75 -3.38 2.56
C LEU H 127 -52.07 -1.89 2.48
N GLU H 128 -53.10 -1.48 3.22
CA GLU H 128 -53.37 -0.07 3.50
C GLU H 128 -52.45 0.39 4.62
N VAL H 129 -51.78 1.53 4.45
CA VAL H 129 -50.85 2.03 5.44
C VAL H 129 -51.45 3.27 6.09
N GLY H 130 -51.38 3.31 7.41
CA GLY H 130 -51.80 4.48 8.14
C GLY H 130 -50.64 5.46 8.25
N ARG H 131 -50.20 5.69 9.48
CA ARG H 131 -49.08 6.58 9.70
C ARG H 131 -47.77 5.92 9.23
N THR H 132 -46.81 6.78 8.90
CA THR H 132 -45.45 6.34 8.62
C THR H 132 -44.47 7.19 9.41
N LYS H 133 -43.30 6.63 9.68
CA LYS H 133 -42.16 7.33 10.26
C LYS H 133 -40.89 6.86 9.57
N PRO H 134 -39.90 7.73 9.42
CA PRO H 134 -38.61 7.29 8.87
C PRO H 134 -37.90 6.34 9.82
N ILE H 135 -37.22 5.38 9.23
CA ILE H 135 -36.29 4.51 9.94
C ILE H 135 -34.90 5.08 9.64
N LEU H 136 -34.37 4.79 8.45
CA LEU H 136 -33.01 5.13 8.06
CA LEU H 136 -33.11 5.37 8.02
C LEU H 136 -32.94 5.11 6.53
N SER H 137 -31.97 5.82 5.97
CA SER H 137 -31.66 5.77 4.55
C SER H 137 -30.20 5.34 4.43
N TYR H 138 -29.95 4.28 3.65
CA TYR H 138 -28.63 3.67 3.62
C TYR H 138 -28.20 3.38 2.20
N LEU H 139 -26.89 3.34 2.03
CA LEU H 139 -26.24 2.89 0.81
C LEU H 139 -26.04 1.40 0.88
N ALA H 140 -26.57 0.68 -0.10
CA ALA H 140 -26.54 -0.78 -0.04
C ALA H 140 -25.14 -1.35 -0.05
N SER H 141 -24.25 -0.78 -0.85
CA SER H 141 -22.89 -1.34 -1.01
C SER H 141 -22.10 -0.34 -1.82
N PRO H 142 -21.64 0.73 -1.18
CA PRO H 142 -21.12 1.88 -1.93
C PRO H 142 -19.73 1.71 -2.54
N GLY H 143 -19.05 0.58 -2.35
CA GLY H 143 -17.85 0.31 -3.09
C GLY H 143 -18.10 -0.10 -4.53
N GLY H 144 -19.35 -0.42 -4.87
CA GLY H 144 -19.62 -0.80 -6.23
C GLY H 144 -20.95 -0.42 -6.81
N THR H 145 -21.90 0.06 -5.99
CA THR H 145 -23.19 0.52 -6.50
C THR H 145 -23.57 1.84 -5.86
N SER H 146 -24.19 2.71 -6.63
CA SER H 146 -24.71 3.95 -6.09
C SER H 146 -26.01 3.78 -5.31
N GLU H 147 -26.60 2.59 -5.29
CA GLU H 147 -27.96 2.46 -4.77
C GLU H 147 -28.10 2.92 -3.34
N ARG H 148 -29.10 3.79 -3.11
CA ARG H 148 -29.56 4.23 -1.80
C ARG H 148 -30.98 3.75 -1.61
N LEU H 149 -31.27 3.27 -0.39
CA LEU H 149 -32.60 2.81 -0.05
C LEU H 149 -33.06 3.52 1.21
N SER H 150 -34.27 4.06 1.16
CA SER H 150 -34.81 4.87 2.26
C SER H 150 -35.97 4.11 2.87
N ILE H 151 -35.82 3.73 4.12
CA ILE H 151 -36.79 2.87 4.82
C ILE H 151 -37.72 3.71 5.67
N LEU H 152 -39.02 3.41 5.60
CA LEU H 152 -40.05 3.89 6.50
C LEU H 152 -40.63 2.70 7.25
N VAL H 153 -41.18 2.95 8.45
CA VAL H 153 -42.06 2.01 9.11
C VAL H 153 -43.48 2.50 8.88
N GLY H 154 -44.36 1.57 8.56
CA GLY H 154 -45.74 1.88 8.22
C GLY H 154 -46.73 1.15 9.11
N GLU H 155 -47.67 1.91 9.63
CA GLU H 155 -48.73 1.39 10.48
C GLU H 155 -49.73 0.57 9.66
N VAL H 156 -49.89 -0.71 10.01
CA VAL H 156 -50.85 -1.55 9.31
C VAL H 156 -51.69 -2.33 10.32
N ASP H 157 -52.82 -2.83 9.82
CA ASP H 157 -53.65 -3.80 10.52
C ASP H 157 -53.29 -5.16 9.94
N ALA H 158 -52.46 -5.92 10.65
CA ALA H 158 -51.94 -7.18 10.13
C ALA H 158 -53.02 -8.25 9.96
N SER H 159 -54.15 -8.11 10.64
CA SER H 159 -55.22 -9.08 10.50
C SER H 159 -55.82 -9.08 9.10
N THR H 160 -55.55 -8.05 8.30
CA THR H 160 -56.02 -7.97 6.92
C THR H 160 -55.05 -8.56 5.90
N ALA H 161 -53.83 -8.96 6.30
CA ALA H 161 -52.74 -9.22 5.35
C ALA H 161 -52.72 -10.68 4.92
N LYS H 162 -52.95 -10.92 3.64
CA LYS H 162 -53.19 -12.27 3.12
C LYS H 162 -52.39 -12.54 1.85
N GLU H 172 -44.19 -11.07 -11.52
CA GLU H 172 -43.87 -11.19 -10.09
C GLU H 172 -44.88 -12.08 -9.36
N ASP H 173 -44.37 -12.96 -8.51
CA ASP H 173 -45.17 -13.97 -7.81
C ASP H 173 -44.85 -13.89 -6.33
N ILE H 174 -45.81 -13.42 -5.51
CA ILE H 174 -45.49 -12.87 -4.19
C ILE H 174 -46.47 -13.43 -3.15
N ARG H 175 -45.94 -13.92 -2.04
CA ARG H 175 -46.72 -14.50 -0.94
C ARG H 175 -46.54 -13.65 0.32
N VAL H 176 -47.64 -13.35 1.01
CA VAL H 176 -47.63 -12.48 2.19
C VAL H 176 -47.64 -13.34 3.45
N HIS H 177 -46.74 -13.01 4.37
CA HIS H 177 -46.57 -13.68 5.66
C HIS H 177 -46.80 -12.67 6.77
N VAL H 178 -47.54 -13.06 7.80
CA VAL H 178 -47.65 -12.28 9.02
C VAL H 178 -46.97 -13.05 10.14
N VAL H 179 -46.04 -12.40 10.84
CA VAL H 179 -45.38 -13.04 11.97
C VAL H 179 -45.19 -12.02 13.07
N SER H 180 -45.01 -12.52 14.28
CA SER H 180 -44.74 -11.61 15.39
C SER H 180 -43.40 -10.91 15.14
N ARG H 181 -43.28 -9.72 15.71
CA ARG H 181 -42.01 -9.05 15.71
C ARG H 181 -40.93 -9.94 16.27
N GLU H 182 -41.18 -10.58 17.41
CA GLU H 182 -40.14 -11.40 18.04
CA GLU H 182 -40.11 -11.37 18.02
C GLU H 182 -39.70 -12.53 17.12
N GLN H 183 -40.66 -13.19 16.45
CA GLN H 183 -40.29 -14.24 15.48
C GLN H 183 -39.48 -13.67 14.32
N ALA H 184 -39.90 -12.53 13.75
CA ALA H 184 -39.14 -11.96 12.64
C ALA H 184 -37.72 -11.62 13.08
N TYR H 185 -37.56 -11.05 14.28
CA TYR H 185 -36.22 -10.72 14.72
C TYR H 185 -35.41 -11.99 14.98
N GLN H 186 -36.03 -13.00 15.56
CA GLN H 186 -35.33 -14.27 15.75
CA GLN H 186 -35.25 -14.21 15.77
C GLN H 186 -34.81 -14.80 14.43
N TRP H 187 -35.62 -14.64 13.37
CA TRP H 187 -35.20 -15.11 12.05
C TRP H 187 -34.03 -14.29 11.51
N VAL H 188 -33.92 -13.01 11.88
CA VAL H 188 -32.69 -12.27 11.57
C VAL H 188 -31.52 -12.91 12.30
N GLU H 189 -31.67 -13.14 13.61
CA GLU H 189 -30.57 -13.73 14.37
C GLU H 189 -30.14 -15.08 13.78
N GLU H 190 -31.11 -15.86 13.29
CA GLU H 190 -30.84 -17.20 12.80
C GLU H 190 -30.35 -17.21 11.34
N GLY H 191 -30.42 -16.08 10.64
CA GLY H 191 -30.05 -16.04 9.24
C GLY H 191 -31.15 -16.39 8.26
N LYS H 192 -32.38 -16.61 8.73
CA LYS H 192 -33.51 -16.89 7.84
C LYS H 192 -34.00 -15.64 7.13
N ILE H 193 -33.76 -14.46 7.71
CA ILE H 193 -33.95 -13.18 7.05
C ILE H 193 -32.55 -12.57 6.99
N ASP H 194 -32.06 -12.36 5.79
CA ASP H 194 -30.65 -11.99 5.64
C ASP H 194 -30.46 -11.10 4.41
N ASN H 195 -31.43 -10.26 4.11
CA ASN H 195 -31.25 -9.21 3.12
C ASN H 195 -31.16 -7.87 3.85
N ALA H 196 -30.29 -6.97 3.36
CA ALA H 196 -29.96 -5.77 4.12
C ALA H 196 -31.19 -4.98 4.53
N ALA H 197 -32.11 -4.72 3.59
CA ALA H 197 -33.26 -3.88 3.94
C ALA H 197 -34.03 -4.42 5.14
N SER H 198 -34.29 -5.72 5.15
CA SER H 198 -35.07 -6.35 6.21
C SER H 198 -34.29 -6.46 7.52
N VAL H 199 -32.97 -6.75 7.42
CA VAL H 199 -32.14 -6.80 8.63
C VAL H 199 -32.11 -5.42 9.28
N ILE H 200 -31.85 -4.37 8.49
CA ILE H 200 -31.77 -3.02 9.05
C ILE H 200 -33.10 -2.64 9.66
N ALA H 201 -34.19 -2.87 8.94
CA ALA H 201 -35.50 -2.48 9.44
C ALA H 201 -35.86 -3.23 10.71
N LEU H 202 -35.62 -4.54 10.75
CA LEU H 202 -35.99 -5.32 11.92
C LEU H 202 -35.07 -5.11 13.12
N GLN H 203 -33.77 -4.85 12.89
CA GLN H 203 -32.95 -4.43 14.02
C GLN H 203 -33.43 -3.08 14.56
N TRP H 204 -33.74 -2.15 13.66
CA TRP H 204 -34.26 -0.87 14.14
C TRP H 204 -35.53 -1.09 14.95
N LEU H 205 -36.40 -1.96 14.47
CA LEU H 205 -37.66 -2.19 15.16
C LEU H 205 -37.38 -2.77 16.54
N GLN H 206 -36.40 -3.65 16.65
CA GLN H 206 -36.09 -4.22 17.95
C GLN H 206 -35.60 -3.17 18.92
N LEU H 207 -34.94 -2.12 18.42
CA LEU H 207 -34.47 -1.02 19.26
C LEU H 207 -35.51 0.06 19.53
N HIS H 208 -36.61 0.14 18.77
CA HIS H 208 -37.53 1.25 18.85
C HIS H 208 -39.01 0.87 19.00
N TYR H 209 -39.33 -0.42 19.08
CA TYR H 209 -40.74 -0.79 19.06
C TYR H 209 -41.50 -0.28 20.28
N HIS H 210 -40.88 -0.18 21.46
CA HIS H 210 -41.61 0.34 22.60
C HIS H 210 -42.06 1.77 22.34
N ASN H 211 -41.15 2.61 21.85
CA ASN H 211 -41.52 4.00 21.59
C ASN H 211 -42.55 4.07 20.49
N LEU H 212 -42.43 3.18 19.51
CA LEU H 212 -43.36 3.20 18.42
C LEU H 212 -44.75 2.73 18.86
N ARG H 213 -44.82 1.72 19.72
CA ARG H 213 -46.13 1.34 20.23
C ARG H 213 -46.74 2.46 21.08
N ASN H 214 -45.93 3.19 21.83
CA ASN H 214 -46.44 4.32 22.59
C ASN H 214 -47.05 5.38 21.70
N GLU H 215 -46.37 5.70 20.60
CA GLU H 215 -46.78 6.80 19.74
C GLU H 215 -48.01 6.43 18.92
N TRP H 216 -48.10 5.18 18.51
CA TRP H 216 -49.17 4.80 17.60
C TRP H 216 -50.39 4.23 18.31
N THR H 217 -50.29 3.92 19.60
CA THR H 217 -51.45 3.48 20.37
C THR H 217 -51.80 4.65 21.25
#